data_4MH2
#
_entry.id   4MH2
#
_cell.length_a   139.571
_cell.length_b   260.825
_cell.length_c   81.661
_cell.angle_alpha   90.00
_cell.angle_beta   90.00
_cell.angle_gamma   90.00
#
_symmetry.space_group_name_H-M   'P 21 21 2'
#
loop_
_entity.id
_entity.type
_entity.pdbx_description
1 polymer 'Thioredoxin-dependent peroxide reductase, mitochondrial'
2 non-polymer 'CITRIC ACID'
3 water water
#
_entity_poly.entity_id   1
_entity_poly.type   'polypeptide(L)'
_entity_poly.pdbx_seq_one_letter_code
;MGSSHHHHHHSSGLVPRGSHMLEDPAPAVTQHAPYFKGTAVVSGEFKEISLDDFKGKYLVLFFYPLDFTFVCPTEIIAFS
DKASEFHDVNCEVVAVSVDSHFSHLAWINTPRKNGGLGHMNIALLSDLTKQISRDYGVLLEGPGLALRGLFIIDPNGVIK
HLSVNDLPVGRSVEETLRLVKAFQFVEAHGEVCPANWTPESPTIKPHPTASREYLEKVNQ
;
_entity_poly.pdbx_strand_id   A,B,C,D,E,F,G,H,I,J,K,L
#
loop_
_chem_comp.id
_chem_comp.type
_chem_comp.name
_chem_comp.formula
CIT non-polymer 'CITRIC ACID' 'C6 H8 O7'
#
# COMPACT_ATOMS: atom_id res chain seq x y z
N ALA A 26 37.02 -9.29 3.27
CA ALA A 26 37.33 -7.92 3.81
C ALA A 26 38.83 -7.68 3.99
N PRO A 27 39.28 -6.40 3.79
CA PRO A 27 40.68 -6.08 4.04
C PRO A 27 40.74 -5.60 5.50
N ALA A 28 40.67 -6.56 6.40
CA ALA A 28 40.77 -6.33 7.81
C ALA A 28 41.65 -7.44 8.41
N VAL A 29 42.54 -7.04 9.31
CA VAL A 29 43.36 -8.03 10.05
C VAL A 29 42.42 -9.02 10.75
N THR A 30 42.76 -10.32 10.66
CA THR A 30 42.04 -11.49 11.18
C THR A 30 41.08 -12.07 10.14
N GLN A 31 40.72 -11.27 9.13
CA GLN A 31 39.79 -11.71 8.07
C GLN A 31 40.57 -12.33 6.92
N HIS A 32 39.92 -13.23 6.19
CA HIS A 32 40.52 -13.78 5.00
CA HIS A 32 40.52 -13.78 4.99
C HIS A 32 40.74 -12.64 4.01
N ALA A 33 41.89 -12.65 3.33
CA ALA A 33 42.17 -11.67 2.28
C ALA A 33 41.22 -11.79 1.11
N PRO A 34 40.76 -10.66 0.58
CA PRO A 34 39.95 -10.70 -0.67
C PRO A 34 40.66 -11.40 -1.84
N TYR A 35 39.91 -12.21 -2.57
CA TYR A 35 40.47 -12.91 -3.70
C TYR A 35 40.95 -11.88 -4.74
N PHE A 36 42.01 -12.19 -5.48
CA PHE A 36 42.41 -11.40 -6.61
C PHE A 36 42.94 -12.32 -7.70
N LYS A 37 42.86 -11.88 -8.94
CA LYS A 37 43.46 -12.57 -10.05
C LYS A 37 43.88 -11.53 -11.09
N GLY A 38 44.99 -11.76 -11.76
CA GLY A 38 45.31 -10.90 -12.88
C GLY A 38 46.63 -11.26 -13.48
N THR A 39 47.04 -10.49 -14.48
CA THR A 39 48.28 -10.76 -15.20
C THR A 39 49.42 -10.02 -14.53
N ALA A 40 50.45 -10.78 -14.21
CA ALA A 40 51.63 -10.23 -13.62
C ALA A 40 52.82 -10.42 -14.56
N VAL A 41 53.90 -9.68 -14.33
CA VAL A 41 55.18 -10.00 -14.97
C VAL A 41 55.95 -10.80 -13.95
N VAL A 42 56.30 -12.02 -14.32
CA VAL A 42 57.13 -12.83 -13.46
C VAL A 42 58.35 -13.23 -14.29
N SER A 43 59.55 -12.96 -13.77
CA SER A 43 60.79 -13.28 -14.49
C SER A 43 60.78 -12.82 -15.95
N GLY A 44 60.41 -11.58 -16.19
CA GLY A 44 60.33 -11.10 -17.56
C GLY A 44 59.22 -11.65 -18.43
N GLU A 45 58.29 -12.42 -17.86
CA GLU A 45 57.18 -13.01 -18.64
C GLU A 45 55.83 -12.72 -18.03
N PHE A 46 54.79 -12.84 -18.85
CA PHE A 46 53.44 -12.66 -18.39
C PHE A 46 52.88 -14.00 -17.87
N LYS A 47 52.30 -13.96 -16.67
CA LYS A 47 51.67 -15.09 -16.01
C LYS A 47 50.41 -14.62 -15.31
N GLU A 48 49.32 -15.35 -15.48
CA GLU A 48 48.15 -15.11 -14.66
CA GLU A 48 48.13 -15.13 -14.65
C GLU A 48 48.46 -15.57 -13.22
N ILE A 49 48.21 -14.72 -12.23
CA ILE A 49 48.35 -15.18 -10.85
C ILE A 49 47.08 -14.82 -10.08
N SER A 50 46.87 -15.49 -8.94
CA SER A 50 45.75 -15.24 -8.10
C SER A 50 46.12 -15.54 -6.65
N LEU A 51 45.28 -15.11 -5.73
CA LEU A 51 45.47 -15.40 -4.31
C LEU A 51 45.69 -16.90 -4.00
N ASP A 52 44.97 -17.78 -4.70
CA ASP A 52 45.11 -19.25 -4.49
C ASP A 52 46.53 -19.76 -4.72
N ASP A 53 47.24 -19.16 -5.68
CA ASP A 53 48.63 -19.55 -5.93
C ASP A 53 49.50 -19.51 -4.68
N PHE A 54 49.16 -18.67 -3.69
CA PHE A 54 50.01 -18.45 -2.50
C PHE A 54 49.64 -19.32 -1.30
N LYS A 55 48.68 -20.24 -1.50
CA LYS A 55 48.29 -21.14 -0.42
CA LYS A 55 48.28 -21.17 -0.44
C LYS A 55 49.52 -21.87 0.08
N GLY A 56 49.67 -22.00 1.40
CA GLY A 56 50.85 -22.68 1.95
C GLY A 56 52.01 -21.69 2.20
N LYS A 57 51.93 -20.51 1.60
CA LYS A 57 53.04 -19.55 1.70
C LYS A 57 52.60 -18.29 2.36
N TYR A 58 53.54 -17.58 2.95
CA TYR A 58 53.24 -16.21 3.36
C TYR A 58 53.30 -15.38 2.09
N LEU A 59 52.56 -14.27 2.09
CA LEU A 59 52.52 -13.37 0.95
C LEU A 59 52.53 -11.91 1.46
N VAL A 60 53.47 -11.11 0.98
CA VAL A 60 53.47 -9.66 1.13
C VAL A 60 52.95 -9.11 -0.17
N LEU A 61 51.74 -8.57 -0.14
CA LEU A 61 51.12 -7.94 -1.31
C LEU A 61 51.10 -6.44 -1.03
N PHE A 62 51.83 -5.67 -1.83
CA PHE A 62 51.88 -4.22 -1.63
C PHE A 62 51.54 -3.50 -2.91
N PHE A 63 51.03 -2.28 -2.74
CA PHE A 63 50.50 -1.48 -3.86
C PHE A 63 51.32 -0.24 -4.00
N TYR A 64 51.40 0.29 -5.22
CA TYR A 64 52.10 1.58 -5.44
C TYR A 64 51.28 2.32 -6.48
N PRO A 65 51.45 3.66 -6.56
CA PRO A 65 50.51 4.44 -7.35
C PRO A 65 50.62 4.25 -8.87
N LEU A 66 51.81 4.44 -9.44
CA LEU A 66 51.96 4.45 -10.91
C LEU A 66 53.37 4.10 -11.33
N ASP A 67 53.46 3.35 -12.42
CA ASP A 67 54.69 3.13 -13.13
C ASP A 67 55.24 4.45 -13.64
N PHE A 68 56.57 4.54 -13.74
CA PHE A 68 57.26 5.67 -14.36
C PHE A 68 57.10 7.00 -13.63
N THR A 69 56.90 6.94 -12.31
CA THR A 69 56.89 8.10 -11.38
C THR A 69 58.09 7.94 -10.46
N PHE A 70 58.49 9.03 -9.80
CA PHE A 70 59.83 9.12 -9.20
C PHE A 70 59.84 8.59 -7.77
N VAL A 71 58.66 8.66 -7.11
CA VAL A 71 58.37 8.16 -5.75
C VAL A 71 58.44 6.62 -5.49
N CYS A 72 57.84 5.80 -6.34
CA CYS A 72 57.70 4.32 -6.10
C CYS A 72 58.94 3.42 -6.21
N PRO A 73 59.89 3.71 -7.18
CA PRO A 73 60.91 2.71 -7.52
C PRO A 73 61.79 2.36 -6.34
N THR A 74 62.09 3.32 -5.46
CA THR A 74 62.92 3.07 -4.26
C THR A 74 62.38 1.89 -3.42
N GLU A 75 61.09 1.92 -3.08
CA GLU A 75 60.47 0.81 -2.33
C GLU A 75 60.42 -0.50 -3.10
N ILE A 76 60.02 -0.43 -4.37
CA ILE A 76 59.86 -1.63 -5.20
C ILE A 76 61.23 -2.31 -5.36
N ILE A 77 62.26 -1.49 -5.62
CA ILE A 77 63.63 -2.00 -5.80
C ILE A 77 64.15 -2.56 -4.47
N ALA A 78 63.79 -1.94 -3.34
CA ALA A 78 64.33 -2.44 -2.07
C ALA A 78 63.68 -3.84 -1.81
N PHE A 79 62.40 -3.98 -2.10
CA PHE A 79 61.74 -5.28 -2.01
C PHE A 79 62.37 -6.35 -2.90
N SER A 80 62.65 -6.01 -4.15
CA SER A 80 63.30 -6.93 -5.08
C SER A 80 64.69 -7.32 -4.58
N ASP A 81 65.45 -6.33 -4.08
CA ASP A 81 66.85 -6.59 -3.60
C ASP A 81 66.83 -7.60 -2.44
N LYS A 82 65.78 -7.53 -1.62
CA LYS A 82 65.72 -8.36 -0.44
C LYS A 82 64.86 -9.61 -0.63
N ALA A 83 64.46 -9.91 -1.87
CA ALA A 83 63.47 -10.96 -2.13
C ALA A 83 63.92 -12.32 -1.61
N SER A 84 65.22 -12.58 -1.76
CA SER A 84 65.82 -13.84 -1.30
C SER A 84 65.65 -14.01 0.22
N GLU A 85 65.59 -12.91 0.97
CA GLU A 85 65.35 -13.06 2.42
C GLU A 85 63.93 -13.46 2.73
N PHE A 86 62.97 -12.94 1.96
CA PHE A 86 61.59 -13.39 2.07
C PHE A 86 61.46 -14.86 1.58
N HIS A 87 62.05 -15.19 0.44
CA HIS A 87 61.93 -16.56 -0.08
C HIS A 87 62.49 -17.57 0.91
N ASP A 88 63.53 -17.18 1.63
CA ASP A 88 64.10 -18.09 2.60
C ASP A 88 63.22 -18.36 3.83
N VAL A 89 62.15 -17.57 4.02
CA VAL A 89 61.22 -17.82 5.12
C VAL A 89 59.84 -18.06 4.53
N ASN A 90 59.82 -18.83 3.45
CA ASN A 90 58.59 -19.27 2.83
C ASN A 90 57.64 -18.11 2.48
N CYS A 91 58.19 -17.01 1.95
CA CYS A 91 57.36 -15.79 1.75
C CYS A 91 57.52 -15.21 0.33
N GLU A 92 56.41 -15.00 -0.35
CA GLU A 92 56.42 -14.36 -1.68
C GLU A 92 56.17 -12.86 -1.52
N VAL A 93 56.63 -12.05 -2.48
CA VAL A 93 56.35 -10.64 -2.45
C VAL A 93 55.76 -10.30 -3.77
N VAL A 94 54.60 -9.63 -3.77
CA VAL A 94 53.98 -9.18 -5.02
C VAL A 94 53.66 -7.68 -4.96
N ALA A 95 54.16 -6.92 -5.95
CA ALA A 95 53.86 -5.50 -6.11
C ALA A 95 52.66 -5.29 -7.05
N VAL A 96 51.77 -4.36 -6.71
CA VAL A 96 50.57 -4.09 -7.54
C VAL A 96 50.40 -2.60 -7.84
N SER A 97 50.09 -2.28 -9.11
CA SER A 97 49.56 -0.92 -9.43
C SER A 97 48.46 -1.04 -10.45
N VAL A 98 47.70 0.04 -10.68
CA VAL A 98 46.60 -0.03 -11.69
C VAL A 98 47.09 0.01 -13.13
N ASP A 99 48.42 0.04 -13.36
CA ASP A 99 48.98 0.07 -14.71
C ASP A 99 48.77 -1.28 -15.41
N SER A 100 48.86 -1.29 -16.72
CA SER A 100 48.78 -2.58 -17.45
C SER A 100 50.06 -3.39 -17.21
N HIS A 101 50.03 -4.69 -17.52
CA HIS A 101 51.26 -5.48 -17.43
C HIS A 101 52.28 -5.12 -18.52
N PHE A 102 51.84 -4.48 -19.60
CA PHE A 102 52.75 -3.99 -20.65
C PHE A 102 53.57 -2.83 -20.12
N SER A 103 52.97 -1.91 -19.34
CA SER A 103 53.74 -0.84 -18.66
C SER A 103 54.73 -1.40 -17.67
N HIS A 104 54.30 -2.39 -16.91
CA HIS A 104 55.13 -3.01 -15.90
C HIS A 104 56.41 -3.52 -16.55
N LEU A 105 56.24 -4.30 -17.60
CA LEU A 105 57.34 -4.88 -18.33
C LEU A 105 58.27 -3.79 -18.90
N ALA A 106 57.68 -2.75 -19.47
CA ALA A 106 58.50 -1.73 -20.05
C ALA A 106 59.28 -0.98 -18.95
N TRP A 107 58.71 -0.85 -17.75
CA TRP A 107 59.40 -0.24 -16.62
C TRP A 107 60.59 -1.11 -16.14
N ILE A 108 60.35 -2.40 -15.99
CA ILE A 108 61.38 -3.39 -15.79
C ILE A 108 62.47 -3.25 -16.85
N ASN A 109 62.11 -3.05 -18.12
CA ASN A 109 63.10 -2.94 -19.20
C ASN A 109 63.76 -1.58 -19.32
N THR A 110 63.40 -0.65 -18.45
CA THR A 110 64.10 0.63 -18.39
C THR A 110 65.24 0.55 -17.36
N PRO A 111 66.47 0.94 -17.74
CA PRO A 111 67.56 0.89 -16.75
C PRO A 111 67.28 1.74 -15.51
N ARG A 112 67.73 1.24 -14.34
CA ARG A 112 67.63 1.94 -13.05
C ARG A 112 68.24 3.31 -13.16
N LYS A 113 69.37 3.36 -13.86
CA LYS A 113 70.03 4.59 -14.28
C LYS A 113 69.04 5.68 -14.76
N ASN A 114 67.99 5.30 -15.50
CA ASN A 114 67.04 6.29 -16.03
C ASN A 114 65.70 6.29 -15.29
N GLY A 115 65.73 6.05 -13.98
CA GLY A 115 64.48 5.95 -13.20
C GLY A 115 63.61 4.73 -13.50
N GLY A 116 64.16 3.73 -14.19
CA GLY A 116 63.48 2.44 -14.40
C GLY A 116 63.64 1.51 -13.21
N LEU A 117 63.02 0.34 -13.31
CA LEU A 117 63.11 -0.66 -12.25
C LEU A 117 64.24 -1.65 -12.49
N GLY A 118 64.58 -1.91 -13.74
CA GLY A 118 65.56 -2.96 -14.04
C GLY A 118 65.02 -4.33 -13.63
N HIS A 119 65.89 -5.34 -13.64
CA HIS A 119 65.59 -6.71 -13.24
CA HIS A 119 65.50 -6.68 -13.29
C HIS A 119 64.78 -6.75 -11.93
N MET A 120 63.67 -7.48 -11.91
CA MET A 120 62.87 -7.63 -10.69
C MET A 120 62.93 -9.06 -10.18
N ASN A 121 63.15 -9.24 -8.88
CA ASN A 121 63.04 -10.58 -8.29
C ASN A 121 61.63 -10.86 -7.74
N ILE A 122 60.69 -9.94 -7.87
CA ILE A 122 59.33 -10.11 -7.33
C ILE A 122 58.40 -9.94 -8.50
N ALA A 123 57.15 -10.37 -8.33
CA ALA A 123 56.18 -10.29 -9.39
C ALA A 123 55.61 -8.87 -9.41
N LEU A 124 55.35 -8.36 -10.62
CA LEU A 124 54.62 -7.11 -10.76
C LEU A 124 53.24 -7.41 -11.32
N LEU A 125 52.24 -7.33 -10.45
CA LEU A 125 50.86 -7.58 -10.83
C LEU A 125 50.20 -6.34 -11.42
N SER A 126 49.54 -6.55 -12.54
CA SER A 126 48.69 -5.53 -13.12
C SER A 126 47.28 -5.52 -12.54
N ASP A 127 46.82 -4.36 -12.12
CA ASP A 127 45.42 -4.19 -11.70
C ASP A 127 44.69 -3.21 -12.60
N LEU A 128 44.65 -3.53 -13.91
CA LEU A 128 44.18 -2.61 -14.94
C LEU A 128 42.70 -2.21 -14.75
N THR A 129 41.87 -3.13 -14.24
CA THR A 129 40.46 -2.82 -14.01
C THR A 129 40.29 -2.03 -12.70
N LYS A 130 41.34 -1.92 -11.91
CA LYS A 130 41.29 -1.27 -10.57
C LYS A 130 40.54 -2.05 -9.51
N GLN A 131 40.04 -3.23 -9.88
CA GLN A 131 39.18 -3.98 -8.93
C GLN A 131 39.97 -4.51 -7.74
N ILE A 132 41.22 -4.93 -7.97
CA ILE A 132 42.06 -5.44 -6.85
C ILE A 132 42.32 -4.31 -5.83
N SER A 133 42.70 -3.11 -6.29
CA SER A 133 42.93 -1.97 -5.34
C SER A 133 41.65 -1.55 -4.62
N ARG A 134 40.53 -1.64 -5.35
CA ARG A 134 39.23 -1.44 -4.76
C ARG A 134 38.93 -2.52 -3.70
N ASP A 135 39.07 -3.81 -4.04
CA ASP A 135 38.78 -4.87 -3.05
C ASP A 135 39.69 -4.76 -1.82
N TYR A 136 40.91 -4.22 -1.98
CA TYR A 136 41.85 -4.09 -0.86
C TYR A 136 41.76 -2.74 -0.10
N GLY A 137 40.79 -1.90 -0.47
CA GLY A 137 40.47 -0.67 0.24
C GLY A 137 41.47 0.45 0.03
N VAL A 138 42.24 0.43 -1.08
CA VAL A 138 43.38 1.33 -1.29
C VAL A 138 43.25 2.15 -2.56
N LEU A 139 42.20 1.90 -3.30
CA LEU A 139 41.94 2.68 -4.50
C LEU A 139 41.53 4.10 -4.17
N LEU A 140 42.23 5.07 -4.74
CA LEU A 140 41.75 6.45 -4.68
C LEU A 140 40.84 6.64 -5.89
N GLU A 141 39.51 6.71 -5.69
CA GLU A 141 38.53 6.70 -6.83
C GLU A 141 38.64 7.88 -7.76
N GLY A 142 38.86 9.07 -7.20
CA GLY A 142 38.93 10.29 -7.99
C GLY A 142 40.04 10.15 -9.02
N PRO A 143 41.31 10.03 -8.59
CA PRO A 143 42.37 9.93 -9.58
C PRO A 143 42.50 8.55 -10.27
N GLY A 144 42.00 7.49 -9.65
CA GLY A 144 42.05 6.16 -10.25
C GLY A 144 43.35 5.42 -10.00
N LEU A 145 43.96 5.62 -8.83
CA LEU A 145 45.24 4.92 -8.53
C LEU A 145 45.29 4.51 -7.07
N ALA A 146 46.25 3.68 -6.71
CA ALA A 146 46.23 3.09 -5.38
C ALA A 146 47.11 3.82 -4.40
N LEU A 147 46.64 3.91 -3.16
CA LEU A 147 47.51 4.27 -2.08
C LEU A 147 48.56 3.20 -1.84
N ARG A 148 49.58 3.53 -1.09
CA ARG A 148 50.67 2.58 -0.78
C ARG A 148 50.33 1.64 0.38
N GLY A 149 49.42 0.70 0.09
CA GLY A 149 48.98 -0.29 1.04
C GLY A 149 49.90 -1.49 1.02
N LEU A 150 50.09 -2.13 2.17
CA LEU A 150 50.83 -3.39 2.21
C LEU A 150 50.11 -4.38 3.11
N PHE A 151 50.03 -5.64 2.67
CA PHE A 151 49.28 -6.68 3.38
C PHE A 151 50.17 -7.85 3.60
N ILE A 152 50.23 -8.35 4.84
CA ILE A 152 50.91 -9.64 5.06
C ILE A 152 49.85 -10.69 5.26
N ILE A 153 49.87 -11.69 4.40
CA ILE A 153 48.82 -12.67 4.32
C ILE A 153 49.45 -14.02 4.66
N ASP A 154 48.84 -14.78 5.55
CA ASP A 154 49.51 -15.97 6.00
C ASP A 154 49.19 -17.17 5.05
N PRO A 155 49.77 -18.36 5.30
CA PRO A 155 49.53 -19.56 4.47
C PRO A 155 48.08 -19.97 4.27
N ASN A 156 47.17 -19.56 5.16
CA ASN A 156 45.74 -19.90 5.02
C ASN A 156 44.93 -18.83 4.34
N GLY A 157 45.60 -17.77 3.87
CA GLY A 157 44.91 -16.64 3.27
C GLY A 157 44.40 -15.57 4.21
N VAL A 158 44.85 -15.62 5.48
CA VAL A 158 44.36 -14.66 6.49
C VAL A 158 45.29 -13.44 6.62
N ILE A 159 44.73 -12.22 6.60
CA ILE A 159 45.56 -11.00 6.77
C ILE A 159 46.08 -10.82 8.20
N LYS A 160 47.40 -10.90 8.40
CA LYS A 160 47.98 -10.77 9.75
C LYS A 160 48.34 -9.32 10.12
N HIS A 161 48.66 -8.54 9.09
CA HIS A 161 49.16 -7.17 9.22
C HIS A 161 48.79 -6.43 7.95
N LEU A 162 48.36 -5.19 8.11
CA LEU A 162 48.29 -4.29 6.96
C LEU A 162 48.88 -2.93 7.33
N SER A 163 49.34 -2.17 6.32
CA SER A 163 49.64 -0.78 6.50
C SER A 163 49.41 -0.03 5.21
N VAL A 164 49.24 1.27 5.35
CA VAL A 164 48.96 2.13 4.25
C VAL A 164 49.67 3.45 4.50
N ASN A 165 50.45 3.90 3.51
CA ASN A 165 51.05 5.22 3.51
C ASN A 165 50.45 6.10 2.45
N ASP A 166 50.35 7.38 2.74
CA ASP A 166 50.10 8.33 1.66
C ASP A 166 51.20 8.22 0.56
N LEU A 167 50.84 8.59 -0.67
CA LEU A 167 51.72 8.47 -1.87
C LEU A 167 53.20 8.81 -1.76
N PRO A 168 53.59 9.85 -0.98
CA PRO A 168 55.01 10.27 -1.13
C PRO A 168 55.99 9.62 -0.15
N VAL A 169 55.57 8.61 0.58
CA VAL A 169 56.48 8.13 1.60
C VAL A 169 56.65 6.65 1.35
N GLY A 170 57.90 6.20 1.42
CA GLY A 170 58.20 4.79 1.21
C GLY A 170 58.37 4.10 2.54
N ARG A 171 58.09 2.80 2.58
CA ARG A 171 58.23 2.02 3.81
C ARG A 171 59.61 1.35 3.97
N SER A 172 59.83 0.77 5.14
CA SER A 172 61.06 0.04 5.40
C SER A 172 60.83 -1.43 5.11
N VAL A 173 61.66 -1.98 4.25
CA VAL A 173 61.50 -3.35 3.83
C VAL A 173 61.93 -4.27 4.94
N GLU A 174 62.97 -3.85 5.67
CA GLU A 174 63.48 -4.63 6.78
C GLU A 174 62.43 -4.86 7.86
N GLU A 175 61.60 -3.87 8.10
CA GLU A 175 60.54 -3.96 9.08
C GLU A 175 59.41 -4.91 8.65
N THR A 176 59.10 -4.95 7.36
CA THR A 176 58.14 -5.92 6.79
C THR A 176 58.66 -7.35 7.00
N LEU A 177 59.93 -7.57 6.71
CA LEU A 177 60.54 -8.87 6.87
C LEU A 177 60.49 -9.29 8.35
N ARG A 178 60.84 -8.36 9.24
CA ARG A 178 60.76 -8.61 10.67
C ARG A 178 59.34 -9.09 11.09
N LEU A 179 58.30 -8.42 10.57
CA LEU A 179 56.90 -8.80 10.87
C LEU A 179 56.56 -10.18 10.37
N VAL A 180 56.95 -10.49 9.12
CA VAL A 180 56.72 -11.85 8.60
C VAL A 180 57.33 -12.86 9.56
N LYS A 181 58.59 -12.64 9.94
CA LYS A 181 59.26 -13.52 10.87
C LYS A 181 58.56 -13.63 12.25
N ALA A 182 58.07 -12.50 12.77
CA ALA A 182 57.40 -12.47 14.10
C ALA A 182 56.07 -13.23 14.01
N PHE A 183 55.34 -13.08 12.92
CA PHE A 183 54.17 -13.92 12.77
C PHE A 183 54.50 -15.41 12.72
N GLN A 184 55.59 -15.77 12.04
CA GLN A 184 55.99 -17.19 11.97
C GLN A 184 56.43 -17.68 13.36
N PHE A 185 57.18 -16.85 14.07
CA PHE A 185 57.56 -17.15 15.43
C PHE A 185 56.33 -17.50 16.30
N VAL A 186 55.26 -16.69 16.20
CA VAL A 186 54.06 -16.91 17.00
C VAL A 186 53.42 -18.25 16.65
N GLU A 187 53.32 -18.50 15.35
CA GLU A 187 52.76 -19.73 14.84
CA GLU A 187 52.74 -19.75 14.85
C GLU A 187 53.50 -20.97 15.37
N ALA A 188 54.82 -20.85 15.51
CA ALA A 188 55.65 -21.98 15.93
C ALA A 188 55.76 -22.18 17.45
N HIS A 189 55.48 -21.13 18.25
CA HIS A 189 55.56 -21.15 19.73
C HIS A 189 54.33 -20.48 20.37
N GLY A 190 54.58 -19.44 21.16
CA GLY A 190 53.55 -18.54 21.72
C GLY A 190 53.58 -17.12 21.14
N PRO B 25 35.13 12.05 6.96
CA PRO B 25 35.67 11.76 8.31
C PRO B 25 35.62 10.25 8.64
N ALA B 26 36.79 9.59 8.55
CA ALA B 26 36.89 8.12 8.48
C ALA B 26 38.33 7.61 8.74
N PRO B 27 38.49 6.30 9.12
CA PRO B 27 39.82 5.78 9.35
C PRO B 27 40.42 5.30 8.01
N ALA B 28 40.82 6.25 7.18
CA ALA B 28 41.49 5.92 5.93
C ALA B 28 42.52 6.99 5.67
N VAL B 29 43.68 6.58 5.14
CA VAL B 29 44.72 7.51 4.75
C VAL B 29 44.18 8.56 3.78
N THR B 30 44.55 9.82 4.01
CA THR B 30 44.05 11.03 3.32
C THR B 30 42.72 11.61 3.83
N GLN B 31 41.98 10.88 4.65
CA GLN B 31 40.76 11.42 5.25
C GLN B 31 41.11 12.00 6.62
N HIS B 32 40.24 12.87 7.15
CA HIS B 32 40.38 13.38 8.50
CA HIS B 32 40.38 13.39 8.53
C HIS B 32 40.12 12.24 9.51
N ALA B 33 40.95 12.17 10.53
CA ALA B 33 40.76 11.21 11.61
C ALA B 33 39.39 11.36 12.27
N PRO B 34 38.73 10.23 12.61
CA PRO B 34 37.49 10.40 13.39
C PRO B 34 37.74 11.15 14.73
N TYR B 35 36.86 12.08 15.05
CA TYR B 35 36.89 12.74 16.36
C TYR B 35 36.87 11.71 17.49
N PHE B 36 37.64 11.96 18.56
CA PHE B 36 37.52 11.18 19.80
C PHE B 36 37.62 12.11 20.98
N LYS B 37 37.04 11.66 22.08
CA LYS B 37 37.13 12.29 23.38
C LYS B 37 37.09 11.18 24.46
N GLY B 38 37.93 11.29 25.49
CA GLY B 38 37.84 10.36 26.62
C GLY B 38 38.72 10.75 27.78
N THR B 39 38.66 9.97 28.86
CA THR B 39 39.51 10.23 30.02
C THR B 39 40.82 9.48 29.80
N ALA B 40 41.93 10.17 29.95
CA ALA B 40 43.27 9.57 29.81
C ALA B 40 44.01 9.70 31.13
N VAL B 41 44.92 8.79 31.38
CA VAL B 41 45.98 8.99 32.37
C VAL B 41 47.17 9.74 31.71
N VAL B 42 47.53 10.87 32.33
CA VAL B 42 48.58 11.77 31.84
C VAL B 42 49.31 12.18 33.11
N SER B 43 50.59 11.79 33.22
CA SER B 43 51.41 12.11 34.37
C SER B 43 50.78 11.78 35.70
N GLY B 44 50.20 10.58 35.81
CA GLY B 44 49.55 10.14 37.08
C GLY B 44 48.21 10.78 37.41
N GLU B 45 47.66 11.54 36.50
CA GLU B 45 46.38 12.21 36.74
C GLU B 45 45.36 11.80 35.69
N PHE B 46 44.08 12.05 35.98
CA PHE B 46 43.05 11.86 34.99
C PHE B 46 42.79 13.17 34.22
N LYS B 47 42.88 13.12 32.89
CA LYS B 47 42.53 14.30 32.10
C LYS B 47 41.60 13.93 30.96
N GLU B 48 40.65 14.80 30.70
CA GLU B 48 39.79 14.67 29.53
C GLU B 48 40.56 15.15 28.31
N ILE B 49 40.75 14.27 27.32
CA ILE B 49 41.43 14.65 26.08
C ILE B 49 40.57 14.35 24.88
N SER B 50 40.88 15.02 23.77
CA SER B 50 40.16 14.76 22.53
C SER B 50 41.05 15.06 21.32
N LEU B 51 40.59 14.68 20.12
CA LEU B 51 41.35 14.92 18.93
C LEU B 51 41.72 16.41 18.79
N ASP B 52 40.82 17.30 19.19
CA ASP B 52 41.04 18.74 19.09
C ASP B 52 42.29 19.23 19.81
N ASP B 53 42.66 18.57 20.91
CA ASP B 53 43.82 18.99 21.71
C ASP B 53 45.14 18.85 20.94
N PHE B 54 45.11 18.08 19.86
CA PHE B 54 46.33 17.83 19.11
C PHE B 54 46.47 18.65 17.84
N LYS B 55 45.49 19.51 17.54
CA LYS B 55 45.58 20.42 16.38
C LYS B 55 46.92 21.16 16.38
N GLY B 56 47.56 21.21 15.23
CA GLY B 56 48.83 21.93 15.09
C GLY B 56 50.02 21.10 15.52
N LYS B 57 49.76 19.90 16.07
CA LYS B 57 50.82 18.91 16.29
C LYS B 57 50.54 17.63 15.49
N TYR B 58 51.58 16.82 15.37
CA TYR B 58 51.46 15.45 14.93
C TYR B 58 51.02 14.61 16.10
N LEU B 59 50.27 13.55 15.78
CA LEU B 59 49.74 12.64 16.80
C LEU B 59 49.93 11.20 16.31
N VAL B 60 50.58 10.39 17.13
CA VAL B 60 50.60 8.98 16.96
C VAL B 60 49.55 8.40 17.92
N LEU B 61 48.48 7.81 17.38
CA LEU B 61 47.39 7.21 18.16
C LEU B 61 47.45 5.67 17.93
N PHE B 62 47.71 4.87 18.97
CA PHE B 62 47.83 3.45 18.79
C PHE B 62 46.96 2.72 19.78
N PHE B 63 46.46 1.56 19.35
CA PHE B 63 45.53 0.78 20.16
C PHE B 63 46.24 -0.49 20.59
N TYR B 64 45.87 -1.02 21.75
CA TYR B 64 46.34 -2.35 22.19
C TYR B 64 45.12 -3.06 22.82
N PRO B 65 45.16 -4.41 22.93
CA PRO B 65 43.91 -5.05 23.35
C PRO B 65 43.50 -4.90 24.81
N LEU B 66 44.36 -5.22 25.77
CA LEU B 66 43.93 -5.19 27.18
C LEU B 66 45.05 -4.83 28.14
N ASP B 67 44.74 -4.03 29.16
CA ASP B 67 45.62 -3.89 30.31
C ASP B 67 45.88 -5.24 30.99
N PHE B 68 47.06 -5.33 31.62
CA PHE B 68 47.48 -6.52 32.36
C PHE B 68 47.61 -7.81 31.54
N THR B 69 47.96 -7.72 30.25
CA THR B 69 48.29 -8.90 29.44
C THR B 69 49.78 -8.85 29.10
N PHE B 70 50.38 -10.02 28.90
CA PHE B 70 51.82 -10.15 28.74
CA PHE B 70 51.83 -10.23 28.70
C PHE B 70 52.31 -9.57 27.41
N VAL B 71 51.46 -9.63 26.38
CA VAL B 71 51.78 -9.29 24.98
C VAL B 71 51.89 -7.77 24.56
N CYS B 72 51.32 -6.84 25.35
CA CYS B 72 51.21 -5.38 25.01
C CYS B 72 52.27 -4.45 25.60
N PRO B 73 52.77 -4.75 26.85
CA PRO B 73 53.63 -3.77 27.51
C PRO B 73 54.92 -3.46 26.75
N THR B 74 55.54 -4.44 26.09
CA THR B 74 56.79 -4.16 25.35
C THR B 74 56.63 -3.00 24.38
N GLU B 75 55.52 -3.00 23.64
CA GLU B 75 55.23 -1.94 22.68
C GLU B 75 54.94 -0.62 23.42
N ILE B 76 54.13 -0.67 24.47
CA ILE B 76 53.76 0.54 25.14
C ILE B 76 54.98 1.17 25.81
N ILE B 77 55.76 0.33 26.49
CA ILE B 77 57.01 0.75 27.10
C ILE B 77 57.96 1.37 26.07
N ALA B 78 58.05 0.76 24.88
CA ALA B 78 59.00 1.27 23.89
C ALA B 78 58.58 2.65 23.37
N PHE B 79 57.29 2.86 23.15
CA PHE B 79 56.78 4.22 22.87
C PHE B 79 57.07 5.22 24.00
N SER B 80 56.76 4.86 25.25
CA SER B 80 57.12 5.66 26.40
C SER B 80 58.61 5.99 26.43
N ASP B 81 59.49 5.00 26.25
CA ASP B 81 60.95 5.24 26.30
C ASP B 81 61.41 6.23 25.20
N LYS B 82 60.69 6.29 24.08
CA LYS B 82 61.06 7.13 22.93
C LYS B 82 60.21 8.39 22.87
N ALA B 83 59.34 8.58 23.84
CA ALA B 83 58.35 9.67 23.82
C ALA B 83 59.01 11.06 23.60
N SER B 84 60.16 11.29 24.23
CA SER B 84 60.84 12.58 24.06
C SER B 84 61.35 12.75 22.62
N GLU B 85 61.65 11.64 21.93
CA GLU B 85 62.09 11.75 20.51
C GLU B 85 60.96 12.16 19.59
N PHE B 86 59.73 11.77 19.92
CA PHE B 86 58.55 12.28 19.21
C PHE B 86 58.26 13.74 19.61
N HIS B 87 58.33 14.06 20.90
CA HIS B 87 58.15 15.43 21.35
CA HIS B 87 58.12 15.45 21.32
C HIS B 87 59.07 16.41 20.60
N ASP B 88 60.32 15.99 20.42
CA ASP B 88 61.32 16.83 19.78
C ASP B 88 60.93 17.16 18.35
N VAL B 89 60.15 16.32 17.69
CA VAL B 89 59.64 16.65 16.36
C VAL B 89 58.14 17.04 16.42
N ASN B 90 57.70 17.58 17.56
CA ASN B 90 56.33 18.12 17.69
C ASN B 90 55.28 17.03 17.45
N CYS B 91 55.48 15.88 18.11
CA CYS B 91 54.58 14.75 17.94
C CYS B 91 54.18 14.12 19.28
N GLU B 92 52.88 14.04 19.51
CA GLU B 92 52.37 13.41 20.73
C GLU B 92 52.05 11.95 20.45
N VAL B 93 52.03 11.16 21.53
CA VAL B 93 51.77 9.75 21.46
C VAL B 93 50.73 9.40 22.49
N VAL B 94 49.64 8.76 22.05
CA VAL B 94 48.65 8.26 22.94
C VAL B 94 48.26 6.79 22.67
N ALA B 95 48.32 6.00 23.73
CA ALA B 95 47.88 4.61 23.70
C ALA B 95 46.42 4.53 24.11
N VAL B 96 45.71 3.59 23.52
CA VAL B 96 44.28 3.43 23.73
C VAL B 96 43.97 1.93 23.87
N SER B 97 43.21 1.58 24.89
CA SER B 97 42.49 0.32 24.92
C SER B 97 41.13 0.57 25.55
N VAL B 98 40.32 -0.48 25.53
CA VAL B 98 38.94 -0.43 26.04
C VAL B 98 38.84 -0.55 27.56
N ASP B 99 39.98 -0.63 28.26
CA ASP B 99 39.95 -0.69 29.73
C ASP B 99 39.56 0.71 30.26
N SER B 100 39.08 0.79 31.50
CA SER B 100 38.77 2.04 32.15
C SER B 100 40.08 2.75 32.44
N HIS B 101 39.99 4.03 32.75
CA HIS B 101 41.19 4.77 33.18
C HIS B 101 41.68 4.31 34.56
N PHE B 102 40.80 3.73 35.37
CA PHE B 102 41.24 3.15 36.66
C PHE B 102 42.16 1.92 36.51
N SER B 103 41.87 1.04 35.54
CA SER B 103 42.79 -0.05 35.18
C SER B 103 44.11 0.51 34.67
N HIS B 104 44.04 1.53 33.83
CA HIS B 104 45.24 2.14 33.26
C HIS B 104 46.15 2.63 34.38
N LEU B 105 45.59 3.42 35.31
CA LEU B 105 46.40 3.94 36.43
C LEU B 105 47.03 2.81 37.26
N ALA B 106 46.25 1.75 37.51
CA ALA B 106 46.71 0.62 38.31
C ALA B 106 47.81 -0.14 37.56
N TRP B 107 47.73 -0.19 36.24
CA TRP B 107 48.79 -0.83 35.49
C TRP B 107 50.06 0.05 35.43
N ILE B 108 49.88 1.37 35.32
CA ILE B 108 51.01 2.29 35.52
C ILE B 108 51.67 2.06 36.90
N ASN B 109 50.87 1.97 37.97
CA ASN B 109 51.39 1.75 39.33
C ASN B 109 51.91 0.33 39.65
N THR B 110 51.89 -0.59 38.68
CA THR B 110 52.53 -1.89 38.83
C THR B 110 53.94 -1.87 38.22
N PRO B 111 54.98 -2.18 39.02
CA PRO B 111 56.37 -2.17 38.50
C PRO B 111 56.56 -3.00 37.22
N ARG B 112 57.47 -2.56 36.36
CA ARG B 112 57.78 -3.28 35.11
C ARG B 112 58.27 -4.71 35.33
N LYS B 113 59.00 -4.89 36.42
CA LYS B 113 59.50 -6.19 36.88
C LYS B 113 58.35 -7.20 37.06
N ASN B 114 57.18 -6.70 37.46
CA ASN B 114 56.01 -7.55 37.68
C ASN B 114 55.05 -7.56 36.49
N GLY B 115 55.59 -7.45 35.27
CA GLY B 115 54.78 -7.27 34.06
C GLY B 115 53.91 -6.00 34.01
N GLY B 116 54.17 -5.01 34.87
CA GLY B 116 53.40 -3.77 34.91
C GLY B 116 53.93 -2.81 33.88
N LEU B 117 53.28 -1.65 33.73
CA LEU B 117 53.80 -0.60 32.81
C LEU B 117 54.88 0.22 33.46
N GLY B 118 54.81 0.38 34.77
CA GLY B 118 55.65 1.37 35.46
C GLY B 118 55.28 2.74 34.91
N HIS B 119 56.16 3.73 35.04
CA HIS B 119 55.73 5.07 34.71
C HIS B 119 55.75 5.35 33.20
N MET B 120 54.78 6.14 32.76
CA MET B 120 54.52 6.40 31.37
C MET B 120 54.78 7.85 31.01
N ASN B 121 55.50 8.04 29.91
CA ASN B 121 55.75 9.34 29.31
C ASN B 121 54.70 9.74 28.26
N ILE B 122 53.78 8.82 27.98
CA ILE B 122 52.71 9.01 26.99
C ILE B 122 51.36 8.93 27.69
N ALA B 123 50.34 9.55 27.11
CA ALA B 123 48.94 9.41 27.54
C ALA B 123 48.37 7.98 27.30
N LEU B 124 47.62 7.47 28.28
CA LEU B 124 46.90 6.23 28.11
C LEU B 124 45.42 6.58 28.15
N LEU B 125 44.77 6.43 27.01
CA LEU B 125 43.43 6.87 26.86
C LEU B 125 42.50 5.68 27.17
N SER B 126 41.46 5.98 27.92
CA SER B 126 40.45 4.99 28.17
C SER B 126 39.37 5.02 27.08
N ASP B 127 39.05 3.85 26.54
CA ASP B 127 37.96 3.75 25.56
C ASP B 127 36.92 2.81 26.16
N LEU B 128 36.39 3.16 27.35
CA LEU B 128 35.47 2.30 28.05
C LEU B 128 34.18 1.99 27.28
N THR B 129 33.71 2.90 26.43
CA THR B 129 32.44 2.67 25.74
C THR B 129 32.72 1.91 24.49
N LYS B 130 34.00 1.81 24.12
CA LYS B 130 34.48 1.13 22.91
C LYS B 130 34.22 1.89 21.60
N GLN B 131 33.60 3.06 21.67
CA GLN B 131 33.23 3.82 20.50
C GLN B 131 34.47 4.36 19.73
N ILE B 132 35.55 4.66 20.44
CA ILE B 132 36.74 5.12 19.79
C ILE B 132 37.35 4.00 18.95
N SER B 133 37.50 2.82 19.55
CA SER B 133 38.00 1.66 18.79
C SER B 133 37.12 1.35 17.60
N ARG B 134 35.80 1.45 17.80
CA ARG B 134 34.82 1.34 16.70
C ARG B 134 35.02 2.37 15.58
N ASP B 135 35.11 3.65 15.95
CA ASP B 135 35.23 4.73 14.97
C ASP B 135 36.54 4.61 14.21
N TYR B 136 37.56 4.03 14.82
CA TYR B 136 38.84 3.89 14.14
C TYR B 136 38.96 2.57 13.40
N GLY B 137 37.89 1.78 13.36
CA GLY B 137 37.87 0.47 12.64
C GLY B 137 38.73 -0.65 13.19
N VAL B 138 39.10 -0.61 14.47
CA VAL B 138 39.94 -1.66 15.03
C VAL B 138 39.27 -2.46 16.13
N LEU B 139 37.99 -2.20 16.39
CA LEU B 139 37.30 -2.97 17.40
C LEU B 139 36.93 -4.35 16.88
N LEU B 140 37.40 -5.40 17.56
CA LEU B 140 36.80 -6.72 17.41
C LEU B 140 35.47 -6.81 18.21
N GLU B 141 34.31 -6.79 17.54
CA GLU B 141 33.01 -6.78 18.26
C GLU B 141 32.74 -7.99 19.15
N GLY B 142 33.10 -9.19 18.67
CA GLY B 142 32.84 -10.42 19.42
C GLY B 142 33.46 -10.43 20.82
N PRO B 143 34.79 -10.32 20.90
CA PRO B 143 35.40 -10.24 22.22
C PRO B 143 35.36 -8.82 22.85
N GLY B 144 35.15 -7.78 22.04
CA GLY B 144 35.02 -6.39 22.52
C GLY B 144 36.33 -5.75 22.97
N LEU B 145 37.38 -5.94 22.17
CA LEU B 145 38.66 -5.27 22.43
C LEU B 145 39.27 -4.87 21.06
N ALA B 146 40.33 -4.07 21.07
CA ALA B 146 40.89 -3.52 19.82
C ALA B 146 42.03 -4.38 19.31
N LEU B 147 42.09 -4.53 17.98
CA LEU B 147 43.33 -4.90 17.27
C LEU B 147 44.44 -3.86 17.50
N ARG B 148 45.66 -4.20 17.10
CA ARG B 148 46.79 -3.29 17.33
C ARG B 148 47.00 -2.34 16.19
N GLY B 149 46.05 -1.43 16.02
CA GLY B 149 46.16 -0.36 15.02
C GLY B 149 46.93 0.87 15.49
N LEU B 150 47.56 1.56 14.53
CA LEU B 150 48.31 2.76 14.79
C LEU B 150 47.97 3.73 13.67
N PHE B 151 47.88 5.00 14.03
CA PHE B 151 47.51 6.05 13.09
C PHE B 151 48.48 7.19 13.26
N ILE B 152 49.11 7.63 12.17
CA ILE B 152 49.87 8.90 12.24
C ILE B 152 48.96 9.97 11.66
N ILE B 153 48.66 10.95 12.50
CA ILE B 153 47.72 11.99 12.21
C ILE B 153 48.46 13.31 12.12
N ASP B 154 48.21 14.10 11.08
CA ASP B 154 48.98 15.35 10.94
C ASP B 154 48.40 16.56 11.71
N PRO B 155 49.07 17.74 11.64
CA PRO B 155 48.57 18.87 12.43
C PRO B 155 47.18 19.35 12.04
N ASN B 156 46.72 19.04 10.83
CA ASN B 156 45.33 19.39 10.43
C ASN B 156 44.34 18.27 10.73
N GLY B 157 44.81 17.21 11.37
CA GLY B 157 43.94 16.12 11.77
C GLY B 157 43.73 15.09 10.67
N VAL B 158 44.59 15.12 9.64
CA VAL B 158 44.48 14.20 8.49
C VAL B 158 45.38 12.94 8.68
N ILE B 159 44.83 11.76 8.37
CA ILE B 159 45.58 10.53 8.50
C ILE B 159 46.57 10.39 7.36
N LYS B 160 47.84 10.22 7.72
CA LYS B 160 48.94 10.06 6.78
C LYS B 160 49.39 8.61 6.63
N HIS B 161 49.29 7.87 7.73
CA HIS B 161 49.74 6.48 7.79
C HIS B 161 48.85 5.76 8.77
N LEU B 162 48.49 4.54 8.43
CA LEU B 162 47.84 3.69 9.42
C LEU B 162 48.44 2.31 9.31
N SER B 163 48.43 1.57 10.41
CA SER B 163 48.82 0.18 10.30
C SER B 163 48.16 -0.64 11.39
N VAL B 164 47.98 -1.94 11.10
CA VAL B 164 47.30 -2.81 12.05
C VAL B 164 47.98 -4.15 12.20
N ASN B 165 48.23 -4.55 13.46
CA ASN B 165 48.77 -5.89 13.71
C ASN B 165 47.80 -6.77 14.46
N ASP B 166 47.80 -8.04 14.08
CA ASP B 166 47.13 -9.04 14.92
C ASP B 166 47.71 -8.93 16.36
N LEU B 167 46.89 -9.32 17.33
CA LEU B 167 47.17 -9.13 18.75
C LEU B 167 48.55 -9.59 19.24
N PRO B 168 49.07 -10.74 18.76
CA PRO B 168 50.32 -11.23 19.36
C PRO B 168 51.62 -10.50 18.99
N VAL B 169 51.58 -9.55 18.06
CA VAL B 169 52.83 -9.04 17.50
C VAL B 169 52.96 -7.55 17.77
N GLY B 170 54.08 -7.14 18.35
CA GLY B 170 54.38 -5.73 18.56
C GLY B 170 55.09 -5.12 17.36
N ARG B 171 55.04 -3.79 17.27
CA ARG B 171 55.61 -3.08 16.13
C ARG B 171 56.90 -2.40 16.52
N SER B 172 57.66 -1.97 15.52
CA SER B 172 58.88 -1.23 15.76
C SER B 172 58.61 0.28 15.97
N VAL B 173 58.94 0.76 17.15
CA VAL B 173 58.82 2.19 17.49
C VAL B 173 59.70 3.09 16.62
N GLU B 174 60.95 2.68 16.38
CA GLU B 174 61.86 3.37 15.49
C GLU B 174 61.25 3.58 14.13
N GLU B 175 60.53 2.58 13.64
CA GLU B 175 59.94 2.73 12.33
C GLU B 175 58.77 3.75 12.34
N THR B 176 58.02 3.80 13.45
CA THR B 176 56.96 4.81 13.55
C THR B 176 57.52 6.23 13.58
N LEU B 177 58.61 6.43 14.36
CA LEU B 177 59.29 7.74 14.37
C LEU B 177 59.90 8.11 13.00
N ARG B 178 60.48 7.12 12.30
CA ARG B 178 61.04 7.38 10.98
C ARG B 178 59.90 7.91 10.07
N LEU B 179 58.74 7.25 10.11
CA LEU B 179 57.61 7.70 9.27
C LEU B 179 57.15 9.12 9.62
N VAL B 180 57.03 9.43 10.91
CA VAL B 180 56.64 10.78 11.33
C VAL B 180 57.64 11.76 10.71
N LYS B 181 58.93 11.50 10.91
CA LYS B 181 59.98 12.32 10.30
C LYS B 181 59.81 12.43 8.79
N ALA B 182 59.53 11.29 8.14
CA ALA B 182 59.41 11.29 6.68
C ALA B 182 58.24 12.15 6.19
N PHE B 183 57.08 12.09 6.87
CA PHE B 183 55.95 12.98 6.48
C PHE B 183 56.28 14.48 6.70
N GLN B 184 57.14 14.76 7.67
CA GLN B 184 57.46 16.15 7.98
C GLN B 184 58.42 16.69 6.92
N PHE B 185 59.40 15.87 6.56
CA PHE B 185 60.29 16.15 5.46
C PHE B 185 59.50 16.50 4.19
N VAL B 186 58.54 15.67 3.81
CA VAL B 186 57.69 15.92 2.64
C VAL B 186 56.93 17.26 2.74
N GLU B 187 56.41 17.59 3.92
CA GLU B 187 55.78 18.89 4.15
C GLU B 187 56.71 20.08 3.91
N ALA B 188 57.96 19.97 4.35
CA ALA B 188 58.91 21.07 4.18
C ALA B 188 59.50 21.20 2.75
N HIS B 189 59.73 20.05 2.08
CA HIS B 189 60.54 20.02 0.84
C HIS B 189 59.80 19.48 -0.39
N PRO C 27 14.56 -8.30 33.12
CA PRO C 27 14.40 -9.26 34.23
C PRO C 27 13.54 -8.69 35.38
N ALA C 28 12.64 -9.51 35.91
CA ALA C 28 11.80 -9.14 37.05
C ALA C 28 11.58 -10.35 37.95
N VAL C 29 11.30 -10.10 39.23
CA VAL C 29 10.96 -11.18 40.15
C VAL C 29 9.85 -12.06 39.56
N THR C 30 10.01 -13.38 39.71
CA THR C 30 9.07 -14.47 39.26
C THR C 30 9.38 -15.01 37.86
N GLN C 31 10.34 -14.35 37.22
CA GLN C 31 10.75 -14.73 35.88
CA GLN C 31 10.84 -14.58 35.86
C GLN C 31 12.16 -15.33 35.91
N HIS C 32 12.44 -16.17 34.92
CA HIS C 32 13.73 -16.84 34.76
CA HIS C 32 13.74 -16.84 34.79
C HIS C 32 14.87 -15.84 34.53
N ALA C 33 15.97 -16.00 35.26
CA ALA C 33 17.13 -15.13 35.05
C ALA C 33 17.61 -15.23 33.60
N PRO C 34 17.97 -14.10 32.98
CA PRO C 34 18.53 -14.25 31.63
C PRO C 34 19.83 -15.05 31.66
N TYR C 35 20.02 -15.91 30.66
CA TYR C 35 21.26 -16.64 30.45
C TYR C 35 22.49 -15.72 30.33
N PHE C 36 23.62 -16.19 30.84
CA PHE C 36 24.88 -15.47 30.70
C PHE C 36 26.00 -16.49 30.58
N LYS C 37 27.09 -16.07 29.93
CA LYS C 37 28.33 -16.84 29.87
C LYS C 37 29.48 -15.85 29.74
N GLY C 38 30.63 -16.21 30.29
CA GLY C 38 31.82 -15.35 30.24
C GLY C 38 32.98 -15.97 30.98
N THR C 39 34.12 -15.27 30.96
CA THR C 39 35.32 -15.73 31.67
C THR C 39 35.35 -15.13 33.07
N ALA C 40 35.49 -16.00 34.06
CA ALA C 40 35.64 -15.59 35.45
C ALA C 40 37.04 -15.91 35.99
N VAL C 41 37.46 -15.16 37.01
CA VAL C 41 38.56 -15.61 37.81
C VAL C 41 38.00 -16.45 38.95
N VAL C 42 38.33 -17.74 38.92
CA VAL C 42 37.91 -18.71 39.95
C VAL C 42 39.17 -19.30 40.62
N SER C 43 39.25 -19.12 41.94
CA SER C 43 40.42 -19.48 42.74
C SER C 43 41.75 -19.13 42.09
N GLY C 44 41.83 -17.96 41.49
CA GLY C 44 43.08 -17.45 40.90
C GLY C 44 43.38 -17.93 39.50
N GLU C 45 42.42 -18.60 38.88
CA GLU C 45 42.51 -19.18 37.51
C GLU C 45 41.36 -18.68 36.61
N PHE C 46 41.54 -18.75 35.30
CA PHE C 46 40.49 -18.34 34.35
C PHE C 46 39.61 -19.54 33.99
N LYS C 47 38.29 -19.38 34.13
CA LYS C 47 37.36 -20.47 33.90
C LYS C 47 36.10 -19.89 33.25
N GLU C 48 35.64 -20.53 32.17
CA GLU C 48 34.39 -20.14 31.54
CA GLU C 48 34.39 -20.17 31.52
C GLU C 48 33.23 -20.61 32.41
N ILE C 49 32.34 -19.69 32.77
CA ILE C 49 31.16 -20.07 33.54
C ILE C 49 29.89 -19.56 32.86
N SER C 50 28.78 -20.25 33.10
CA SER C 50 27.46 -19.85 32.57
C SER C 50 26.36 -20.00 33.64
N LEU C 51 25.20 -19.35 33.45
CA LEU C 51 24.05 -19.64 34.32
C LEU C 51 23.79 -21.16 34.49
N ASP C 52 24.00 -21.95 33.43
CA ASP C 52 23.79 -23.42 33.50
C ASP C 52 24.57 -24.06 34.61
N ASP C 53 25.73 -23.51 34.93
CA ASP C 53 26.60 -24.08 35.94
C ASP C 53 25.98 -24.00 37.34
N PHE C 54 24.99 -23.13 37.54
CA PHE C 54 24.33 -22.95 38.83
C PHE C 54 22.95 -23.62 38.97
N LYS C 55 22.57 -24.44 38.00
CA LYS C 55 21.33 -25.21 38.13
CA LYS C 55 21.37 -25.29 38.09
C LYS C 55 21.45 -26.15 39.34
N GLY C 56 20.39 -26.14 40.15
CA GLY C 56 20.32 -26.97 41.35
C GLY C 56 20.92 -26.25 42.55
N LYS C 57 21.49 -25.08 42.31
CA LYS C 57 22.10 -24.26 43.36
C LYS C 57 21.38 -22.94 43.43
N TYR C 58 21.51 -22.25 44.57
CA TYR C 58 21.14 -20.85 44.63
C TYR C 58 22.31 -20.03 44.10
N LEU C 59 22.00 -18.90 43.50
CA LEU C 59 23.04 -18.00 43.01
C LEU C 59 22.73 -16.56 43.37
N VAL C 60 23.70 -15.91 44.01
CA VAL C 60 23.71 -14.46 44.18
C VAL C 60 24.64 -13.88 43.11
N LEU C 61 24.06 -13.14 42.17
CA LEU C 61 24.80 -12.52 41.09
C LEU C 61 24.70 -11.04 41.35
N PHE C 62 25.85 -10.42 41.62
CA PHE C 62 25.88 -8.96 41.85
C PHE C 62 26.88 -8.25 40.97
N PHE C 63 26.50 -7.02 40.60
CA PHE C 63 27.23 -6.18 39.68
C PHE C 63 27.86 -5.01 40.40
N TYR C 64 29.06 -4.64 39.98
CA TYR C 64 29.69 -3.46 40.52
C TYR C 64 30.23 -2.68 39.33
N PRO C 65 30.44 -1.38 39.51
CA PRO C 65 30.80 -0.56 38.36
C PRO C 65 32.15 -0.88 37.73
N LEU C 66 33.25 -0.78 38.50
CA LEU C 66 34.60 -0.89 37.90
C LEU C 66 35.68 -1.35 38.88
N ASP C 67 36.57 -2.24 38.43
CA ASP C 67 37.77 -2.59 39.18
C ASP C 67 38.59 -1.33 39.47
N PHE C 68 39.29 -1.36 40.60
CA PHE C 68 40.29 -0.36 40.99
C PHE C 68 39.67 0.99 41.34
N THR C 69 38.38 0.99 41.69
CA THR C 69 37.69 2.18 42.19
C THR C 69 37.47 2.01 43.67
N PHE C 70 37.57 3.10 44.44
CA PHE C 70 37.61 3.04 45.90
C PHE C 70 36.21 2.71 46.48
N VAL C 71 35.21 2.92 45.65
CA VAL C 71 33.80 2.68 45.99
C VAL C 71 33.37 1.20 46.13
N CYS C 72 34.00 0.26 45.40
CA CYS C 72 33.56 -1.17 45.34
C CYS C 72 34.19 -2.24 46.26
N PRO C 73 35.50 -2.10 46.62
CA PRO C 73 36.16 -3.21 47.32
C PRO C 73 35.46 -3.70 48.60
N THR C 74 34.89 -2.80 49.40
CA THR C 74 34.28 -3.22 50.67
C THR C 74 33.22 -4.32 50.52
N GLU C 75 32.28 -4.06 49.62
CA GLU C 75 31.21 -5.02 49.33
CA GLU C 75 31.20 -4.97 49.31
C GLU C 75 31.75 -6.33 48.79
N ILE C 76 32.71 -6.26 47.86
CA ILE C 76 33.27 -7.48 47.24
C ILE C 76 33.99 -8.35 48.27
N ILE C 77 34.81 -7.68 49.09
CA ILE C 77 35.59 -8.32 50.14
C ILE C 77 34.67 -8.98 51.18
N ALA C 78 33.62 -8.25 51.57
CA ALA C 78 32.63 -8.71 52.54
C ALA C 78 31.95 -9.98 51.98
N PHE C 79 31.52 -9.96 50.72
CA PHE C 79 30.97 -11.18 50.12
C PHE C 79 31.92 -12.37 50.19
N SER C 80 33.18 -12.13 49.82
CA SER C 80 34.22 -13.14 49.85
C SER C 80 34.45 -13.65 51.26
N ASP C 81 34.53 -12.72 52.22
CA ASP C 81 34.77 -13.07 53.61
C ASP C 81 33.63 -13.96 54.14
N LYS C 82 32.44 -13.81 53.58
CA LYS C 82 31.30 -14.61 54.04
C LYS C 82 30.91 -15.71 53.06
N ALA C 83 31.76 -16.04 52.09
CA ALA C 83 31.41 -17.03 51.07
C ALA C 83 31.07 -18.41 51.61
N SER C 84 31.81 -18.85 52.62
CA SER C 84 31.58 -20.17 53.23
C SER C 84 30.16 -20.26 53.79
N GLU C 85 29.68 -19.16 54.36
CA GLU C 85 28.31 -19.10 54.88
C GLU C 85 27.25 -19.25 53.79
N PHE C 86 27.52 -18.68 52.61
CA PHE C 86 26.66 -18.90 51.46
C PHE C 86 26.75 -20.33 50.98
N HIS C 87 27.96 -20.89 50.85
CA HIS C 87 28.16 -22.24 50.32
CA HIS C 87 28.07 -22.24 50.28
C HIS C 87 27.52 -23.30 51.23
N ASP C 88 27.63 -23.07 52.54
CA ASP C 88 27.02 -23.97 53.54
C ASP C 88 25.51 -24.13 53.33
N VAL C 89 24.86 -23.09 52.81
CA VAL C 89 23.43 -23.16 52.43
C VAL C 89 23.25 -23.35 50.92
N ASN C 90 24.21 -24.03 50.28
CA ASN C 90 24.06 -24.40 48.86
C ASN C 90 23.91 -23.17 47.89
N CYS C 91 24.53 -22.05 48.24
CA CYS C 91 24.45 -20.81 47.45
C CYS C 91 25.81 -20.33 46.96
N GLU C 92 25.95 -20.17 45.64
CA GLU C 92 27.13 -19.59 45.02
C GLU C 92 26.96 -18.09 44.91
N VAL C 93 28.09 -17.39 44.91
CA VAL C 93 28.14 -15.96 44.76
C VAL C 93 29.07 -15.55 43.62
N VAL C 94 28.54 -14.77 42.66
CA VAL C 94 29.32 -14.32 41.53
C VAL C 94 29.25 -12.79 41.41
N ALA C 95 30.41 -12.13 41.43
CA ALA C 95 30.53 -10.66 41.16
C ALA C 95 30.81 -10.41 39.68
N VAL C 96 30.19 -9.39 39.13
CA VAL C 96 30.31 -9.04 37.72
C VAL C 96 30.62 -7.55 37.52
N SER C 97 31.58 -7.28 36.62
CA SER C 97 31.79 -5.94 36.14
C SER C 97 32.19 -6.06 34.66
N VAL C 98 32.13 -4.91 33.98
CA VAL C 98 32.46 -4.86 32.56
C VAL C 98 33.99 -4.87 32.31
N ASP C 99 34.80 -5.02 33.36
CA ASP C 99 36.25 -5.11 33.18
C ASP C 99 36.61 -6.50 32.61
N SER C 100 37.80 -6.62 32.04
CA SER C 100 38.29 -7.88 31.56
C SER C 100 38.63 -8.77 32.75
N HIS C 101 38.80 -10.06 32.47
CA HIS C 101 39.20 -10.98 33.53
C HIS C 101 40.65 -10.73 33.93
N PHE C 102 41.45 -10.16 33.01
CA PHE C 102 42.84 -9.80 33.35
C PHE C 102 42.86 -8.70 34.42
N SER C 103 41.98 -7.70 34.30
CA SER C 103 41.84 -6.65 35.34
C SER C 103 41.39 -7.23 36.66
N HIS C 104 40.49 -8.22 36.61
CA HIS C 104 39.99 -8.89 37.80
C HIS C 104 41.12 -9.59 38.51
N LEU C 105 41.90 -10.37 37.77
CA LEU C 105 43.03 -11.07 38.38
C LEU C 105 44.03 -10.07 38.98
N ALA C 106 44.26 -8.93 38.31
CA ALA C 106 45.25 -7.98 38.83
C ALA C 106 44.79 -7.33 40.13
N TRP C 107 43.49 -7.08 40.27
CA TRP C 107 42.94 -6.53 41.51
C TRP C 107 42.98 -7.58 42.65
N ILE C 108 42.75 -8.85 42.31
CA ILE C 108 42.93 -9.99 43.23
C ILE C 108 44.40 -10.09 43.74
N ASN C 109 45.36 -9.87 42.86
CA ASN C 109 46.77 -9.90 43.22
C ASN C 109 47.23 -8.61 43.83
N THR C 110 46.33 -7.65 44.02
CA THR C 110 46.72 -6.46 44.76
C THR C 110 46.30 -6.69 46.23
N PRO C 111 47.25 -6.52 47.17
CA PRO C 111 46.99 -6.72 48.61
C PRO C 111 45.89 -5.79 49.14
N ARG C 112 45.13 -6.26 50.12
CA ARG C 112 44.04 -5.46 50.70
C ARG C 112 44.55 -4.16 51.29
N LYS C 113 45.74 -4.22 51.87
CA LYS C 113 46.41 -3.06 52.44
C LYS C 113 46.48 -1.92 51.41
N ASN C 114 46.61 -2.27 50.14
CA ASN C 114 46.87 -1.29 49.09
C ASN C 114 45.61 -0.95 48.28
N GLY C 115 44.43 -1.38 48.76
CA GLY C 115 43.21 -1.14 48.01
C GLY C 115 42.88 -2.27 47.05
N GLY C 116 43.58 -3.39 47.17
CA GLY C 116 43.26 -4.56 46.35
C GLY C 116 42.12 -5.37 46.94
N LEU C 117 41.78 -6.45 46.26
CA LEU C 117 40.81 -7.42 46.77
C LEU C 117 41.46 -8.53 47.62
N GLY C 118 42.76 -8.75 47.44
CA GLY C 118 43.40 -9.92 48.03
C GLY C 118 42.74 -11.19 47.51
N HIS C 119 42.95 -12.28 48.23
CA HIS C 119 42.41 -13.60 47.89
C HIS C 119 40.87 -13.54 47.86
N MET C 120 40.26 -14.25 46.90
CA MET C 120 38.81 -14.19 46.72
C MET C 120 38.15 -15.54 46.81
N ASN C 121 37.10 -15.63 47.64
CA ASN C 121 36.38 -16.91 47.79
C ASN C 121 35.13 -17.02 46.92
N ILE C 122 34.88 -15.95 46.15
CA ILE C 122 33.76 -15.89 45.20
C ILE C 122 34.34 -15.81 43.79
N ALA C 123 33.52 -16.15 42.79
CA ALA C 123 33.95 -15.96 41.38
C ALA C 123 33.90 -14.48 40.94
N LEU C 124 34.92 -14.03 40.22
CA LEU C 124 34.86 -12.68 39.64
C LEU C 124 34.67 -12.80 38.15
N LEU C 125 33.45 -12.54 37.69
CA LEU C 125 33.07 -12.72 36.29
C LEU C 125 33.35 -11.46 35.43
N SER C 126 33.98 -11.63 34.28
CA SER C 126 34.22 -10.53 33.39
C SER C 126 33.03 -10.29 32.44
N ASP C 127 32.57 -9.05 32.32
CA ASP C 127 31.53 -8.76 31.34
C ASP C 127 32.08 -7.82 30.25
N LEU C 128 33.17 -8.22 29.60
CA LEU C 128 33.91 -7.32 28.72
C LEU C 128 33.04 -6.78 27.59
N THR C 129 32.13 -7.62 27.07
CA THR C 129 31.30 -7.18 25.95
C THR C 129 30.13 -6.36 26.44
N LYS C 130 29.89 -6.35 27.75
CA LYS C 130 28.83 -5.57 28.41
C LYS C 130 27.42 -6.15 28.24
N GLN C 131 27.31 -7.23 27.48
CA GLN C 131 26.03 -7.87 27.18
C GLN C 131 25.39 -8.44 28.44
N ILE C 132 26.19 -8.93 29.37
CA ILE C 132 25.62 -9.47 30.61
C ILE C 132 24.89 -8.37 31.41
N SER C 133 25.53 -7.20 31.55
CA SER C 133 24.95 -6.10 32.28
C SER C 133 23.71 -5.60 31.56
N ARG C 134 23.75 -5.63 30.23
CA ARG C 134 22.62 -5.18 29.43
C ARG C 134 21.44 -6.15 29.58
N ASP C 135 21.70 -7.45 29.59
CA ASP C 135 20.63 -8.42 29.72
C ASP C 135 20.01 -8.40 31.12
N TYR C 136 20.77 -7.98 32.12
CA TYR C 136 20.27 -7.89 33.50
C TYR C 136 19.68 -6.52 33.81
N GLY C 137 19.64 -5.67 32.79
CA GLY C 137 19.01 -4.38 32.91
C GLY C 137 19.79 -3.38 33.76
N VAL C 138 21.07 -3.62 34.05
CA VAL C 138 21.82 -2.71 34.92
C VAL C 138 22.87 -1.87 34.20
N LEU C 139 23.01 -2.03 32.89
CA LEU C 139 24.01 -1.30 32.13
C LEU C 139 23.64 0.18 31.97
N LEU C 140 24.53 1.08 32.37
CA LEU C 140 24.41 2.50 32.00
C LEU C 140 25.09 2.67 30.65
N GLU C 141 24.31 2.77 29.58
CA GLU C 141 24.88 2.77 28.22
C GLU C 141 25.83 3.94 27.96
N GLY C 142 25.52 5.10 28.52
CA GLY C 142 26.34 6.31 28.36
C GLY C 142 27.77 6.07 28.77
N PRO C 143 28.02 5.77 30.05
CA PRO C 143 29.44 5.53 30.43
C PRO C 143 29.92 4.12 30.13
N GLY C 144 29.00 3.17 29.99
CA GLY C 144 29.38 1.79 29.69
C GLY C 144 29.84 0.96 30.88
N LEU C 145 29.18 1.11 32.03
CA LEU C 145 29.44 0.30 33.23
C LEU C 145 28.10 0.01 33.93
N ALA C 146 28.08 -0.99 34.80
CA ALA C 146 26.84 -1.43 35.43
C ALA C 146 26.58 -0.67 36.74
N LEU C 147 25.31 -0.37 36.97
CA LEU C 147 24.77 -0.11 38.27
C LEU C 147 24.91 -1.31 39.20
N ARG C 148 24.76 -1.06 40.48
CA ARG C 148 24.99 -2.10 41.50
C ARG C 148 23.77 -2.96 41.72
N GLY C 149 23.48 -3.82 40.75
CA GLY C 149 22.31 -4.67 40.83
C GLY C 149 22.66 -5.96 41.52
N LEU C 150 21.71 -6.55 42.21
CA LEU C 150 21.97 -7.86 42.81
C LEU C 150 20.78 -8.76 42.52
N PHE C 151 21.02 -10.06 42.31
CA PHE C 151 19.94 -10.98 41.95
C PHE C 151 20.09 -12.25 42.74
N ILE C 152 19.01 -12.65 43.44
CA ILE C 152 19.02 -13.95 44.11
C ILE C 152 18.27 -14.91 43.18
N ILE C 153 18.96 -15.92 42.71
CA ILE C 153 18.39 -16.81 41.71
C ILE C 153 18.29 -18.21 42.35
N ASP C 154 17.13 -18.85 42.22
CA ASP C 154 16.89 -20.13 42.86
C ASP C 154 17.43 -21.28 42.00
N PRO C 155 17.33 -22.54 42.46
CA PRO C 155 17.89 -23.69 41.73
C PRO C 155 17.36 -23.99 40.35
N ASN C 156 16.14 -23.54 40.07
CA ASN C 156 15.60 -23.65 38.71
C ASN C 156 15.89 -22.41 37.85
N GLY C 157 16.70 -21.50 38.40
CA GLY C 157 17.08 -20.27 37.73
C GLY C 157 15.99 -19.23 37.68
N VAL C 158 15.10 -19.23 38.66
CA VAL C 158 14.05 -18.22 38.76
C VAL C 158 14.55 -17.13 39.72
N ILE C 159 14.43 -15.88 39.29
CA ILE C 159 14.71 -14.71 40.13
C ILE C 159 13.70 -14.57 41.26
N LYS C 160 14.19 -14.69 42.49
CA LYS C 160 13.37 -14.54 43.72
C LYS C 160 13.47 -13.13 44.32
N HIS C 161 14.56 -12.45 44.01
CA HIS C 161 14.82 -11.12 44.59
C HIS C 161 15.77 -10.37 43.70
N LEU C 162 15.57 -9.05 43.61
CA LEU C 162 16.57 -8.21 42.96
C LEU C 162 16.63 -6.89 43.72
N SER C 163 17.80 -6.28 43.71
CA SER C 163 17.93 -4.91 44.22
C SER C 163 19.03 -4.18 43.50
N VAL C 164 18.85 -2.88 43.40
CA VAL C 164 19.75 -2.04 42.62
C VAL C 164 20.01 -0.78 43.42
N ASN C 165 21.29 -0.42 43.53
CA ASN C 165 21.75 0.79 44.19
C ASN C 165 22.47 1.68 43.18
N ASP C 166 22.34 2.98 43.36
CA ASP C 166 23.18 3.87 42.62
C ASP C 166 24.68 3.62 42.94
N LEU C 167 25.57 4.05 42.04
CA LEU C 167 27.01 3.68 42.01
C LEU C 167 27.79 3.82 43.33
N PRO C 168 27.53 4.90 44.09
CA PRO C 168 28.33 5.14 45.31
C PRO C 168 28.04 4.22 46.50
N VAL C 169 26.92 3.50 46.50
CA VAL C 169 26.48 2.85 47.74
C VAL C 169 26.58 1.33 47.71
N GLY C 170 27.23 0.77 48.73
CA GLY C 170 27.31 -0.69 48.90
C GLY C 170 26.18 -1.24 49.76
N ARG C 171 25.88 -2.54 49.61
CA ARG C 171 24.78 -3.21 50.33
C ARG C 171 25.28 -4.06 51.49
N SER C 172 24.37 -4.57 52.31
CA SER C 172 24.74 -5.44 53.41
C SER C 172 24.79 -6.91 52.96
N VAL C 173 25.97 -7.52 53.10
CA VAL C 173 26.16 -8.92 52.84
C VAL C 173 25.31 -9.77 53.80
N GLU C 174 25.26 -9.37 55.07
CA GLU C 174 24.41 -10.04 56.05
C GLU C 174 22.97 -10.10 55.56
N GLU C 175 22.43 -8.94 55.16
CA GLU C 175 21.04 -8.89 54.70
C GLU C 175 20.79 -9.81 53.50
N THR C 176 21.74 -9.85 52.55
CA THR C 176 21.64 -10.77 51.43
C THR C 176 21.55 -12.25 51.90
N LEU C 177 22.40 -12.60 52.86
CA LEU C 177 22.44 -13.98 53.35
C LEU C 177 21.10 -14.35 53.95
N ARG C 178 20.58 -13.49 54.82
CA ARG C 178 19.29 -13.65 55.44
C ARG C 178 18.17 -13.90 54.43
N LEU C 179 18.18 -13.16 53.33
CA LEU C 179 17.17 -13.32 52.27
C LEU C 179 17.25 -14.68 51.58
N VAL C 180 18.48 -15.10 51.27
CA VAL C 180 18.73 -16.43 50.76
C VAL C 180 18.10 -17.49 51.69
N LYS C 181 18.40 -17.41 52.99
CA LYS C 181 17.92 -18.41 53.93
C LYS C 181 16.41 -18.33 54.04
N ALA C 182 15.84 -17.12 53.94
CA ALA C 182 14.38 -16.97 54.00
C ALA C 182 13.69 -17.63 52.81
N PHE C 183 14.23 -17.42 51.62
CA PHE C 183 13.65 -18.04 50.44
C PHE C 183 13.71 -19.56 50.50
N GLN C 184 14.77 -20.09 51.10
CA GLN C 184 14.93 -21.53 51.26
C GLN C 184 13.91 -22.03 52.26
N PHE C 185 13.75 -21.31 53.37
CA PHE C 185 12.74 -21.64 54.38
C PHE C 185 11.37 -21.81 53.75
N VAL C 186 11.04 -20.92 52.82
CA VAL C 186 9.75 -20.89 52.14
C VAL C 186 9.55 -22.07 51.19
N GLU C 187 10.58 -22.45 50.44
CA GLU C 187 10.50 -23.71 49.66
C GLU C 187 10.39 -24.93 50.57
N ALA C 188 11.13 -24.90 51.67
CA ALA C 188 11.19 -25.99 52.62
C ALA C 188 9.87 -26.22 53.39
N HIS C 189 9.27 -25.15 53.90
CA HIS C 189 8.13 -25.24 54.84
C HIS C 189 6.86 -24.55 54.33
N GLY C 190 6.84 -23.23 54.38
CA GLY C 190 5.69 -22.44 53.92
C GLY C 190 5.92 -20.95 54.12
N PRO D 25 10.08 9.50 33.04
CA PRO D 25 9.96 8.85 34.35
C PRO D 25 9.73 7.33 34.24
N ALA D 26 10.44 6.57 35.07
CA ALA D 26 10.32 5.10 35.11
C ALA D 26 10.73 4.61 36.52
N PRO D 27 10.30 3.38 36.88
CA PRO D 27 10.79 2.74 38.09
C PRO D 27 12.17 2.09 37.82
N ALA D 28 13.20 2.93 37.69
CA ALA D 28 14.58 2.49 37.46
C ALA D 28 15.53 3.40 38.27
N VAL D 29 16.56 2.81 38.86
CA VAL D 29 17.54 3.61 39.58
C VAL D 29 18.16 4.62 38.61
N THR D 30 18.27 5.86 39.10
CA THR D 30 18.75 7.07 38.40
C THR D 30 17.66 7.86 37.64
N GLN D 31 16.47 7.31 37.51
CA GLN D 31 15.36 7.94 36.82
C GLN D 31 14.44 8.56 37.85
N HIS D 32 13.58 9.46 37.38
CA HIS D 32 12.60 10.08 38.24
CA HIS D 32 12.57 10.09 38.24
C HIS D 32 11.48 9.07 38.54
N ALA D 33 11.10 8.99 39.80
CA ALA D 33 10.02 8.14 40.26
C ALA D 33 8.71 8.47 39.51
N PRO D 34 7.95 7.45 39.05
CA PRO D 34 6.66 7.81 38.42
C PRO D 34 5.72 8.55 39.39
N TYR D 35 4.94 9.48 38.85
CA TYR D 35 3.92 10.20 39.64
C TYR D 35 2.88 9.24 40.21
N PHE D 36 2.41 9.49 41.43
CA PHE D 36 1.27 8.71 41.98
C PHE D 36 0.39 9.65 42.79
N LYS D 37 -0.88 9.28 42.92
CA LYS D 37 -1.87 10.02 43.69
C LYS D 37 -2.97 9.02 44.08
N GLY D 38 -3.41 9.07 45.33
CA GLY D 38 -4.51 8.24 45.84
C GLY D 38 -4.88 8.58 47.29
N THR D 39 -5.82 7.82 47.85
CA THR D 39 -6.28 8.06 49.20
C THR D 39 -5.48 7.20 50.18
N ALA D 40 -4.95 7.84 51.21
CA ALA D 40 -4.21 7.14 52.26
C ALA D 40 -4.95 7.19 53.59
N VAL D 41 -4.57 6.27 54.47
CA VAL D 41 -4.95 6.43 55.88
C VAL D 41 -3.74 7.09 56.54
N VAL D 42 -3.96 8.27 57.10
CA VAL D 42 -2.92 9.08 57.79
C VAL D 42 -3.48 9.44 59.17
N SER D 43 -2.93 8.81 60.20
CA SER D 43 -3.33 9.07 61.58
C SER D 43 -4.80 8.79 61.73
N GLY D 44 -5.24 7.63 61.20
CA GLY D 44 -6.64 7.20 61.27
C GLY D 44 -7.63 8.02 60.46
N GLU D 45 -7.12 8.92 59.61
CA GLU D 45 -7.97 9.80 58.81
C GLU D 45 -7.72 9.51 57.33
N PHE D 46 -8.73 9.69 56.50
CA PHE D 46 -8.51 9.60 55.07
C PHE D 46 -7.88 10.87 54.55
N LYS D 47 -6.77 10.73 53.83
CA LYS D 47 -6.14 11.85 53.17
C LYS D 47 -5.66 11.47 51.76
N GLU D 48 -5.98 12.32 50.79
CA GLU D 48 -5.36 12.14 49.50
CA GLU D 48 -5.42 12.27 49.45
C GLU D 48 -3.95 12.70 49.50
N ILE D 49 -3.03 11.86 49.04
CA ILE D 49 -1.62 12.19 49.02
C ILE D 49 -1.10 11.85 47.64
N SER D 50 0.04 12.44 47.26
CA SER D 50 0.63 12.22 45.96
C SER D 50 2.15 12.32 46.07
N LEU D 51 2.87 11.86 45.05
CA LEU D 51 4.32 12.03 45.00
C LEU D 51 4.81 13.46 45.33
N ASP D 52 4.11 14.49 44.88
CA ASP D 52 4.45 15.92 45.17
C ASP D 52 4.52 16.32 46.65
N ASP D 53 3.68 15.70 47.46
CA ASP D 53 3.69 15.87 48.91
C ASP D 53 5.05 15.59 49.58
N PHE D 54 5.88 14.85 48.87
CA PHE D 54 7.15 14.37 49.40
C PHE D 54 8.38 15.08 48.83
N LYS D 55 8.19 16.03 47.91
CA LYS D 55 9.34 16.76 47.40
CA LYS D 55 9.26 16.90 47.40
C LYS D 55 10.06 17.46 48.57
N GLY D 56 11.38 17.49 48.46
CA GLY D 56 12.25 18.00 49.52
C GLY D 56 12.45 17.04 50.69
N LYS D 57 11.87 15.85 50.59
CA LYS D 57 12.09 14.78 51.59
C LYS D 57 12.46 13.48 50.89
N TYR D 58 13.13 12.61 51.62
CA TYR D 58 13.33 11.25 51.15
C TYR D 58 12.01 10.50 51.36
N LEU D 59 11.75 9.53 50.48
CA LEU D 59 10.50 8.78 50.54
C LEU D 59 10.79 7.31 50.34
N VAL D 60 10.46 6.52 51.36
CA VAL D 60 10.46 5.07 51.22
C VAL D 60 9.08 4.68 50.80
N LEU D 61 8.94 4.16 49.58
CA LEU D 61 7.64 3.74 49.06
C LEU D 61 7.73 2.24 48.90
N PHE D 62 7.02 1.50 49.74
CA PHE D 62 7.05 0.06 49.56
C PHE D 62 5.67 -0.55 49.30
N PHE D 63 5.64 -1.64 48.58
CA PHE D 63 4.39 -2.28 48.21
C PHE D 63 4.29 -3.63 48.94
N TYR D 64 3.07 -4.05 49.23
CA TYR D 64 2.87 -5.38 49.79
C TYR D 64 1.59 -5.89 49.13
N PRO D 65 1.40 -7.23 49.12
CA PRO D 65 0.29 -7.79 48.34
C PRO D 65 -1.12 -7.42 48.84
N LEU D 66 -1.47 -7.76 50.09
CA LEU D 66 -2.86 -7.65 50.57
C LEU D 66 -2.99 -7.43 52.08
N ASP D 67 -3.97 -6.61 52.43
CA ASP D 67 -4.46 -6.43 53.79
C ASP D 67 -4.96 -7.73 54.33
N PHE D 68 -4.91 -7.91 55.66
CA PHE D 68 -5.50 -9.07 56.34
C PHE D 68 -4.92 -10.43 55.91
N THR D 69 -3.64 -10.47 55.59
CA THR D 69 -2.91 -11.74 55.35
C THR D 69 -1.88 -11.95 56.47
N PHE D 70 -1.59 -13.22 56.76
CA PHE D 70 -0.71 -13.63 57.88
C PHE D 70 0.74 -13.17 57.73
N VAL D 71 1.20 -13.01 56.51
CA VAL D 71 2.61 -12.67 56.27
C VAL D 71 2.99 -11.18 56.51
N CYS D 72 2.39 -10.27 55.71
CA CYS D 72 2.73 -8.82 55.61
C CYS D 72 2.94 -7.96 56.88
N PRO D 73 2.10 -8.14 57.93
CA PRO D 73 2.08 -7.12 59.01
C PRO D 73 3.44 -6.88 59.68
N THR D 74 4.26 -7.93 59.81
CA THR D 74 5.58 -7.80 60.44
C THR D 74 6.41 -6.68 59.81
N GLU D 75 6.56 -6.75 58.49
CA GLU D 75 7.23 -5.69 57.72
C GLU D 75 6.63 -4.31 58.02
N ILE D 76 5.32 -4.18 57.83
CA ILE D 76 4.61 -2.90 58.01
C ILE D 76 4.74 -2.34 59.44
N ILE D 77 4.56 -3.21 60.43
CA ILE D 77 4.66 -2.84 61.84
C ILE D 77 6.11 -2.42 62.17
N ALA D 78 7.06 -3.22 61.66
CA ALA D 78 8.46 -2.92 61.87
C ALA D 78 8.76 -1.51 61.34
N PHE D 79 8.22 -1.20 60.16
CA PHE D 79 8.38 0.14 59.59
C PHE D 79 7.73 1.21 60.47
N SER D 80 6.57 0.90 61.04
CA SER D 80 5.85 1.86 61.87
C SER D 80 6.61 2.15 63.15
N ASP D 81 7.08 1.09 63.81
CA ASP D 81 7.84 1.24 65.06
C ASP D 81 9.10 2.09 64.84
N LYS D 82 9.74 1.92 63.69
CA LYS D 82 10.99 2.64 63.39
C LYS D 82 10.78 3.99 62.68
N ALA D 83 9.52 4.36 62.47
CA ALA D 83 9.18 5.55 61.67
C ALA D 83 9.87 6.82 62.14
N SER D 84 9.86 7.10 63.43
CA SER D 84 10.51 8.33 63.95
C SER D 84 12.01 8.43 63.59
N GLU D 85 12.72 7.29 63.59
CA GLU D 85 14.13 7.26 63.18
C GLU D 85 14.27 7.74 61.74
N PHE D 86 13.33 7.30 60.89
CA PHE D 86 13.22 7.75 59.50
C PHE D 86 12.95 9.26 59.43
N HIS D 87 11.97 9.71 60.20
CA HIS D 87 11.67 11.14 60.35
C HIS D 87 12.89 11.95 60.76
N ASP D 88 13.67 11.41 61.70
CA ASP D 88 14.87 12.09 62.22
C ASP D 88 15.81 12.46 61.11
N VAL D 89 15.83 11.61 60.07
CA VAL D 89 16.67 11.89 58.90
C VAL D 89 15.85 12.38 57.70
N ASN D 90 14.72 13.02 57.97
CA ASN D 90 13.93 13.64 56.91
C ASN D 90 13.42 12.63 55.85
N CYS D 91 12.94 11.48 56.34
CA CYS D 91 12.44 10.45 55.43
C CYS D 91 11.06 9.96 55.82
N GLU D 92 10.13 10.06 54.86
CA GLU D 92 8.74 9.57 55.00
C GLU D 92 8.63 8.12 54.53
N VAL D 93 7.76 7.34 55.15
CA VAL D 93 7.55 5.94 54.73
C VAL D 93 6.09 5.76 54.33
N VAL D 94 5.84 5.22 53.15
CA VAL D 94 4.48 4.99 52.66
C VAL D 94 4.31 3.53 52.21
N ALA D 95 3.41 2.81 52.85
CA ALA D 95 3.10 1.42 52.46
C ALA D 95 1.98 1.45 51.42
N VAL D 96 2.11 0.66 50.37
CA VAL D 96 1.04 0.59 49.34
C VAL D 96 0.55 -0.82 49.10
N SER D 97 -0.79 -0.95 49.00
CA SER D 97 -1.37 -2.16 48.40
C SER D 97 -2.60 -1.82 47.60
N VAL D 98 -3.09 -2.81 46.84
CA VAL D 98 -4.21 -2.62 45.93
C VAL D 98 -5.55 -2.59 46.68
N ASP D 99 -5.51 -2.77 48.00
CA ASP D 99 -6.74 -2.70 48.81
C ASP D 99 -7.30 -1.26 48.81
N SER D 100 -8.59 -1.14 49.09
CA SER D 100 -9.23 0.15 49.34
C SER D 100 -8.69 0.77 50.64
N HIS D 101 -8.91 2.07 50.81
CA HIS D 101 -8.55 2.72 52.06
C HIS D 101 -9.46 2.24 53.22
N PHE D 102 -10.65 1.72 52.93
CA PHE D 102 -11.52 1.21 53.97
C PHE D 102 -10.95 -0.05 54.57
N SER D 103 -10.39 -0.91 53.72
CA SER D 103 -9.68 -2.08 54.21
C SER D 103 -8.48 -1.71 55.08
N HIS D 104 -7.71 -0.73 54.62
CA HIS D 104 -6.54 -0.25 55.37
C HIS D 104 -7.01 0.19 56.78
N LEU D 105 -8.10 0.94 56.86
CA LEU D 105 -8.49 1.51 58.15
C LEU D 105 -8.98 0.41 59.09
N ALA D 106 -9.73 -0.54 58.53
CA ALA D 106 -10.17 -1.73 59.29
C ALA D 106 -8.99 -2.54 59.81
N TRP D 107 -7.94 -2.65 58.98
CA TRP D 107 -6.70 -3.33 59.42
C TRP D 107 -5.98 -2.57 60.53
N ILE D 108 -5.90 -1.24 60.39
CA ILE D 108 -5.35 -0.39 61.44
C ILE D 108 -6.17 -0.55 62.73
N ASN D 109 -7.50 -0.51 62.60
CA ASN D 109 -8.39 -0.65 63.75
C ASN D 109 -8.48 -2.06 64.31
N THR D 110 -7.65 -2.97 63.79
CA THR D 110 -7.58 -4.32 64.33
C THR D 110 -6.31 -4.47 65.13
N PRO D 111 -6.43 -4.74 66.46
CA PRO D 111 -5.28 -4.87 67.40
C PRO D 111 -4.21 -5.87 66.89
N ARG D 112 -2.94 -5.53 67.12
CA ARG D 112 -1.83 -6.42 66.73
C ARG D 112 -2.01 -7.85 67.21
N LYS D 113 -2.48 -8.03 68.45
CA LYS D 113 -2.64 -9.38 69.00
C LYS D 113 -3.54 -10.29 68.13
N ASN D 114 -4.50 -9.69 67.45
CA ASN D 114 -5.45 -10.43 66.61
C ASN D 114 -5.01 -10.63 65.16
N GLY D 115 -3.80 -10.18 64.84
CA GLY D 115 -3.29 -10.26 63.48
C GLY D 115 -3.46 -8.96 62.71
N GLY D 116 -3.87 -7.90 63.41
CA GLY D 116 -4.05 -6.62 62.78
C GLY D 116 -2.80 -5.78 62.73
N LEU D 117 -2.95 -4.50 62.42
CA LEU D 117 -1.86 -3.55 62.34
C LEU D 117 -1.74 -2.68 63.57
N GLY D 118 -2.86 -2.46 64.26
CA GLY D 118 -2.92 -1.51 65.37
C GLY D 118 -2.52 -0.14 64.86
N HIS D 119 -2.09 0.72 65.78
CA HIS D 119 -1.62 2.09 65.47
C HIS D 119 -0.53 2.16 64.39
N MET D 120 -0.60 3.17 63.53
CA MET D 120 0.34 3.27 62.43
C MET D 120 0.95 4.66 62.38
N ASN D 121 2.28 4.69 62.37
CA ASN D 121 3.05 5.93 62.25
C ASN D 121 3.40 6.29 60.82
N ILE D 122 3.18 5.35 59.91
CA ILE D 122 3.35 5.57 58.47
C ILE D 122 1.99 5.70 57.76
N ALA D 123 2.00 6.24 56.54
CA ALA D 123 0.81 6.30 55.69
C ALA D 123 0.52 4.93 55.06
N LEU D 124 -0.75 4.54 55.02
CA LEU D 124 -1.16 3.33 54.31
C LEU D 124 -1.96 3.75 53.10
N LEU D 125 -1.36 3.64 51.91
CA LEU D 125 -1.92 4.22 50.72
C LEU D 125 -2.68 3.16 49.90
N SER D 126 -3.90 3.50 49.48
CA SER D 126 -4.71 2.59 48.71
C SER D 126 -4.40 2.74 47.23
N ASP D 127 -4.23 1.62 46.54
CA ASP D 127 -4.07 1.63 45.10
C ASP D 127 -5.19 0.85 44.50
N LEU D 128 -6.43 1.22 44.83
CA LEU D 128 -7.61 0.47 44.40
C LEU D 128 -7.74 0.28 42.87
N THR D 129 -7.30 1.27 42.09
CA THR D 129 -7.35 1.14 40.61
C THR D 129 -6.19 0.30 40.06
N LYS D 130 -5.19 0.07 40.91
CA LYS D 130 -4.00 -0.72 40.61
C LYS D 130 -2.99 0.00 39.71
N GLN D 131 -3.27 1.26 39.34
CA GLN D 131 -2.39 2.00 38.43
C GLN D 131 -1.03 2.34 39.05
N ILE D 132 -1.00 2.57 40.36
CA ILE D 132 0.25 2.88 41.06
C ILE D 132 1.21 1.69 40.98
N SER D 133 0.70 0.51 41.33
CA SER D 133 1.43 -0.73 41.17
C SER D 133 1.88 -0.97 39.73
N ARG D 134 1.03 -0.63 38.75
CA ARG D 134 1.45 -0.70 37.34
C ARG D 134 2.56 0.28 37.03
N ASP D 135 2.42 1.54 37.45
CA ASP D 135 3.40 2.54 37.03
C ASP D 135 4.74 2.24 37.65
N TYR D 136 4.71 1.54 38.78
CA TYR D 136 5.93 1.20 39.51
C TYR D 136 6.46 -0.17 39.14
N GLY D 137 5.83 -0.76 38.10
CA GLY D 137 6.23 -2.04 37.55
C GLY D 137 6.23 -3.17 38.56
N VAL D 138 5.32 -3.15 39.53
CA VAL D 138 5.25 -4.24 40.54
C VAL D 138 3.93 -5.02 40.54
N LEU D 139 3.00 -4.60 39.70
CA LEU D 139 1.74 -5.31 39.67
C LEU D 139 1.82 -6.63 38.92
N LEU D 140 1.26 -7.66 39.52
CA LEU D 140 0.95 -8.91 38.85
C LEU D 140 -0.51 -8.81 38.33
N GLU D 141 -0.70 -8.62 37.01
CA GLU D 141 -2.04 -8.44 36.44
C GLU D 141 -2.93 -9.65 36.60
N GLY D 142 -2.40 -10.83 36.36
CA GLY D 142 -3.20 -12.04 36.51
C GLY D 142 -3.89 -12.08 37.87
N PRO D 143 -3.10 -12.14 38.97
CA PRO D 143 -3.81 -12.13 40.27
C PRO D 143 -4.30 -10.75 40.70
N GLY D 144 -3.78 -9.67 40.12
CA GLY D 144 -4.24 -8.31 40.42
C GLY D 144 -3.75 -7.79 41.78
N LEU D 145 -2.50 -8.11 42.12
CA LEU D 145 -1.85 -7.56 43.32
C LEU D 145 -0.36 -7.24 43.09
N ALA D 146 0.23 -6.45 44.01
CA ALA D 146 1.64 -6.01 43.89
C ALA D 146 2.65 -7.02 44.47
N LEU D 147 3.77 -7.22 43.76
CA LEU D 147 4.97 -7.83 44.33
C LEU D 147 5.48 -6.88 45.41
N ARG D 148 6.38 -7.37 46.26
CA ARG D 148 6.85 -6.49 47.32
C ARG D 148 8.01 -5.66 46.86
N GLY D 149 7.74 -4.57 46.15
CA GLY D 149 8.79 -3.64 45.76
C GLY D 149 9.03 -2.59 46.81
N LEU D 150 10.24 -2.06 46.87
CA LEU D 150 10.54 -1.01 47.80
C LEU D 150 11.38 -0.02 47.00
N PHE D 151 11.05 1.26 47.09
CA PHE D 151 11.75 2.30 46.35
C PHE D 151 12.22 3.33 47.31
N ILE D 152 13.51 3.68 47.21
CA ILE D 152 14.03 4.85 47.93
C ILE D 152 14.13 6.03 46.99
N ILE D 153 13.28 7.02 47.23
CA ILE D 153 13.17 8.20 46.37
C ILE D 153 13.78 9.41 47.10
N ASP D 154 14.69 10.10 46.44
CA ASP D 154 15.36 11.24 47.04
C ASP D 154 14.50 12.54 46.97
N PRO D 155 14.95 13.63 47.60
CA PRO D 155 14.20 14.90 47.66
C PRO D 155 13.81 15.50 46.32
N ASN D 156 14.51 15.13 45.24
CA ASN D 156 14.18 15.62 43.90
C ASN D 156 13.39 14.61 43.10
N GLY D 157 12.91 13.57 43.80
CA GLY D 157 12.10 12.51 43.19
C GLY D 157 12.85 11.48 42.36
N VAL D 158 14.19 11.42 42.49
CA VAL D 158 15.03 10.46 41.76
C VAL D 158 15.14 9.21 42.59
N ILE D 159 14.93 8.07 41.94
CA ILE D 159 15.13 6.78 42.55
C ILE D 159 16.60 6.43 42.78
N LYS D 160 16.96 6.22 44.03
CA LYS D 160 18.33 5.87 44.41
C LYS D 160 18.54 4.38 44.58
N HIS D 161 17.45 3.69 44.91
CA HIS D 161 17.51 2.28 45.25
C HIS D 161 16.15 1.63 45.01
N LEU D 162 16.14 0.39 44.55
CA LEU D 162 14.92 -0.36 44.53
C LEU D 162 15.23 -1.78 44.86
N SER D 163 14.27 -2.47 45.45
CA SER D 163 14.37 -3.89 45.60
C SER D 163 13.00 -4.49 45.45
N VAL D 164 12.96 -5.70 44.96
CA VAL D 164 11.69 -6.41 44.75
C VAL D 164 11.84 -7.82 45.32
N ASN D 165 10.94 -8.18 46.24
CA ASN D 165 10.84 -9.57 46.72
C ASN D 165 9.59 -10.25 46.22
N ASP D 166 9.73 -11.52 45.94
CA ASP D 166 8.60 -12.38 45.80
C ASP D 166 7.65 -12.34 47.04
N LEU D 167 6.36 -12.55 46.74
CA LEU D 167 5.24 -12.36 47.69
C LEU D 167 5.43 -12.74 49.20
N PRO D 168 6.07 -13.92 49.51
CA PRO D 168 6.15 -14.42 50.91
C PRO D 168 7.19 -13.81 51.83
N VAL D 169 8.22 -13.17 51.28
CA VAL D 169 9.38 -12.82 52.09
C VAL D 169 9.41 -11.32 52.44
N GLY D 170 9.54 -11.03 53.75
CA GLY D 170 9.68 -9.67 54.30
C GLY D 170 11.08 -9.06 54.21
N ARG D 171 11.15 -7.76 54.49
CA ARG D 171 12.34 -6.93 54.26
C ARG D 171 12.91 -6.35 55.56
N SER D 172 14.22 -6.22 55.66
CA SER D 172 14.82 -5.53 56.81
C SER D 172 14.64 -4.01 56.82
N VAL D 173 13.96 -3.52 57.85
CA VAL D 173 13.70 -2.11 58.03
C VAL D 173 15.02 -1.42 58.30
N GLU D 174 15.93 -2.11 59.00
CA GLU D 174 17.18 -1.53 59.49
C GLU D 174 18.11 -1.20 58.33
N GLU D 175 18.14 -2.11 57.35
CA GLU D 175 18.93 -1.96 56.14
C GLU D 175 18.40 -0.83 55.26
N THR D 176 17.07 -0.73 55.18
CA THR D 176 16.48 0.39 54.46
C THR D 176 16.90 1.71 55.05
N LEU D 177 16.85 1.81 56.38
CA LEU D 177 17.30 3.02 57.10
C LEU D 177 18.80 3.32 56.86
N ARG D 178 19.65 2.30 56.97
CA ARG D 178 21.07 2.47 56.64
C ARG D 178 21.22 3.01 55.20
N LEU D 179 20.41 2.48 54.27
CA LEU D 179 20.50 2.91 52.88
C LEU D 179 20.11 4.37 52.71
N VAL D 180 19.10 4.82 53.44
CA VAL D 180 18.69 6.22 53.38
C VAL D 180 19.84 7.11 53.84
N LYS D 181 20.48 6.73 54.95
CA LYS D 181 21.55 7.54 55.53
C LYS D 181 22.77 7.56 54.63
N ALA D 182 23.02 6.41 53.98
CA ALA D 182 24.14 6.26 53.05
C ALA D 182 24.00 7.22 51.87
N PHE D 183 22.79 7.28 51.30
CA PHE D 183 22.55 8.13 50.15
C PHE D 183 22.62 9.60 50.52
N GLN D 184 22.21 9.92 51.74
CA GLN D 184 22.18 11.31 52.22
C GLN D 184 23.57 11.84 52.39
N PHE D 185 24.45 11.00 52.96
CA PHE D 185 25.86 11.32 53.10
C PHE D 185 26.49 11.56 51.73
N VAL D 186 26.41 10.53 50.89
CA VAL D 186 26.94 10.59 49.54
C VAL D 186 26.46 11.84 48.78
N GLU D 187 25.15 12.13 48.79
CA GLU D 187 24.55 13.27 48.03
C GLU D 187 24.96 14.65 48.55
N ALA D 188 25.51 14.68 49.76
CA ALA D 188 26.15 15.87 50.34
C ALA D 188 27.64 15.96 50.00
N HIS D 189 28.26 14.83 49.62
CA HIS D 189 29.72 14.81 49.31
C HIS D 189 30.10 14.13 47.98
N PRO E 27 -24.18 -7.07 29.78
CA PRO E 27 -25.10 -8.17 29.43
C PRO E 27 -26.60 -7.76 29.60
N ALA E 28 -27.53 -8.52 29.00
CA ALA E 28 -28.98 -8.21 29.01
C ALA E 28 -29.89 -9.40 29.36
N VAL E 29 -31.07 -9.10 29.89
CA VAL E 29 -32.11 -10.11 30.12
C VAL E 29 -32.40 -10.87 28.83
N THR E 30 -32.64 -12.19 28.98
CA THR E 30 -32.73 -13.21 27.89
C THR E 30 -31.37 -13.67 27.30
N GLN E 31 -30.27 -13.11 27.78
CA GLN E 31 -28.95 -13.59 27.34
C GLN E 31 -28.30 -14.42 28.44
N HIS E 32 -27.38 -15.28 28.03
CA HIS E 32 -26.63 -16.08 28.96
CA HIS E 32 -26.57 -16.08 28.97
C HIS E 32 -25.76 -15.13 29.78
N ALA E 33 -25.62 -15.45 31.05
CA ALA E 33 -24.80 -14.73 31.99
C ALA E 33 -23.35 -14.86 31.59
N PRO E 34 -22.59 -13.77 31.77
CA PRO E 34 -21.15 -13.86 31.55
C PRO E 34 -20.53 -14.89 32.49
N TYR E 35 -19.50 -15.57 32.01
CA TYR E 35 -18.73 -16.45 32.86
C TYR E 35 -18.10 -15.69 34.02
N PHE E 36 -17.98 -16.37 35.16
CA PHE E 36 -17.20 -15.86 36.27
C PHE E 36 -16.49 -17.00 36.98
N LYS E 37 -15.36 -16.66 37.60
CA LYS E 37 -14.64 -17.59 38.44
C LYS E 37 -13.83 -16.76 39.39
N GLY E 38 -13.73 -17.19 40.65
CA GLY E 38 -12.93 -16.48 41.64
C GLY E 38 -12.93 -17.18 42.99
N THR E 39 -12.16 -16.64 43.92
CA THR E 39 -12.13 -17.15 45.25
C THR E 39 -13.26 -16.52 46.10
N ALA E 40 -14.08 -17.38 46.68
CA ALA E 40 -15.18 -16.95 47.56
C ALA E 40 -14.89 -17.44 48.99
N VAL E 41 -15.35 -16.66 49.97
CA VAL E 41 -15.48 -17.13 51.31
C VAL E 41 -16.82 -17.85 51.44
N VAL E 42 -16.75 -19.13 51.77
CA VAL E 42 -17.92 -20.00 51.93
C VAL E 42 -17.81 -20.72 53.27
N SER E 43 -18.79 -20.49 54.14
CA SER E 43 -18.77 -20.99 55.52
C SER E 43 -17.43 -20.74 56.22
N GLY E 44 -16.87 -19.54 56.07
CA GLY E 44 -15.58 -19.22 56.70
C GLY E 44 -14.33 -19.89 56.11
N GLU E 45 -14.46 -20.51 54.93
CA GLU E 45 -13.34 -21.11 54.19
CA GLU E 45 -13.28 -21.03 54.23
C GLU E 45 -13.16 -20.50 52.79
N PHE E 46 -11.95 -20.43 52.28
CA PHE E 46 -11.73 -20.05 50.89
C PHE E 46 -12.09 -21.19 49.94
N LYS E 47 -12.91 -20.87 48.94
CA LYS E 47 -13.26 -21.84 47.91
C LYS E 47 -13.33 -21.19 46.54
N GLU E 48 -12.86 -21.93 45.55
CA GLU E 48 -12.92 -21.52 44.16
C GLU E 48 -14.30 -21.87 43.61
N ILE E 49 -15.08 -20.84 43.25
CA ILE E 49 -16.42 -21.05 42.65
C ILE E 49 -16.46 -20.44 41.24
N SER E 50 -17.39 -20.90 40.43
CA SER E 50 -17.54 -20.37 39.10
C SER E 50 -19.00 -20.46 38.64
N LEU E 51 -19.35 -19.84 37.53
CA LEU E 51 -20.70 -19.94 37.00
C LEU E 51 -21.15 -21.38 36.74
N ASP E 52 -20.21 -22.25 36.38
CA ASP E 52 -20.52 -23.66 36.11
C ASP E 52 -21.05 -24.42 37.33
N ASP E 53 -20.67 -23.96 38.53
CA ASP E 53 -21.08 -24.63 39.75
C ASP E 53 -22.59 -24.48 39.97
N PHE E 54 -23.24 -23.54 39.31
CA PHE E 54 -24.64 -23.26 39.59
C PHE E 54 -25.63 -23.79 38.54
N LYS E 55 -25.15 -24.55 37.56
CA LYS E 55 -26.05 -25.17 36.61
C LYS E 55 -27.02 -26.03 37.40
N GLY E 56 -28.27 -26.04 36.99
CA GLY E 56 -29.28 -26.84 37.68
C GLY E 56 -29.97 -26.07 38.77
N LYS E 57 -29.34 -25.00 39.26
CA LYS E 57 -29.92 -24.14 40.29
C LYS E 57 -30.16 -22.72 39.78
N TYR E 58 -31.12 -22.04 40.39
CA TYR E 58 -31.18 -20.57 40.27
C TYR E 58 -30.02 -19.93 41.01
N LEU E 59 -29.62 -18.76 40.55
CA LEU E 59 -28.57 -17.99 41.20
C LEU E 59 -28.92 -16.50 41.27
N VAL E 60 -28.80 -15.93 42.46
CA VAL E 60 -28.89 -14.48 42.64
C VAL E 60 -27.48 -13.99 42.86
N LEU E 61 -26.97 -13.23 41.90
CA LEU E 61 -25.61 -12.68 41.93
C LEU E 61 -25.73 -11.17 42.10
N PHE E 62 -25.18 -10.63 43.18
CA PHE E 62 -25.27 -9.18 43.37
C PHE E 62 -23.98 -8.56 43.78
N PHE E 63 -23.86 -7.28 43.46
CA PHE E 63 -22.61 -6.59 43.63
C PHE E 63 -22.78 -5.49 44.64
N TYR E 64 -21.72 -5.22 45.38
CA TYR E 64 -21.69 -4.08 46.26
C TYR E 64 -20.34 -3.42 46.07
N PRO E 65 -20.23 -2.13 46.45
CA PRO E 65 -19.02 -1.35 46.17
C PRO E 65 -17.74 -1.86 46.86
N LEU E 66 -17.76 -2.02 48.19
CA LEU E 66 -16.55 -2.18 48.99
C LEU E 66 -16.83 -2.74 50.40
N ASP E 67 -16.01 -3.71 50.83
CA ASP E 67 -15.97 -4.17 52.23
C ASP E 67 -15.72 -3.01 53.21
N PHE E 68 -16.23 -3.13 54.43
CA PHE E 68 -15.98 -2.15 55.51
C PHE E 68 -16.47 -0.74 55.21
N THR E 69 -17.58 -0.59 54.51
CA THR E 69 -18.25 0.71 54.35
C THR E 69 -19.62 0.56 54.99
N PHE E 70 -20.14 1.62 55.61
CA PHE E 70 -21.42 1.52 56.36
C PHE E 70 -22.70 1.31 55.52
N VAL E 71 -22.63 1.62 54.22
CA VAL E 71 -23.76 1.49 53.27
C VAL E 71 -24.17 0.07 52.80
N CYS E 72 -23.27 -0.92 52.87
CA CYS E 72 -23.45 -2.26 52.27
C CYS E 72 -23.99 -3.39 53.15
N PRO E 73 -23.55 -3.43 54.46
CA PRO E 73 -23.85 -4.60 55.29
C PRO E 73 -25.35 -4.90 55.41
N THR E 74 -26.20 -3.87 55.48
CA THR E 74 -27.66 -4.09 55.65
C THR E 74 -28.26 -5.04 54.61
N GLU E 75 -27.99 -4.74 53.33
CA GLU E 75 -28.44 -5.61 52.26
C GLU E 75 -27.80 -6.99 52.35
N ILE E 76 -26.49 -7.03 52.59
CA ILE E 76 -25.76 -8.30 52.58
C ILE E 76 -26.28 -9.15 53.73
N ILE E 77 -26.35 -8.54 54.91
CA ILE E 77 -26.97 -9.15 56.07
C ILE E 77 -28.38 -9.68 55.73
N ALA E 78 -29.20 -8.87 55.07
CA ALA E 78 -30.57 -9.28 54.80
C ALA E 78 -30.62 -10.52 53.90
N PHE E 79 -29.77 -10.56 52.88
CA PHE E 79 -29.65 -11.78 52.08
C PHE E 79 -29.17 -12.97 52.93
N SER E 80 -28.16 -12.77 53.77
CA SER E 80 -27.74 -13.86 54.67
C SER E 80 -28.90 -14.42 55.52
N ASP E 81 -29.62 -13.52 56.21
CA ASP E 81 -30.74 -13.91 57.09
C ASP E 81 -31.81 -14.67 56.35
N LYS E 82 -32.00 -14.35 55.08
CA LYS E 82 -33.09 -14.92 54.27
C LYS E 82 -32.63 -16.06 53.39
N ALA E 83 -31.33 -16.37 53.45
CA ALA E 83 -30.72 -17.37 52.58
C ALA E 83 -31.41 -18.75 52.55
N SER E 84 -31.87 -19.22 53.72
CA SER E 84 -32.59 -20.50 53.79
C SER E 84 -33.82 -20.51 52.86
N GLU E 85 -34.54 -19.39 52.80
CA GLU E 85 -35.73 -19.28 51.95
C GLU E 85 -35.35 -19.51 50.49
N PHE E 86 -34.22 -18.90 50.09
CA PHE E 86 -33.72 -19.02 48.71
C PHE E 86 -33.34 -20.48 48.44
N HIS E 87 -32.58 -21.09 49.35
CA HIS E 87 -32.21 -22.52 49.19
C HIS E 87 -33.42 -23.43 49.04
N ASP E 88 -34.50 -23.12 49.79
CA ASP E 88 -35.75 -23.92 49.74
C ASP E 88 -36.37 -23.91 48.35
N VAL E 89 -36.07 -22.87 47.56
CA VAL E 89 -36.51 -22.82 46.16
C VAL E 89 -35.37 -23.09 45.15
N ASN E 90 -34.41 -23.90 45.57
CA ASN E 90 -33.30 -24.31 44.71
C ASN E 90 -32.51 -23.08 44.17
N CYS E 91 -32.34 -22.06 45.02
CA CYS E 91 -31.65 -20.82 44.62
C CYS E 91 -30.46 -20.45 45.50
N GLU E 92 -29.29 -20.25 44.88
CA GLU E 92 -28.10 -19.83 45.61
C GLU E 92 -27.97 -18.34 45.56
N VAL E 93 -27.35 -17.75 46.57
CA VAL E 93 -27.11 -16.33 46.62
C VAL E 93 -25.63 -16.11 46.76
N VAL E 94 -25.05 -15.33 45.86
CA VAL E 94 -23.63 -14.99 45.92
C VAL E 94 -23.47 -13.48 45.90
N ALA E 95 -22.77 -12.95 46.90
CA ALA E 95 -22.37 -11.52 46.93
C ALA E 95 -20.95 -11.32 46.35
N VAL E 96 -20.75 -10.23 45.59
CA VAL E 96 -19.49 -9.96 44.90
C VAL E 96 -19.06 -8.54 45.15
N SER E 97 -17.77 -8.35 45.39
CA SER E 97 -17.18 -7.02 45.33
C SER E 97 -15.75 -7.16 44.92
N VAL E 98 -15.11 -6.04 44.62
CA VAL E 98 -13.76 -6.07 44.12
C VAL E 98 -12.70 -6.26 45.22
N ASP E 99 -13.10 -6.29 46.49
CA ASP E 99 -12.12 -6.56 47.54
C ASP E 99 -11.52 -8.00 47.41
N SER E 100 -10.37 -8.26 48.01
CA SER E 100 -9.86 -9.63 48.12
C SER E 100 -10.72 -10.52 49.03
N HIS E 101 -10.54 -11.84 48.89
CA HIS E 101 -11.19 -12.79 49.81
C HIS E 101 -10.68 -12.71 51.28
N PHE E 102 -9.46 -12.21 51.50
CA PHE E 102 -9.02 -11.92 52.87
C PHE E 102 -9.77 -10.72 53.46
N SER E 103 -10.06 -9.69 52.67
CA SER E 103 -10.94 -8.61 53.22
C SER E 103 -12.35 -9.12 53.49
N HIS E 104 -12.87 -9.97 52.60
CA HIS E 104 -14.16 -10.59 52.85
C HIS E 104 -14.15 -11.29 54.22
N LEU E 105 -13.20 -12.20 54.43
CA LEU E 105 -13.12 -13.01 55.65
C LEU E 105 -13.01 -12.12 56.88
N ALA E 106 -12.16 -11.11 56.80
CA ALA E 106 -11.97 -10.16 57.89
C ALA E 106 -13.27 -9.46 58.25
N TRP E 107 -14.10 -9.18 57.25
CA TRP E 107 -15.32 -8.46 57.50
C TRP E 107 -16.36 -9.40 58.09
N ILE E 108 -16.33 -10.65 57.63
CA ILE E 108 -17.12 -11.71 58.25
C ILE E 108 -16.74 -11.89 59.72
N ASN E 109 -15.44 -11.95 60.01
CA ASN E 109 -14.97 -12.08 61.39
C ASN E 109 -15.16 -10.80 62.22
N THR E 110 -15.68 -9.74 61.62
CA THR E 110 -16.02 -8.55 62.42
C THR E 110 -17.48 -8.66 62.85
N PRO E 111 -17.77 -8.50 64.16
CA PRO E 111 -19.14 -8.73 64.63
C PRO E 111 -20.09 -7.66 64.12
N ARG E 112 -21.36 -8.05 64.00
CA ARG E 112 -22.36 -7.15 63.46
C ARG E 112 -22.50 -5.82 64.19
N LYS E 113 -22.48 -5.82 65.53
CA LYS E 113 -22.57 -4.55 66.28
C LYS E 113 -21.41 -3.59 65.99
N ASN E 114 -20.25 -4.16 65.67
CA ASN E 114 -19.09 -3.37 65.31
C ASN E 114 -19.10 -3.02 63.82
N GLY E 115 -20.28 -3.12 63.20
CA GLY E 115 -20.47 -2.75 61.79
C GLY E 115 -19.98 -3.79 60.78
N GLY E 116 -19.67 -4.99 61.24
CA GLY E 116 -19.21 -6.05 60.36
C GLY E 116 -20.34 -6.92 59.83
N LEU E 117 -19.99 -7.99 59.15
CA LEU E 117 -21.01 -8.86 58.59
C LEU E 117 -21.39 -9.98 59.52
N GLY E 118 -20.48 -10.36 60.42
CA GLY E 118 -20.65 -11.55 61.24
C GLY E 118 -20.83 -12.78 60.36
N HIS E 119 -21.36 -13.86 60.94
CA HIS E 119 -21.56 -15.10 60.21
C HIS E 119 -22.32 -14.93 58.89
N MET E 120 -21.84 -15.58 57.84
CA MET E 120 -22.53 -15.49 56.57
C MET E 120 -23.14 -16.81 56.09
N ASN E 121 -24.39 -16.75 55.59
CA ASN E 121 -25.03 -17.92 54.98
C ASN E 121 -24.93 -17.99 53.47
N ILE E 122 -24.33 -16.97 52.87
CA ILE E 122 -24.17 -16.86 51.41
C ILE E 122 -22.68 -16.87 51.05
N ALA E 123 -22.35 -17.20 49.80
CA ALA E 123 -20.96 -17.04 49.36
C ALA E 123 -20.58 -15.55 49.19
N LEU E 124 -19.36 -15.22 49.59
CA LEU E 124 -18.81 -13.89 49.31
C LEU E 124 -17.62 -14.00 48.34
N LEU E 125 -17.88 -13.64 47.09
CA LEU E 125 -16.93 -13.84 46.00
C LEU E 125 -16.02 -12.63 45.92
N SER E 126 -14.73 -12.88 45.83
CA SER E 126 -13.79 -11.82 45.55
C SER E 126 -13.65 -11.57 44.06
N ASP E 127 -13.79 -10.31 43.66
CA ASP E 127 -13.48 -9.88 42.28
C ASP E 127 -12.20 -9.02 42.26
N LEU E 128 -11.13 -9.51 42.89
CA LEU E 128 -9.85 -8.80 42.92
C LEU E 128 -9.38 -8.27 41.55
N THR E 129 -9.55 -9.06 40.47
CA THR E 129 -9.03 -8.65 39.15
C THR E 129 -9.95 -7.65 38.49
N LYS E 130 -11.12 -7.41 39.11
CA LYS E 130 -12.20 -6.55 38.58
C LYS E 130 -12.86 -7.11 37.31
N GLN E 131 -12.40 -8.27 36.83
CA GLN E 131 -12.92 -8.77 35.56
C GLN E 131 -14.41 -9.09 35.63
N ILE E 132 -14.87 -9.57 36.79
CA ILE E 132 -16.26 -9.98 36.95
C ILE E 132 -17.20 -8.81 36.90
N SER E 133 -16.86 -7.73 37.61
CA SER E 133 -17.61 -6.51 37.54
C SER E 133 -17.60 -5.96 36.13
N ARG E 134 -16.44 -6.08 35.47
CA ARG E 134 -16.29 -5.67 34.09
C ARG E 134 -17.22 -6.44 33.15
N ASP E 135 -17.23 -7.76 33.25
CA ASP E 135 -18.05 -8.54 32.35
C ASP E 135 -19.54 -8.43 32.66
N TYR E 136 -19.87 -8.12 33.93
CA TYR E 136 -21.26 -7.89 34.34
C TYR E 136 -21.77 -6.47 34.06
N GLY E 137 -20.91 -5.60 33.54
CA GLY E 137 -21.39 -4.27 33.14
C GLY E 137 -21.57 -3.32 34.32
N VAL E 138 -21.03 -3.68 35.49
CA VAL E 138 -21.27 -2.85 36.69
C VAL E 138 -20.02 -2.16 37.23
N LEU E 139 -18.90 -2.33 36.55
CA LEU E 139 -17.65 -1.75 37.00
C LEU E 139 -17.64 -0.26 36.71
N LEU E 140 -17.44 0.54 37.74
CA LEU E 140 -17.07 1.92 37.54
C LEU E 140 -15.55 1.98 37.38
N GLU E 141 -15.10 2.20 36.15
CA GLU E 141 -13.66 2.15 35.82
CA GLU E 141 -13.67 2.13 35.82
C GLU E 141 -12.83 3.18 36.58
N GLY E 142 -13.31 4.42 36.64
CA GLY E 142 -12.57 5.50 37.30
C GLY E 142 -12.15 5.12 38.70
N PRO E 143 -13.14 4.87 39.59
CA PRO E 143 -12.78 4.53 40.98
C PRO E 143 -12.39 3.06 41.15
N GLY E 144 -12.76 2.20 40.21
CA GLY E 144 -12.31 0.82 40.28
C GLY E 144 -13.14 -0.07 41.21
N LEU E 145 -14.47 0.14 41.24
CA LEU E 145 -15.40 -0.61 42.10
C LEU E 145 -16.77 -0.77 41.41
N ALA E 146 -17.58 -1.69 41.91
CA ALA E 146 -18.84 -2.06 41.26
C ALA E 146 -20.02 -1.27 41.77
N LEU E 147 -20.96 -1.03 40.88
CA LEU E 147 -22.26 -0.54 41.22
C LEU E 147 -23.01 -1.69 41.85
N ARG E 148 -24.19 -1.37 42.37
CA ARG E 148 -25.01 -2.34 43.05
C ARG E 148 -25.95 -2.99 42.08
N GLY E 149 -25.44 -3.91 41.28
CA GLY E 149 -26.29 -4.61 40.33
C GLY E 149 -26.66 -5.94 40.93
N LEU E 150 -27.84 -6.44 40.55
CA LEU E 150 -28.24 -7.75 41.00
C LEU E 150 -28.73 -8.50 39.78
N PHE E 151 -28.36 -9.77 39.69
CA PHE E 151 -28.75 -10.60 38.55
C PHE E 151 -29.45 -11.86 39.01
N ILE E 152 -30.64 -12.15 38.49
CA ILE E 152 -31.26 -13.46 38.72
C ILE E 152 -30.99 -14.31 37.48
N ILE E 153 -30.30 -15.43 37.69
CA ILE E 153 -29.80 -16.31 36.66
C ILE E 153 -30.50 -17.68 36.84
N ASP E 154 -31.10 -18.18 35.77
CA ASP E 154 -31.83 -19.42 35.79
C ASP E 154 -30.91 -20.64 35.73
N PRO E 155 -31.47 -21.86 35.92
CA PRO E 155 -30.70 -23.12 35.93
C PRO E 155 -29.89 -23.39 34.68
N ASN E 156 -30.25 -22.77 33.56
CA ASN E 156 -29.46 -22.88 32.31
C ASN E 156 -28.43 -21.77 32.12
N GLY E 157 -28.27 -20.91 33.12
CA GLY E 157 -27.34 -19.79 33.05
C GLY E 157 -27.84 -18.57 32.28
N VAL E 158 -29.15 -18.42 32.13
CA VAL E 158 -29.72 -17.32 31.38
C VAL E 158 -30.19 -16.22 32.34
N ILE E 159 -29.89 -14.95 32.03
CA ILE E 159 -30.34 -13.83 32.87
C ILE E 159 -31.85 -13.60 32.66
N LYS E 160 -32.60 -13.54 33.78
CA LYS E 160 -34.04 -13.33 33.77
C LYS E 160 -34.38 -11.99 34.34
N HIS E 161 -33.50 -11.48 35.16
CA HIS E 161 -33.72 -10.22 35.79
C HIS E 161 -32.38 -9.56 36.12
N LEU E 162 -32.35 -8.25 36.00
CA LEU E 162 -31.22 -7.52 36.49
C LEU E 162 -31.77 -6.22 37.01
N SER E 163 -31.11 -5.69 38.03
CA SER E 163 -31.38 -4.34 38.43
C SER E 163 -30.12 -3.72 38.97
N VAL E 164 -30.03 -2.40 38.95
CA VAL E 164 -28.80 -1.71 39.31
C VAL E 164 -29.19 -0.50 40.11
N ASN E 165 -28.58 -0.36 41.28
CA ASN E 165 -28.78 0.85 42.08
C ASN E 165 -27.50 1.68 42.21
N ASP E 166 -27.67 2.99 42.29
CA ASP E 166 -26.54 3.82 42.68
C ASP E 166 -26.05 3.37 44.06
N LEU E 167 -24.77 3.61 44.35
CA LEU E 167 -24.05 3.04 45.52
C LEU E 167 -24.69 3.14 46.91
N PRO E 168 -25.46 4.23 47.22
CA PRO E 168 -25.94 4.34 48.59
C PRO E 168 -27.21 3.56 48.88
N VAL E 169 -27.93 3.14 47.85
CA VAL E 169 -29.27 2.59 48.10
C VAL E 169 -29.34 1.06 48.10
N GLY E 170 -29.77 0.52 49.23
CA GLY E 170 -30.02 -0.91 49.37
C GLY E 170 -31.34 -1.33 48.73
N ARG E 171 -31.39 -2.59 48.27
CA ARG E 171 -32.61 -3.15 47.66
C ARG E 171 -33.39 -4.08 48.60
N SER E 172 -34.60 -4.47 48.20
CA SER E 172 -35.42 -5.39 48.98
C SER E 172 -35.16 -6.88 48.67
N VAL E 173 -34.76 -7.61 49.69
CA VAL E 173 -34.53 -9.03 49.58
C VAL E 173 -35.84 -9.80 49.36
N GLU E 174 -36.93 -9.30 49.94
CA GLU E 174 -38.21 -9.98 49.80
CA GLU E 174 -38.24 -9.92 49.83
C GLU E 174 -38.71 -9.89 48.36
N GLU E 175 -38.61 -8.68 47.77
CA GLU E 175 -38.91 -8.50 46.36
C GLU E 175 -38.05 -9.41 45.49
N THR E 176 -36.75 -9.49 45.80
CA THR E 176 -35.86 -10.39 45.05
C THR E 176 -36.35 -11.84 45.14
N LEU E 177 -36.69 -12.29 46.33
CA LEU E 177 -37.26 -13.63 46.53
C LEU E 177 -38.59 -13.82 45.77
N ARG E 178 -39.43 -12.79 45.78
CA ARG E 178 -40.70 -12.86 45.05
C ARG E 178 -40.44 -13.15 43.58
N LEU E 179 -39.48 -12.42 42.99
CA LEU E 179 -39.15 -12.58 41.59
C LEU E 179 -38.62 -13.96 41.23
N VAL E 180 -37.71 -14.49 42.06
CA VAL E 180 -37.20 -15.82 41.82
C VAL E 180 -38.38 -16.82 41.76
N LYS E 181 -39.31 -16.68 42.71
CA LYS E 181 -40.52 -17.51 42.77
C LYS E 181 -41.41 -17.35 41.55
N ALA E 182 -41.65 -16.10 41.16
CA ALA E 182 -42.44 -15.80 39.96
C ALA E 182 -41.83 -16.42 38.70
N PHE E 183 -40.50 -16.39 38.58
CA PHE E 183 -39.83 -17.00 37.42
C PHE E 183 -40.01 -18.52 37.46
N GLN E 184 -39.94 -19.09 38.66
CA GLN E 184 -40.17 -20.53 38.83
C GLN E 184 -41.58 -20.96 38.48
N PHE E 185 -42.57 -20.13 38.86
CA PHE E 185 -43.98 -20.34 38.49
C PHE E 185 -44.18 -20.35 36.97
N VAL E 186 -43.55 -19.39 36.28
CA VAL E 186 -43.66 -19.29 34.82
C VAL E 186 -43.09 -20.51 34.11
N GLU E 187 -41.96 -21.05 34.58
CA GLU E 187 -41.41 -22.30 34.04
C GLU E 187 -42.35 -23.47 34.25
N ALA E 188 -42.95 -23.55 35.44
CA ALA E 188 -43.73 -24.72 35.84
C ALA E 188 -45.14 -24.78 35.25
N HIS E 189 -45.58 -23.73 34.55
CA HIS E 189 -46.97 -23.66 34.06
C HIS E 189 -47.09 -23.18 32.61
N PRO F 25 -24.20 9.98 28.09
CA PRO F 25 -25.56 9.80 27.55
C PRO F 25 -25.88 8.32 27.19
N ALA F 26 -26.22 7.52 28.22
CA ALA F 26 -26.42 6.06 28.07
C ALA F 26 -27.47 5.52 29.06
N PRO F 27 -28.07 4.32 28.78
CA PRO F 27 -29.06 3.74 29.68
C PRO F 27 -28.36 2.88 30.73
N ALA F 28 -27.69 3.53 31.68
CA ALA F 28 -26.84 2.91 32.71
C ALA F 28 -26.86 3.80 33.95
N VAL F 29 -26.72 3.22 35.14
CA VAL F 29 -26.80 4.00 36.39
C VAL F 29 -25.61 4.93 36.57
N THR F 30 -25.88 6.12 37.14
CA THR F 30 -24.95 7.30 37.23
C THR F 30 -24.82 8.17 35.95
N GLN F 31 -25.43 7.74 34.83
CA GLN F 31 -25.35 8.42 33.53
C GLN F 31 -26.64 9.22 33.21
N HIS F 32 -26.58 10.18 32.27
CA HIS F 32 -27.74 10.93 31.89
CA HIS F 32 -27.77 10.91 31.80
C HIS F 32 -28.68 10.02 31.02
N ALA F 33 -29.99 10.13 31.26
CA ALA F 33 -30.98 9.34 30.52
C ALA F 33 -30.98 9.80 29.08
N PRO F 34 -30.99 8.84 28.15
CA PRO F 34 -31.08 9.21 26.71
C PRO F 34 -32.32 10.05 26.45
N TYR F 35 -32.19 11.05 25.59
CA TYR F 35 -33.33 11.86 25.19
C TYR F 35 -34.47 11.00 24.62
N PHE F 36 -35.70 11.46 24.76
CA PHE F 36 -36.82 10.84 24.05
C PHE F 36 -37.92 11.85 23.75
N LYS F 37 -38.64 11.58 22.66
CA LYS F 37 -39.71 12.41 22.16
C LYS F 37 -40.68 11.43 21.46
N GLY F 38 -41.97 11.62 21.67
CA GLY F 38 -42.98 10.76 21.06
C GLY F 38 -44.37 11.23 21.39
N THR F 39 -45.35 10.68 20.68
CA THR F 39 -46.76 10.95 20.96
C THR F 39 -47.24 10.05 22.09
N ALA F 40 -47.81 10.65 23.12
CA ALA F 40 -48.38 9.93 24.25
C ALA F 40 -49.89 10.13 24.35
N VAL F 41 -50.59 9.19 24.97
CA VAL F 41 -51.96 9.43 25.37
C VAL F 41 -51.96 9.97 26.80
N VAL F 42 -52.44 11.21 26.96
CA VAL F 42 -52.51 11.86 28.26
C VAL F 42 -53.94 12.35 28.53
N SER F 43 -54.53 11.90 29.64
CA SER F 43 -55.93 12.19 29.94
C SER F 43 -56.81 11.97 28.69
N GLY F 44 -56.56 10.89 27.94
CA GLY F 44 -57.41 10.54 26.79
C GLY F 44 -57.18 11.35 25.51
N GLU F 45 -56.23 12.27 25.56
CA GLU F 45 -55.88 13.07 24.39
C GLU F 45 -54.47 12.78 23.92
N PHE F 46 -54.17 13.11 22.66
CA PHE F 46 -52.81 13.00 22.13
C PHE F 46 -51.97 14.22 22.50
N LYS F 47 -50.77 14.00 23.00
CA LYS F 47 -49.83 15.09 23.23
C LYS F 47 -48.42 14.61 23.04
N GLU F 48 -47.60 15.40 22.36
CA GLU F 48 -46.19 15.06 22.25
C GLU F 48 -45.48 15.42 23.54
N ILE F 49 -44.72 14.47 24.07
CA ILE F 49 -43.91 14.68 25.26
C ILE F 49 -42.47 14.27 24.98
N SER F 50 -41.59 14.68 25.88
CA SER F 50 -40.17 14.40 25.78
C SER F 50 -39.50 14.48 27.16
N LEU F 51 -38.35 13.84 27.26
CA LEU F 51 -37.55 13.86 28.47
C LEU F 51 -37.51 15.25 29.09
N ASP F 52 -37.25 16.28 28.27
CA ASP F 52 -37.22 17.69 28.69
C ASP F 52 -38.41 18.10 29.57
N ASP F 53 -39.60 17.63 29.22
CA ASP F 53 -40.84 17.95 29.95
C ASP F 53 -40.78 17.55 31.45
N PHE F 54 -39.81 16.71 31.81
CA PHE F 54 -39.67 16.21 33.19
C PHE F 54 -38.47 16.77 34.01
N LYS F 55 -37.71 17.69 33.42
CA LYS F 55 -36.65 18.37 34.18
C LYS F 55 -37.26 19.04 35.42
N GLY F 56 -36.63 18.85 36.59
CA GLY F 56 -37.16 19.37 37.85
C GLY F 56 -38.02 18.36 38.62
N LYS F 57 -38.45 17.30 37.93
CA LYS F 57 -39.25 16.25 38.58
C LYS F 57 -38.49 14.94 38.49
N TYR F 58 -38.81 14.00 39.38
CA TYR F 58 -38.39 12.62 39.21
C TYR F 58 -39.35 11.99 38.22
N LEU F 59 -38.86 11.02 37.47
CA LEU F 59 -39.70 10.34 36.50
C LEU F 59 -39.49 8.84 36.57
N VAL F 60 -40.58 8.08 36.66
CA VAL F 60 -40.49 6.66 36.42
C VAL F 60 -40.82 6.34 34.95
N LEU F 61 -39.83 5.85 34.20
CA LEU F 61 -40.04 5.46 32.81
C LEU F 61 -40.03 3.95 32.75
N PHE F 62 -41.16 3.38 32.39
CA PHE F 62 -41.20 1.93 32.33
C PHE F 62 -41.77 1.41 31.00
N PHE F 63 -41.29 0.23 30.60
CA PHE F 63 -41.56 -0.33 29.29
C PHE F 63 -42.37 -1.62 29.45
N TYR F 64 -43.28 -1.90 28.51
CA TYR F 64 -43.98 -3.17 28.51
C TYR F 64 -44.02 -3.60 27.04
N PRO F 65 -44.28 -4.91 26.79
CA PRO F 65 -44.05 -5.36 25.41
C PRO F 65 -45.11 -4.96 24.39
N LEU F 66 -46.39 -5.23 24.67
CA LEU F 66 -47.49 -5.02 23.69
C LEU F 66 -48.86 -4.70 24.32
N ASP F 67 -49.56 -3.72 23.75
CA ASP F 67 -50.97 -3.50 24.01
C ASP F 67 -51.78 -4.75 23.64
N PHE F 68 -52.91 -4.96 24.35
CA PHE F 68 -53.95 -5.93 23.98
C PHE F 68 -53.54 -7.40 24.12
N THR F 69 -52.61 -7.58 25.04
N THR F 69 -52.71 -7.78 25.06
CA THR F 69 -52.09 -8.85 25.54
CA THR F 69 -52.44 -9.23 25.17
C THR F 69 -52.46 -8.93 27.02
C THR F 69 -53.55 -9.99 25.90
N PHE F 70 -52.33 -10.12 27.59
N PHE F 70 -53.50 -11.33 25.87
CA PHE F 70 -52.94 -10.43 28.87
CA PHE F 70 -54.49 -12.17 26.56
C PHE F 70 -52.00 -10.31 30.08
C PHE F 70 -54.19 -12.30 28.05
N VAL F 71 -50.73 -10.02 29.84
N VAL F 71 -53.55 -11.28 28.60
CA VAL F 71 -49.74 -9.99 30.92
CA VAL F 71 -53.10 -11.30 29.97
C VAL F 71 -49.33 -8.59 31.40
C VAL F 71 -53.49 -9.98 30.61
N CYS F 72 -49.39 -7.60 30.50
N CYS F 72 -54.07 -10.03 31.81
CA CYS F 72 -48.87 -6.26 30.79
CA CYS F 72 -54.46 -8.80 32.51
C CYS F 72 -49.77 -5.42 31.73
C CYS F 72 -53.28 -7.82 32.65
N PRO F 73 -51.10 -5.61 31.61
N PRO F 73 -53.51 -6.55 32.26
CA PRO F 73 -52.08 -4.74 32.27
CA PRO F 73 -52.53 -5.45 32.28
C PRO F 73 -51.98 -4.65 33.81
C PRO F 73 -52.32 -4.91 33.69
N THR F 74 -51.72 -5.75 34.52
CA THR F 74 -51.66 -5.63 35.98
C THR F 74 -50.66 -4.57 36.41
N GLU F 75 -49.45 -4.64 35.86
CA GLU F 75 -48.41 -3.67 36.16
C GLU F 75 -48.84 -2.24 35.80
N ILE F 76 -49.43 -2.07 34.62
CA ILE F 76 -49.80 -0.73 34.14
C ILE F 76 -50.93 -0.22 34.99
N ILE F 77 -51.94 -1.06 35.22
CA ILE F 77 -53.07 -0.63 36.05
C ILE F 77 -52.61 -0.27 37.46
N ALA F 78 -51.68 -1.06 38.01
CA ALA F 78 -51.15 -0.84 39.36
C ALA F 78 -50.38 0.47 39.44
N PHE F 79 -49.60 0.79 38.41
CA PHE F 79 -48.92 2.08 38.37
C PHE F 79 -49.92 3.24 38.28
N SER F 80 -50.99 3.06 37.51
CA SER F 80 -52.06 4.08 37.44
C SER F 80 -52.80 4.27 38.77
N ASP F 81 -53.18 3.18 39.43
CA ASP F 81 -53.89 3.28 40.71
C ASP F 81 -53.07 3.97 41.79
N LYS F 82 -51.75 3.79 41.74
CA LYS F 82 -50.83 4.37 42.73
C LYS F 82 -50.23 5.70 42.28
N ALA F 83 -50.77 6.26 41.20
CA ALA F 83 -50.15 7.41 40.54
C ALA F 83 -50.06 8.67 41.38
N SER F 84 -51.15 9.04 42.05
CA SER F 84 -51.13 10.22 42.93
C SER F 84 -50.06 10.11 44.01
N GLU F 85 -49.83 8.89 44.51
CA GLU F 85 -48.75 8.63 45.47
C GLU F 85 -47.35 8.99 44.94
N PHE F 86 -47.15 8.85 43.63
CA PHE F 86 -45.90 9.28 43.01
C PHE F 86 -45.89 10.79 42.87
N HIS F 87 -47.03 11.38 42.48
CA HIS F 87 -47.11 12.84 42.36
C HIS F 87 -46.82 13.52 43.69
N ASP F 88 -47.32 12.95 44.79
CA ASP F 88 -47.09 13.50 46.12
C ASP F 88 -45.61 13.68 46.41
N VAL F 89 -44.77 12.88 45.75
CA VAL F 89 -43.30 13.02 45.94
C VAL F 89 -42.59 13.63 44.71
N ASN F 90 -43.32 14.43 43.94
CA ASN F 90 -42.75 15.16 42.78
C ASN F 90 -42.28 14.21 41.66
N CYS F 91 -42.99 13.09 41.54
CA CYS F 91 -42.61 12.06 40.59
C CYS F 91 -43.71 11.69 39.59
N GLU F 92 -43.34 11.71 38.30
CA GLU F 92 -44.22 11.31 37.20
C GLU F 92 -44.00 9.85 36.80
N VAL F 93 -45.02 9.28 36.15
CA VAL F 93 -44.92 7.93 35.63
C VAL F 93 -45.27 7.93 34.16
N VAL F 94 -44.44 7.29 33.35
CA VAL F 94 -44.72 7.18 31.94
C VAL F 94 -44.54 5.71 31.51
N ALA F 95 -45.56 5.16 30.86
CA ALA F 95 -45.46 3.79 30.40
C ALA F 95 -45.17 3.84 28.91
N VAL F 96 -44.33 2.93 28.42
CA VAL F 96 -43.92 2.95 27.01
C VAL F 96 -44.10 1.54 26.42
N SER F 97 -44.58 1.48 25.19
CA SER F 97 -44.42 0.28 24.35
C SER F 97 -44.25 0.70 22.91
N VAL F 98 -43.87 -0.23 22.05
CA VAL F 98 -43.68 0.03 20.61
C VAL F 98 -44.99 0.17 19.81
N ASP F 99 -46.15 0.04 20.46
CA ASP F 99 -47.43 0.23 19.77
C ASP F 99 -47.60 1.72 19.42
N SER F 100 -48.49 1.98 18.46
CA SER F 100 -48.83 3.35 18.06
C SER F 100 -49.69 3.97 19.13
N HIS F 101 -49.79 5.29 19.10
CA HIS F 101 -50.65 5.97 20.06
C HIS F 101 -52.15 5.66 19.80
N PHE F 102 -52.48 5.26 18.58
CA PHE F 102 -53.85 4.84 18.28
C PHE F 102 -54.20 3.56 19.03
N SER F 103 -53.26 2.62 19.07
CA SER F 103 -53.43 1.38 19.83
C SER F 103 -53.58 1.68 21.31
N HIS F 104 -52.80 2.64 21.80
CA HIS F 104 -52.84 3.00 23.21
C HIS F 104 -54.23 3.52 23.62
N LEU F 105 -54.82 4.37 22.78
CA LEU F 105 -56.12 4.97 23.09
C LEU F 105 -57.21 3.92 23.10
N ALA F 106 -57.22 3.07 22.07
CA ALA F 106 -58.20 2.00 21.97
C ALA F 106 -58.14 1.05 23.15
N TRP F 107 -56.95 0.84 23.71
CA TRP F 107 -56.81 -0.05 24.84
C TRP F 107 -57.33 0.61 26.12
N ILE F 108 -57.00 1.90 26.29
CA ILE F 108 -57.56 2.75 27.36
C ILE F 108 -59.11 2.81 27.29
N ASN F 109 -59.65 2.92 26.08
CA ASN F 109 -61.10 2.91 25.91
C ASN F 109 -61.71 1.52 25.95
N THR F 110 -60.90 0.47 26.12
CA THR F 110 -61.44 -0.88 26.38
C THR F 110 -61.58 -1.02 27.92
N PRO F 111 -62.80 -1.34 28.41
CA PRO F 111 -62.93 -1.45 29.89
C PRO F 111 -62.11 -2.60 30.49
N ARG F 112 -61.69 -2.41 31.75
CA ARG F 112 -60.86 -3.39 32.46
C ARG F 112 -61.52 -4.75 32.60
N LYS F 113 -62.86 -4.78 32.67
CA LYS F 113 -63.64 -6.02 32.64
C LYS F 113 -63.36 -6.83 31.37
N ASN F 114 -63.06 -6.12 30.29
CA ASN F 114 -62.92 -6.75 28.98
C ASN F 114 -61.47 -6.97 28.60
N GLY F 115 -60.57 -6.75 29.56
CA GLY F 115 -59.14 -6.97 29.35
C GLY F 115 -58.42 -5.70 28.97
N GLY F 116 -59.15 -4.58 28.93
CA GLY F 116 -58.57 -3.31 28.52
C GLY F 116 -57.89 -2.57 29.64
N LEU F 117 -57.41 -1.37 29.36
CA LEU F 117 -56.74 -0.59 30.39
C LEU F 117 -57.69 0.25 31.24
N GLY F 118 -58.86 0.57 30.70
CA GLY F 118 -59.72 1.59 31.31
C GLY F 118 -59.01 2.92 31.48
N HIS F 119 -59.59 3.80 32.30
CA HIS F 119 -59.03 5.13 32.63
CA HIS F 119 -59.01 5.11 32.50
C HIS F 119 -57.57 5.02 33.07
N MET F 120 -56.73 5.96 32.67
CA MET F 120 -55.33 5.96 33.02
C MET F 120 -54.94 7.28 33.66
N ASN F 121 -54.31 7.21 34.85
CA ASN F 121 -53.74 8.38 35.54
C ASN F 121 -52.30 8.71 35.14
N ILE F 122 -51.75 7.92 34.22
CA ILE F 122 -50.38 8.10 33.76
C ILE F 122 -50.35 8.21 32.23
N ALA F 123 -49.32 8.86 31.71
CA ALA F 123 -49.17 8.93 30.26
C ALA F 123 -48.79 7.56 29.70
N LEU F 124 -49.39 7.21 28.56
CA LEU F 124 -48.94 6.07 27.76
C LEU F 124 -48.23 6.52 26.50
N LEU F 125 -46.91 6.39 26.49
CA LEU F 125 -46.08 6.87 25.38
C LEU F 125 -45.96 5.81 24.28
N SER F 126 -46.11 6.25 23.04
CA SER F 126 -45.95 5.41 21.88
C SER F 126 -44.48 5.45 21.42
N ASP F 127 -43.90 4.28 21.19
CA ASP F 127 -42.56 4.19 20.61
C ASP F 127 -42.67 3.42 19.27
N LEU F 128 -43.52 3.91 18.37
CA LEU F 128 -43.73 3.32 17.07
C LEU F 128 -42.40 3.05 16.34
N THR F 129 -41.43 3.97 16.45
CA THR F 129 -40.21 3.82 15.64
C THR F 129 -39.30 2.83 16.30
N LYS F 130 -39.60 2.47 17.55
CA LYS F 130 -38.78 1.50 18.32
C LYS F 130 -37.49 2.11 18.86
N GLN F 131 -37.24 3.38 18.52
CA GLN F 131 -35.98 4.05 18.83
C GLN F 131 -35.84 4.38 20.31
N ILE F 132 -36.94 4.56 21.02
CA ILE F 132 -36.85 4.82 22.47
C ILE F 132 -36.42 3.57 23.21
N SER F 133 -37.03 2.44 22.86
CA SER F 133 -36.67 1.16 23.44
C SER F 133 -35.21 0.83 23.12
N ARG F 134 -34.83 1.08 21.88
CA ARG F 134 -33.46 0.89 21.43
C ARG F 134 -32.53 1.77 22.27
N ASP F 135 -32.84 3.05 22.41
CA ASP F 135 -31.98 3.93 23.19
C ASP F 135 -31.88 3.54 24.67
N TYR F 136 -32.96 2.95 25.21
CA TYR F 136 -32.97 2.53 26.61
C TYR F 136 -32.44 1.11 26.83
N GLY F 137 -31.99 0.47 25.76
CA GLY F 137 -31.37 -0.84 25.81
C GLY F 137 -32.32 -1.96 26.20
N VAL F 138 -33.62 -1.74 25.96
CA VAL F 138 -34.67 -2.71 26.31
C VAL F 138 -35.31 -3.34 25.07
N LEU F 139 -34.92 -2.90 23.86
CA LEU F 139 -35.50 -3.46 22.65
C LEU F 139 -35.05 -4.89 22.36
N LEU F 140 -35.99 -5.78 22.11
CA LEU F 140 -35.65 -7.09 21.59
C LEU F 140 -35.76 -7.04 20.08
N GLU F 141 -34.62 -7.03 19.41
CA GLU F 141 -34.59 -6.84 17.97
C GLU F 141 -35.31 -7.95 17.21
N GLY F 142 -35.16 -9.19 17.65
CA GLY F 142 -35.85 -10.31 17.01
C GLY F 142 -37.33 -10.04 16.83
N PRO F 143 -38.11 -9.99 17.93
CA PRO F 143 -39.52 -9.78 17.77
C PRO F 143 -39.89 -8.31 17.56
N GLY F 144 -39.00 -7.39 17.94
CA GLY F 144 -39.29 -5.99 17.73
C GLY F 144 -40.19 -5.38 18.78
N LEU F 145 -39.98 -5.73 20.05
CA LEU F 145 -40.74 -5.13 21.16
C LEU F 145 -39.87 -4.98 22.43
N ALA F 146 -40.36 -4.29 23.45
CA ALA F 146 -39.54 -3.99 24.65
C ALA F 146 -39.66 -5.06 25.72
N LEU F 147 -38.53 -5.37 26.35
CA LEU F 147 -38.50 -6.06 27.64
C LEU F 147 -39.16 -5.16 28.70
N ARG F 148 -39.49 -5.73 29.85
CA ARG F 148 -40.08 -4.94 30.90
C ARG F 148 -39.02 -4.20 31.69
N GLY F 149 -38.54 -3.10 31.11
CA GLY F 149 -37.55 -2.25 31.77
C GLY F 149 -38.19 -1.17 32.58
N LEU F 150 -37.50 -0.71 33.62
CA LEU F 150 -37.93 0.43 34.41
C LEU F 150 -36.70 1.25 34.78
N PHE F 151 -36.85 2.57 34.71
CA PHE F 151 -35.77 3.52 34.95
C PHE F 151 -36.29 4.59 35.88
N ILE F 152 -35.53 4.87 36.91
CA ILE F 152 -35.84 5.99 37.82
C ILE F 152 -34.86 7.10 37.51
N ILE F 153 -35.39 8.18 36.96
CA ILE F 153 -34.60 9.29 36.46
C ILE F 153 -34.79 10.51 37.38
N ASP F 154 -33.71 11.04 37.94
CA ASP F 154 -33.81 12.18 38.90
C ASP F 154 -34.21 13.49 38.21
N PRO F 155 -34.42 14.59 38.97
CA PRO F 155 -34.80 15.88 38.35
C PRO F 155 -33.74 16.47 37.42
N ASN F 156 -32.50 15.96 37.50
CA ASN F 156 -31.41 16.34 36.61
C ASN F 156 -31.35 15.51 35.31
N GLY F 157 -32.19 14.49 35.23
CA GLY F 157 -32.19 13.57 34.09
C GLY F 157 -31.20 12.43 34.25
N VAL F 158 -30.73 12.21 35.48
CA VAL F 158 -29.74 11.17 35.81
C VAL F 158 -30.42 9.86 36.26
N ILE F 159 -30.05 8.75 35.63
CA ILE F 159 -30.58 7.45 35.99
C ILE F 159 -30.02 7.01 37.34
N LYS F 160 -30.91 6.88 38.30
CA LYS F 160 -30.55 6.43 39.65
C LYS F 160 -30.75 4.94 39.83
N HIS F 161 -31.60 4.35 38.99
CA HIS F 161 -31.95 2.94 39.14
C HIS F 161 -32.54 2.41 37.85
N LEU F 162 -32.20 1.20 37.50
CA LEU F 162 -32.89 0.49 36.45
C LEU F 162 -33.16 -0.95 36.87
N SER F 163 -34.23 -1.52 36.34
CA SER F 163 -34.42 -2.96 36.34
C SER F 163 -35.06 -3.44 35.05
N VAL F 164 -34.82 -4.70 34.73
CA VAL F 164 -35.34 -5.26 33.52
C VAL F 164 -35.77 -6.68 33.82
N ASN F 165 -37.02 -6.98 33.49
CA ASN F 165 -37.58 -8.30 33.65
C ASN F 165 -37.85 -8.93 32.32
N ASP F 166 -37.73 -10.24 32.28
CA ASP F 166 -38.22 -10.98 31.14
C ASP F 166 -39.74 -10.80 31.05
N LEU F 167 -40.23 -10.85 29.81
CA LEU F 167 -41.64 -10.52 29.45
C LEU F 167 -42.78 -11.01 30.37
N PRO F 168 -42.70 -12.24 30.91
CA PRO F 168 -43.89 -12.71 31.61
C PRO F 168 -43.95 -12.40 33.10
N VAL F 169 -43.09 -11.51 33.61
CA VAL F 169 -43.06 -11.29 35.07
C VAL F 169 -43.24 -9.81 35.37
N GLY F 170 -44.21 -9.51 36.23
CA GLY F 170 -44.53 -8.13 36.58
C GLY F 170 -43.79 -7.64 37.83
N ARG F 171 -43.70 -6.32 37.95
CA ARG F 171 -42.93 -5.66 38.99
C ARG F 171 -43.80 -5.30 40.21
N SER F 172 -43.21 -5.20 41.40
CA SER F 172 -43.95 -4.60 42.52
C SER F 172 -43.94 -3.08 42.39
N VAL F 173 -45.12 -2.47 42.37
CA VAL F 173 -45.20 -1.01 42.26
C VAL F 173 -44.73 -0.37 43.57
N GLU F 174 -45.12 -0.97 44.70
CA GLU F 174 -44.70 -0.43 45.99
CA GLU F 174 -44.69 -0.54 46.04
C GLU F 174 -43.17 -0.37 46.11
N GLU F 175 -42.45 -1.36 45.56
CA GLU F 175 -40.98 -1.31 45.64
C GLU F 175 -40.42 -0.11 44.85
N THR F 176 -41.06 0.22 43.74
CA THR F 176 -40.65 1.37 42.96
C THR F 176 -40.81 2.68 43.74
N LEU F 177 -41.95 2.84 44.41
CA LEU F 177 -42.20 4.03 45.21
C LEU F 177 -41.17 4.17 46.32
N ARG F 178 -40.90 3.04 47.00
CA ARG F 178 -39.93 3.06 48.10
C ARG F 178 -38.56 3.50 47.57
N LEU F 179 -38.21 3.02 46.38
CA LEU F 179 -36.91 3.37 45.76
C LEU F 179 -36.80 4.86 45.45
N VAL F 180 -37.89 5.42 44.94
CA VAL F 180 -37.96 6.87 44.66
C VAL F 180 -37.71 7.65 45.96
N LYS F 181 -38.55 7.42 46.97
CA LYS F 181 -38.35 8.02 48.30
C LYS F 181 -36.89 7.85 48.80
N ALA F 182 -36.39 6.61 48.79
CA ALA F 182 -35.02 6.36 49.21
C ALA F 182 -34.04 7.31 48.52
N PHE F 183 -34.16 7.46 47.19
CA PHE F 183 -33.30 8.38 46.46
C PHE F 183 -33.45 9.82 46.89
N GLN F 184 -34.70 10.24 47.12
CA GLN F 184 -34.98 11.61 47.60
C GLN F 184 -34.32 11.86 48.95
N PHE F 185 -34.48 10.89 49.84
CA PHE F 185 -33.90 10.93 51.18
C PHE F 185 -32.39 11.18 51.06
N VAL F 186 -31.67 10.24 50.46
CA VAL F 186 -30.23 10.38 50.20
C VAL F 186 -29.83 11.78 49.66
N GLU F 187 -30.58 12.29 48.67
CA GLU F 187 -30.38 13.65 48.21
C GLU F 187 -30.56 14.67 49.34
N ALA F 188 -31.63 14.51 50.11
CA ALA F 188 -31.99 15.49 51.13
C ALA F 188 -31.13 15.46 52.40
N HIS F 189 -30.35 14.39 52.59
CA HIS F 189 -29.59 14.19 53.84
C HIS F 189 -28.11 13.87 53.63
N ALA G 26 -36.81 -9.11 -5.31
CA ALA G 26 -37.09 -7.62 -5.26
C ALA G 26 -38.57 -7.19 -5.51
N PRO G 27 -39.02 -6.00 -4.95
CA PRO G 27 -40.40 -5.50 -5.17
C PRO G 27 -40.49 -4.68 -6.45
N ALA G 28 -40.44 -5.38 -7.59
CA ALA G 28 -40.52 -4.77 -8.93
C ALA G 28 -41.28 -5.72 -9.85
N VAL G 29 -42.07 -5.15 -10.76
CA VAL G 29 -42.84 -5.96 -11.71
C VAL G 29 -41.91 -6.86 -12.52
N THR G 30 -42.35 -8.10 -12.79
CA THR G 30 -41.56 -9.19 -13.43
C THR G 30 -40.50 -9.90 -12.53
N GLN G 31 -40.17 -9.32 -11.39
CA GLN G 31 -39.30 -9.97 -10.44
C GLN G 31 -40.10 -10.83 -9.47
N HIS G 32 -39.42 -11.78 -8.83
CA HIS G 32 -40.02 -12.55 -7.75
CA HIS G 32 -40.03 -12.55 -7.74
C HIS G 32 -40.18 -11.66 -6.50
N ALA G 33 -41.36 -11.75 -5.88
CA ALA G 33 -41.68 -10.96 -4.68
C ALA G 33 -40.77 -11.31 -3.52
N PRO G 34 -40.31 -10.30 -2.77
CA PRO G 34 -39.53 -10.66 -1.56
C PRO G 34 -40.30 -11.63 -0.65
N TYR G 35 -39.60 -12.65 -0.16
CA TYR G 35 -40.13 -13.60 0.82
C TYR G 35 -40.63 -12.85 2.07
N PHE G 36 -41.78 -13.27 2.58
CA PHE G 36 -42.20 -12.76 3.87
C PHE G 36 -42.70 -13.87 4.75
N LYS G 37 -42.63 -13.63 6.07
CA LYS G 37 -43.25 -14.52 7.05
C LYS G 37 -43.65 -13.69 8.25
N GLY G 38 -44.80 -14.02 8.82
CA GLY G 38 -45.29 -13.30 9.98
C GLY G 38 -46.51 -13.97 10.56
N THR G 39 -46.97 -13.45 11.68
CA THR G 39 -48.17 -13.93 12.34
C THR G 39 -49.34 -13.10 11.83
N ALA G 40 -50.32 -13.79 11.23
CA ALA G 40 -51.53 -13.13 10.75
C ALA G 40 -52.75 -13.47 11.65
N VAL G 41 -53.78 -12.61 11.56
CA VAL G 41 -55.07 -12.99 12.09
C VAL G 41 -55.83 -13.52 10.91
N VAL G 42 -56.21 -14.80 11.02
CA VAL G 42 -57.03 -15.49 10.02
C VAL G 42 -58.28 -16.06 10.70
N SER G 43 -59.45 -15.54 10.31
CA SER G 43 -60.74 -15.93 10.87
C SER G 43 -60.73 -15.86 12.38
N GLY G 44 -60.25 -14.74 12.94
CA GLY G 44 -60.25 -14.57 14.40
C GLY G 44 -59.15 -15.35 15.11
N GLU G 45 -58.28 -16.04 14.37
CA GLU G 45 -57.20 -16.82 15.01
C GLU G 45 -55.77 -16.40 14.57
N PHE G 46 -54.77 -16.60 15.42
CA PHE G 46 -53.37 -16.39 15.06
C PHE G 46 -52.91 -17.56 14.22
N LYS G 47 -52.36 -17.25 13.06
CA LYS G 47 -51.75 -18.24 12.20
C LYS G 47 -50.51 -17.62 11.55
N GLU G 48 -49.41 -18.37 11.59
CA GLU G 48 -48.19 -17.94 10.95
CA GLU G 48 -48.16 -17.98 10.96
C GLU G 48 -48.30 -18.21 9.45
N ILE G 49 -48.05 -17.19 8.65
CA ILE G 49 -48.09 -17.39 7.20
C ILE G 49 -46.83 -16.88 6.52
N SER G 50 -46.60 -17.33 5.29
CA SER G 50 -45.46 -16.90 4.52
C SER G 50 -45.80 -16.88 3.03
N LEU G 51 -44.94 -16.24 2.24
CA LEU G 51 -45.10 -16.24 0.79
C LEU G 51 -45.29 -17.64 0.21
N ASP G 52 -44.65 -18.64 0.81
CA ASP G 52 -44.73 -20.01 0.25
C ASP G 52 -46.08 -20.61 0.35
N ASP G 53 -46.84 -20.24 1.38
CA ASP G 53 -48.23 -20.67 1.49
C ASP G 53 -49.08 -20.34 0.26
N PHE G 54 -48.64 -19.37 -0.56
CA PHE G 54 -49.48 -18.88 -1.62
C PHE G 54 -49.07 -19.42 -3.01
N LYS G 55 -48.03 -20.27 -3.04
CA LYS G 55 -47.60 -20.95 -4.28
C LYS G 55 -48.81 -21.63 -4.94
N GLY G 56 -48.95 -21.44 -6.25
CA GLY G 56 -50.06 -22.04 -6.99
C GLY G 56 -51.30 -21.16 -7.01
N LYS G 57 -51.27 -20.08 -6.21
CA LYS G 57 -52.39 -19.16 -6.09
C LYS G 57 -51.94 -17.75 -6.50
N TYR G 58 -52.86 -16.93 -6.97
CA TYR G 58 -52.61 -15.49 -7.03
C TYR G 58 -52.71 -14.87 -5.63
N LEU G 59 -51.89 -13.85 -5.34
CA LEU G 59 -51.97 -13.16 -4.04
C LEU G 59 -52.07 -11.68 -4.26
N VAL G 60 -53.06 -11.08 -3.59
CA VAL G 60 -53.09 -9.62 -3.52
C VAL G 60 -52.56 -9.22 -2.15
N LEU G 61 -51.40 -8.59 -2.11
CA LEU G 61 -50.77 -8.25 -0.86
C LEU G 61 -50.84 -6.74 -0.77
N PHE G 62 -51.57 -6.21 0.18
CA PHE G 62 -51.63 -4.75 0.28
C PHE G 62 -51.32 -4.26 1.68
N PHE G 63 -50.82 -3.03 1.76
CA PHE G 63 -50.33 -2.44 3.00
C PHE G 63 -51.19 -1.25 3.42
N TYR G 64 -51.31 -0.97 4.72
CA TYR G 64 -52.01 0.22 5.19
C TYR G 64 -51.22 0.76 6.39
N PRO G 65 -51.45 2.03 6.79
CA PRO G 65 -50.51 2.54 7.77
C PRO G 65 -50.71 2.05 9.23
N LEU G 66 -51.92 2.12 9.77
CA LEU G 66 -52.18 1.85 11.18
C LEU G 66 -53.60 1.32 11.51
N ASP G 67 -53.67 0.41 12.48
CA ASP G 67 -54.93 -0.02 13.11
C ASP G 67 -55.49 1.12 13.95
N PHE G 68 -56.82 1.11 14.10
CA PHE G 68 -57.50 2.01 15.02
C PHE G 68 -57.43 3.48 14.69
N THR G 69 -57.28 3.71 13.39
N THR G 69 -57.39 3.89 13.44
CA THR G 69 -57.38 4.97 12.66
CA THR G 69 -57.42 5.35 13.22
C THR G 69 -58.54 4.78 11.68
C THR G 69 -58.83 5.93 13.33
N PHE G 70 -58.98 5.85 11.04
N PHE G 70 -58.91 7.26 13.35
CA PHE G 70 -60.29 5.88 10.39
CA PHE G 70 -60.19 7.96 13.51
C PHE G 70 -60.20 6.03 8.88
C PHE G 70 -61.05 7.88 12.24
N VAL G 71 -58.98 6.19 8.38
N VAL G 71 -60.46 7.30 11.20
CA VAL G 71 -58.76 6.36 6.96
CA VAL G 71 -61.07 7.22 9.90
C VAL G 71 -58.51 4.99 6.29
C VAL G 71 -61.56 5.80 9.58
N CYS G 72 -57.99 4.03 7.06
N CYS G 72 -62.73 5.71 8.97
CA CYS G 72 -57.55 2.73 6.54
CA CYS G 72 -63.31 4.44 8.60
C CYS G 72 -58.73 1.76 6.28
C CYS G 72 -62.33 3.57 7.80
N PRO G 73 -59.74 1.80 7.17
N PRO G 73 -62.11 2.33 8.26
CA PRO G 73 -60.88 0.88 7.30
CA PRO G 73 -61.29 1.33 7.56
C PRO G 73 -61.75 0.67 6.05
C PRO G 73 -61.96 0.82 6.29
N THR G 74 -62.17 1.74 5.35
CA THR G 74 -63.03 1.56 4.16
C THR G 74 -62.44 0.63 3.09
N GLU G 75 -61.14 0.80 2.79
CA GLU G 75 -60.42 -0.04 1.83
C GLU G 75 -60.42 -1.51 2.28
N ILE G 76 -60.13 -1.73 3.56
CA ILE G 76 -59.96 -3.06 4.10
C ILE G 76 -61.31 -3.78 4.12
N ILE G 77 -62.36 -3.11 4.62
CA ILE G 77 -63.74 -3.66 4.64
C ILE G 77 -64.21 -4.04 3.21
N ALA G 78 -63.87 -3.19 2.24
CA ALA G 78 -64.19 -3.42 0.84
C ALA G 78 -63.52 -4.68 0.30
N PHE G 79 -62.23 -4.88 0.60
CA PHE G 79 -61.59 -6.14 0.22
C PHE G 79 -62.22 -7.33 0.92
N SER G 80 -62.49 -7.20 2.22
CA SER G 80 -63.21 -8.24 2.97
C SER G 80 -64.56 -8.62 2.36
N ASP G 81 -65.40 -7.63 2.04
CA ASP G 81 -66.74 -7.88 1.47
C ASP G 81 -66.64 -8.52 0.10
N LYS G 82 -65.51 -8.30 -0.59
CA LYS G 82 -65.31 -8.84 -1.94
C LYS G 82 -64.44 -10.10 -1.97
N ALA G 83 -63.98 -10.56 -0.80
CA ALA G 83 -63.04 -11.68 -0.75
C ALA G 83 -63.45 -12.90 -1.57
N SER G 84 -64.73 -13.27 -1.55
CA SER G 84 -65.19 -14.47 -2.26
C SER G 84 -65.05 -14.35 -3.78
N GLU G 85 -65.29 -13.17 -4.33
CA GLU G 85 -64.99 -12.90 -5.74
C GLU G 85 -63.50 -13.17 -6.07
N PHE G 86 -62.61 -12.81 -5.16
CA PHE G 86 -61.21 -13.16 -5.35
C PHE G 86 -60.99 -14.67 -5.20
N HIS G 87 -61.53 -15.27 -4.14
CA HIS G 87 -61.37 -16.72 -3.94
C HIS G 87 -61.84 -17.50 -5.16
N ASP G 88 -62.90 -17.02 -5.83
CA ASP G 88 -63.49 -17.74 -6.97
C ASP G 88 -62.56 -17.82 -8.15
N VAL G 89 -61.66 -16.83 -8.27
CA VAL G 89 -60.65 -16.85 -9.32
C VAL G 89 -59.29 -17.27 -8.76
N ASN G 90 -59.28 -18.03 -7.68
CA ASN G 90 -58.04 -18.60 -7.13
C ASN G 90 -57.01 -17.58 -6.55
N CYS G 91 -57.53 -16.51 -5.94
CA CYS G 91 -56.71 -15.43 -5.45
C CYS G 91 -56.95 -15.15 -3.97
N GLU G 92 -55.88 -14.98 -3.20
CA GLU G 92 -55.99 -14.61 -1.77
C GLU G 92 -55.72 -13.13 -1.59
N VAL G 93 -56.19 -12.59 -0.49
CA VAL G 93 -55.94 -11.20 -0.15
C VAL G 93 -55.36 -11.13 1.25
N VAL G 94 -54.29 -10.35 1.41
CA VAL G 94 -53.64 -10.21 2.69
C VAL G 94 -53.38 -8.73 2.92
N ALA G 95 -53.95 -8.17 3.99
CA ALA G 95 -53.65 -6.80 4.42
C ALA G 95 -52.53 -6.81 5.47
N VAL G 96 -51.61 -5.85 5.36
CA VAL G 96 -50.44 -5.80 6.22
C VAL G 96 -50.31 -4.39 6.81
N SER G 97 -49.99 -4.31 8.11
CA SER G 97 -49.50 -3.04 8.69
C SER G 97 -48.43 -3.36 9.70
N VAL G 98 -47.72 -2.34 10.20
CA VAL G 98 -46.66 -2.55 11.16
C VAL G 98 -47.17 -2.89 12.57
N ASP G 99 -48.49 -2.95 12.76
CA ASP G 99 -49.07 -3.27 14.06
C ASP G 99 -48.83 -4.70 14.47
N SER G 100 -48.91 -4.96 15.76
CA SER G 100 -48.80 -6.35 16.27
C SER G 100 -50.05 -7.09 15.90
N HIS G 101 -49.99 -8.41 15.98
CA HIS G 101 -51.17 -9.20 15.70
C HIS G 101 -52.28 -9.09 16.78
N PHE G 102 -51.90 -8.78 18.02
CA PHE G 102 -52.85 -8.54 19.09
C PHE G 102 -53.68 -7.29 18.78
N SER G 103 -53.03 -6.26 18.23
CA SER G 103 -53.75 -5.06 17.80
C SER G 103 -54.70 -5.42 16.68
N HIS G 104 -54.23 -6.20 15.72
CA HIS G 104 -55.09 -6.61 14.62
C HIS G 104 -56.37 -7.29 15.14
N LEU G 105 -56.20 -8.25 16.06
CA LEU G 105 -57.34 -8.95 16.70
C LEU G 105 -58.23 -7.99 17.43
N ALA G 106 -57.64 -7.13 18.24
CA ALA G 106 -58.46 -6.17 19.00
C ALA G 106 -59.32 -5.34 18.03
N TRP G 107 -58.74 -4.96 16.88
CA TRP G 107 -59.43 -4.18 15.85
C TRP G 107 -60.52 -4.95 15.13
N ILE G 108 -60.23 -6.22 14.86
CA ILE G 108 -61.19 -7.10 14.22
C ILE G 108 -62.31 -7.34 15.24
N ASN G 109 -61.96 -7.34 16.54
CA ASN G 109 -62.98 -7.55 17.60
C ASN G 109 -63.78 -6.33 17.98
N THR G 110 -63.50 -5.20 17.34
CA THR G 110 -64.29 -4.00 17.56
C THR G 110 -65.28 -3.99 16.42
N PRO G 111 -66.59 -4.03 16.75
CA PRO G 111 -67.64 -3.92 15.73
C PRO G 111 -67.44 -2.70 14.81
N ARG G 112 -67.84 -2.81 13.55
CA ARG G 112 -67.82 -1.67 12.63
C ARG G 112 -68.58 -0.44 13.15
N LYS G 113 -69.74 -0.69 13.75
CA LYS G 113 -70.58 0.38 14.29
C LYS G 113 -69.86 1.22 15.36
N ASN G 114 -68.75 0.68 15.87
CA ASN G 114 -67.90 1.42 16.79
C ASN G 114 -66.60 1.92 16.13
N GLY G 115 -66.55 1.89 14.80
CA GLY G 115 -65.33 2.24 14.06
C GLY G 115 -64.25 1.17 13.88
N GLY G 116 -64.46 -0.04 14.39
CA GLY G 116 -63.51 -1.14 14.20
C GLY G 116 -63.60 -1.82 12.84
N LEU G 117 -62.86 -2.90 12.64
CA LEU G 117 -62.93 -3.63 11.39
C LEU G 117 -64.08 -4.59 11.36
N GLY G 118 -64.57 -4.97 12.55
CA GLY G 118 -65.53 -6.06 12.60
C GLY G 118 -64.87 -7.28 11.96
N HIS G 119 -65.64 -8.33 11.73
CA HIS G 119 -65.18 -9.60 11.15
CA HIS G 119 -65.05 -9.55 11.24
C HIS G 119 -64.47 -9.44 9.80
N MET G 120 -63.47 -10.28 9.52
CA MET G 120 -62.71 -10.20 8.27
C MET G 120 -62.69 -11.50 7.47
N ASN G 121 -62.92 -11.39 6.17
CA ASN G 121 -62.72 -12.53 5.27
C ASN G 121 -61.33 -12.65 4.61
N ILE G 122 -60.46 -11.67 4.89
CA ILE G 122 -59.09 -11.68 4.38
C ILE G 122 -58.16 -11.87 5.57
N ALA G 123 -56.89 -12.21 5.32
CA ALA G 123 -55.91 -12.31 6.40
C ALA G 123 -55.37 -10.91 6.80
N LEU G 124 -55.13 -10.68 8.09
CA LEU G 124 -54.41 -9.46 8.52
C LEU G 124 -53.06 -9.83 9.10
N LEU G 125 -52.01 -9.48 8.36
CA LEU G 125 -50.65 -9.90 8.66
C LEU G 125 -49.97 -8.78 9.47
N SER G 126 -49.40 -9.16 10.61
CA SER G 126 -48.68 -8.23 11.43
C SER G 126 -47.23 -8.10 10.88
N ASP G 127 -46.78 -6.86 10.72
CA ASP G 127 -45.39 -6.61 10.37
C ASP G 127 -44.73 -5.91 11.54
N LEU G 128 -44.74 -6.53 12.72
CA LEU G 128 -44.24 -5.84 13.92
C LEU G 128 -42.79 -5.38 13.77
N THR G 129 -41.97 -6.16 13.07
CA THR G 129 -40.54 -5.81 12.95
C THR G 129 -40.35 -4.76 11.85
N LYS G 130 -41.38 -4.53 11.03
CA LYS G 130 -41.33 -3.59 9.88
C LYS G 130 -40.50 -4.13 8.71
N GLN G 131 -39.91 -5.32 8.84
CA GLN G 131 -39.08 -5.86 7.80
C GLN G 131 -39.86 -6.20 6.53
N ILE G 132 -41.12 -6.61 6.65
CA ILE G 132 -41.95 -6.87 5.46
C ILE G 132 -42.16 -5.61 4.64
N SER G 133 -42.57 -4.51 5.30
CA SER G 133 -42.78 -3.23 4.60
C SER G 133 -41.47 -2.67 4.05
N ARG G 134 -40.37 -2.90 4.74
CA ARG G 134 -39.07 -2.45 4.26
C ARG G 134 -38.69 -3.22 2.97
N ASP G 135 -38.73 -4.55 3.01
CA ASP G 135 -38.55 -5.41 1.85
C ASP G 135 -39.49 -5.12 0.67
N TYR G 136 -40.69 -4.63 0.93
CA TYR G 136 -41.62 -4.35 -0.16
C TYR G 136 -41.49 -2.90 -0.63
N GLY G 137 -40.54 -2.17 -0.05
CA GLY G 137 -40.24 -0.82 -0.53
C GLY G 137 -41.36 0.17 -0.21
N VAL G 138 -42.12 -0.09 0.87
CA VAL G 138 -43.25 0.77 1.24
C VAL G 138 -43.12 1.37 2.64
N LEU G 139 -42.03 1.12 3.34
CA LEU G 139 -41.91 1.65 4.69
C LEU G 139 -41.43 3.11 4.74
N LEU G 140 -42.20 3.98 5.38
CA LEU G 140 -41.74 5.33 5.69
C LEU G 140 -40.91 5.25 6.94
N GLU G 141 -39.59 5.29 6.77
CA GLU G 141 -38.65 5.14 7.87
C GLU G 141 -38.88 6.15 8.98
N GLY G 142 -39.14 7.39 8.60
CA GLY G 142 -39.33 8.47 9.57
C GLY G 142 -40.36 8.13 10.62
N PRO G 143 -41.63 7.92 10.23
CA PRO G 143 -42.55 7.51 11.31
C PRO G 143 -42.65 5.97 11.53
N GLY G 144 -42.06 5.16 10.67
CA GLY G 144 -42.08 3.71 10.90
C GLY G 144 -43.44 3.06 10.66
N LEU G 145 -44.10 3.48 9.58
CA LEU G 145 -45.33 2.84 9.09
C LEU G 145 -45.29 2.77 7.56
N ALA G 146 -46.17 1.94 7.01
CA ALA G 146 -46.21 1.68 5.56
C ALA G 146 -47.11 2.66 4.78
N LEU G 147 -46.65 3.06 3.60
CA LEU G 147 -47.48 3.64 2.56
C LEU G 147 -48.55 2.63 2.16
N ARG G 148 -49.58 3.12 1.49
CA ARG G 148 -50.58 2.24 0.95
C ARG G 148 -50.09 1.64 -0.38
N GLY G 149 -49.43 0.49 -0.28
CA GLY G 149 -48.92 -0.20 -1.46
C GLY G 149 -49.72 -1.44 -1.70
N LEU G 150 -49.83 -1.82 -2.98
CA LEU G 150 -50.52 -3.03 -3.36
C LEU G 150 -49.72 -3.82 -4.40
N PHE G 151 -49.69 -5.13 -4.21
CA PHE G 151 -48.93 -6.04 -5.06
C PHE G 151 -49.85 -7.20 -5.47
N ILE G 152 -49.93 -7.45 -6.76
CA ILE G 152 -50.56 -8.67 -7.28
C ILE G 152 -49.41 -9.59 -7.65
N ILE G 153 -49.42 -10.76 -7.04
CA ILE G 153 -48.34 -11.72 -7.15
C ILE G 153 -48.94 -12.97 -7.79
N ASP G 154 -48.29 -13.52 -8.80
CA ASP G 154 -48.90 -14.64 -9.53
C ASP G 154 -48.60 -15.95 -8.81
N PRO G 155 -49.10 -17.10 -9.33
CA PRO G 155 -48.83 -18.41 -8.70
C PRO G 155 -47.36 -18.84 -8.58
N ASN G 156 -46.47 -18.25 -9.38
CA ASN G 156 -45.04 -18.54 -9.22
C ASN G 156 -44.30 -17.55 -8.33
N GLY G 157 -45.06 -16.64 -7.71
CA GLY G 157 -44.43 -15.66 -6.83
C GLY G 157 -43.87 -14.45 -7.56
N VAL G 158 -44.23 -14.31 -8.84
CA VAL G 158 -43.78 -13.19 -9.64
C VAL G 158 -44.76 -12.01 -9.55
N ILE G 159 -44.25 -10.82 -9.23
CA ILE G 159 -45.08 -9.62 -9.22
C ILE G 159 -45.49 -9.19 -10.63
N LYS G 160 -46.80 -8.99 -10.84
CA LYS G 160 -47.39 -8.63 -12.11
C LYS G 160 -47.84 -7.19 -12.13
N HIS G 161 -48.14 -6.67 -10.94
CA HIS G 161 -48.63 -5.31 -10.77
C HIS G 161 -48.24 -4.82 -9.39
N LEU G 162 -47.94 -3.54 -9.30
CA LEU G 162 -47.74 -2.87 -8.02
C LEU G 162 -48.25 -1.43 -8.12
N SER G 163 -48.79 -0.91 -7.01
CA SER G 163 -49.13 0.51 -6.93
C SER G 163 -48.97 1.03 -5.51
N VAL G 164 -48.63 2.30 -5.41
CA VAL G 164 -48.36 2.91 -4.12
C VAL G 164 -49.03 4.28 -4.14
N ASN G 165 -50.05 4.43 -3.29
CA ASN G 165 -50.70 5.73 -3.01
C ASN G 165 -50.12 6.28 -1.74
N ASP G 166 -50.06 7.60 -1.70
CA ASP G 166 -49.84 8.34 -0.48
C ASP G 166 -50.94 8.07 0.56
N LEU G 167 -50.52 8.11 1.82
CA LEU G 167 -51.27 7.64 3.00
C LEU G 167 -52.80 7.83 3.11
N PRO G 168 -53.34 9.01 2.67
CA PRO G 168 -54.80 9.20 2.88
C PRO G 168 -55.69 8.50 1.84
N VAL G 169 -55.21 8.44 0.60
CA VAL G 169 -56.08 8.21 -0.56
C VAL G 169 -56.46 6.75 -0.75
N GLY G 170 -57.77 6.50 -0.78
CA GLY G 170 -58.32 5.17 -0.96
C GLY G 170 -58.14 4.64 -2.38
N ARG G 171 -58.22 3.31 -2.50
CA ARG G 171 -58.01 2.60 -3.76
C ARG G 171 -59.22 1.70 -4.14
N SER G 172 -59.20 1.08 -5.30
CA SER G 172 -60.40 0.41 -5.81
C SER G 172 -60.32 -1.10 -5.84
N VAL G 173 -61.19 -1.73 -5.06
CA VAL G 173 -61.27 -3.19 -5.00
C VAL G 173 -61.63 -3.75 -6.34
N GLU G 174 -62.64 -3.17 -6.99
CA GLU G 174 -63.09 -3.61 -8.30
C GLU G 174 -61.96 -3.60 -9.33
N GLU G 175 -61.20 -2.51 -9.37
CA GLU G 175 -60.07 -2.44 -10.31
C GLU G 175 -58.99 -3.48 -10.04
N THR G 176 -58.70 -3.73 -8.76
CA THR G 176 -57.74 -4.76 -8.37
C THR G 176 -58.25 -6.13 -8.82
N LEU G 177 -59.55 -6.36 -8.68
CA LEU G 177 -60.15 -7.60 -9.16
C LEU G 177 -60.04 -7.70 -10.69
N ARG G 178 -60.37 -6.62 -11.38
CA ARG G 178 -60.28 -6.60 -12.84
C ARG G 178 -58.87 -6.97 -13.31
N LEU G 179 -57.87 -6.37 -12.67
CA LEU G 179 -56.47 -6.68 -12.95
C LEU G 179 -56.10 -8.16 -12.73
N VAL G 180 -56.47 -8.74 -11.57
CA VAL G 180 -56.22 -10.16 -11.33
C VAL G 180 -56.75 -10.99 -12.51
N LYS G 181 -58.02 -10.81 -12.86
CA LYS G 181 -58.61 -11.54 -13.97
C LYS G 181 -57.86 -11.31 -15.25
N ALA G 182 -57.42 -10.07 -15.47
CA ALA G 182 -56.69 -9.67 -16.68
C ALA G 182 -55.36 -10.41 -16.78
N PHE G 183 -54.63 -10.51 -15.66
CA PHE G 183 -53.41 -11.33 -15.67
C PHE G 183 -53.64 -12.80 -15.96
N GLN G 184 -54.78 -13.33 -15.50
CA GLN G 184 -55.13 -14.73 -15.68
C GLN G 184 -55.49 -14.99 -17.12
N PHE G 185 -56.15 -14.00 -17.73
CA PHE G 185 -56.58 -14.11 -19.12
C PHE G 185 -55.33 -14.30 -19.96
N VAL G 186 -54.34 -13.41 -19.76
CA VAL G 186 -53.04 -13.51 -20.43
C VAL G 186 -52.42 -14.90 -20.23
N GLU G 187 -52.29 -15.34 -18.97
CA GLU G 187 -51.74 -16.67 -18.60
CA GLU G 187 -51.69 -16.66 -18.70
C GLU G 187 -52.43 -17.83 -19.33
N ALA G 188 -53.66 -17.61 -19.79
CA ALA G 188 -54.43 -18.66 -20.43
C ALA G 188 -54.47 -18.58 -21.96
N HIS G 189 -54.47 -17.37 -22.52
CA HIS G 189 -54.57 -17.18 -23.96
C HIS G 189 -53.34 -16.52 -24.53
N PRO H 27 -37.49 6.51 -7.83
CA PRO H 27 -38.79 7.18 -7.87
C PRO H 27 -39.87 6.47 -7.04
N ALA H 28 -40.05 6.87 -5.77
CA ALA H 28 -41.13 6.37 -4.91
C ALA H 28 -42.10 7.49 -4.46
N VAL H 29 -43.26 7.11 -3.92
CA VAL H 29 -44.29 8.09 -3.56
C VAL H 29 -43.85 8.94 -2.39
N THR H 30 -44.06 10.25 -2.49
CA THR H 30 -43.58 11.31 -1.53
C THR H 30 -42.20 11.93 -1.92
N GLN H 31 -41.53 11.29 -2.90
CA GLN H 31 -40.32 11.87 -3.46
CA GLN H 31 -40.31 11.83 -3.50
C GLN H 31 -40.64 12.76 -4.68
N HIS H 32 -39.73 13.68 -5.00
CA HIS H 32 -39.89 14.55 -6.19
CA HIS H 32 -39.89 14.54 -6.18
C HIS H 32 -39.74 13.70 -7.47
N ALA H 33 -40.48 14.04 -8.52
CA ALA H 33 -40.32 13.32 -9.80
C ALA H 33 -38.93 13.53 -10.43
N PRO H 34 -38.32 12.47 -10.94
CA PRO H 34 -37.08 12.69 -11.67
C PRO H 34 -37.26 13.68 -12.84
N TYR H 35 -36.22 14.46 -13.16
CA TYR H 35 -36.30 15.33 -14.29
C TYR H 35 -36.50 14.50 -15.55
N PHE H 36 -37.20 15.05 -16.54
CA PHE H 36 -37.12 14.50 -17.89
C PHE H 36 -37.17 15.64 -18.88
N LYS H 37 -36.67 15.38 -20.09
CA LYS H 37 -36.76 16.29 -21.21
C LYS H 37 -36.66 15.43 -22.45
N GLY H 38 -37.39 15.79 -23.50
CA GLY H 38 -37.31 15.00 -24.72
C GLY H 38 -38.19 15.57 -25.80
N THR H 39 -38.15 14.96 -26.99
CA THR H 39 -38.98 15.42 -28.08
C THR H 39 -40.31 14.71 -28.02
N ALA H 40 -41.42 15.47 -28.08
CA ALA H 40 -42.77 14.90 -28.04
C ALA H 40 -43.52 15.18 -29.32
N VAL H 41 -44.46 14.29 -29.69
CA VAL H 41 -45.45 14.66 -30.69
C VAL H 41 -46.62 15.35 -29.96
N VAL H 42 -46.84 16.62 -30.28
CA VAL H 42 -47.94 17.39 -29.67
C VAL H 42 -48.73 18.05 -30.78
N SER H 43 -49.99 17.63 -30.94
CA SER H 43 -50.88 18.08 -32.02
C SER H 43 -50.26 17.92 -33.41
N GLY H 44 -49.76 16.73 -33.70
CA GLY H 44 -49.19 16.40 -35.00
C GLY H 44 -47.80 17.00 -35.21
N GLU H 45 -47.32 17.74 -34.22
CA GLU H 45 -46.00 18.38 -34.32
C GLU H 45 -44.95 17.93 -33.31
N PHE H 46 -43.70 18.14 -33.65
CA PHE H 46 -42.56 17.83 -32.80
C PHE H 46 -42.32 19.02 -31.90
N LYS H 47 -42.26 18.75 -30.59
CA LYS H 47 -42.06 19.76 -29.58
C LYS H 47 -41.20 19.19 -28.41
N GLU H 48 -40.27 20.01 -27.94
CA GLU H 48 -39.41 19.66 -26.83
C GLU H 48 -40.21 19.97 -25.57
N ILE H 49 -40.41 18.96 -24.71
CA ILE H 49 -41.08 19.15 -23.42
C ILE H 49 -40.17 18.69 -22.30
N SER H 50 -40.45 19.16 -21.08
CA SER H 50 -39.64 18.77 -19.92
C SER H 50 -40.53 18.76 -18.69
N LEU H 51 -40.08 18.14 -17.62
CA LEU H 51 -40.84 18.20 -16.38
C LEU H 51 -41.28 19.62 -15.97
N ASP H 52 -40.38 20.60 -16.09
CA ASP H 52 -40.68 22.02 -15.80
C ASP H 52 -41.88 22.65 -16.53
N ASP H 53 -42.22 22.14 -17.71
CA ASP H 53 -43.39 22.65 -18.42
C ASP H 53 -44.70 22.39 -17.66
N PHE H 54 -44.64 21.51 -16.68
CA PHE H 54 -45.81 21.10 -15.93
C PHE H 54 -45.86 21.70 -14.52
N LYS H 55 -44.92 22.59 -14.20
CA LYS H 55 -44.99 23.23 -12.89
C LYS H 55 -46.35 23.88 -12.79
N GLY H 56 -46.96 23.77 -11.61
CA GLY H 56 -48.23 24.42 -11.38
C GLY H 56 -49.45 23.68 -11.90
N LYS H 57 -49.26 22.43 -12.36
CA LYS H 57 -50.34 21.60 -12.90
C LYS H 57 -50.10 20.18 -12.48
N TYR H 58 -51.14 19.37 -12.44
CA TYR H 58 -50.95 17.94 -12.30
C TYR H 58 -50.49 17.33 -13.61
N LEU H 59 -49.72 16.24 -13.49
CA LEU H 59 -49.24 15.49 -14.62
C LEU H 59 -49.44 14.00 -14.37
N VAL H 60 -50.10 13.37 -15.31
CA VAL H 60 -50.10 11.92 -15.43
C VAL H 60 -49.04 11.55 -16.49
N LEU H 61 -48.00 10.89 -16.03
CA LEU H 61 -46.93 10.44 -16.89
C LEU H 61 -47.01 8.92 -16.92
N PHE H 62 -47.30 8.35 -18.09
CA PHE H 62 -47.38 6.89 -18.20
C PHE H 62 -46.56 6.36 -19.37
N PHE H 63 -46.15 5.11 -19.24
CA PHE H 63 -45.16 4.50 -20.10
C PHE H 63 -45.80 3.28 -20.72
N TYR H 64 -45.40 2.98 -21.95
CA TYR H 64 -45.81 1.72 -22.57
C TYR H 64 -44.59 1.17 -23.30
N PRO H 65 -44.65 -0.12 -23.65
CA PRO H 65 -43.42 -0.78 -24.06
C PRO H 65 -42.93 -0.34 -25.45
N LEU H 66 -43.78 -0.46 -26.48
CA LEU H 66 -43.34 -0.23 -27.88
C LEU H 66 -44.50 0.25 -28.77
N ASP H 67 -44.24 1.25 -29.62
CA ASP H 67 -45.16 1.56 -30.73
C ASP H 67 -45.41 0.33 -31.61
N PHE H 68 -46.59 0.28 -32.21
CA PHE H 68 -46.97 -0.73 -33.20
C PHE H 68 -47.10 -2.14 -32.69
N THR H 69 -47.41 -2.31 -31.40
CA THR H 69 -47.71 -3.61 -30.77
C THR H 69 -49.19 -3.55 -30.35
N PHE H 70 -49.90 -4.68 -30.39
CA PHE H 70 -51.37 -4.66 -30.18
C PHE H 70 -51.85 -4.48 -28.72
N VAL H 71 -51.01 -4.80 -27.74
CA VAL H 71 -51.35 -4.61 -26.31
C VAL H 71 -51.46 -3.16 -25.78
N CYS H 72 -50.93 -2.18 -26.51
CA CYS H 72 -50.80 -0.80 -25.98
C CYS H 72 -51.88 0.20 -26.37
N PRO H 73 -52.35 0.14 -27.64
CA PRO H 73 -53.18 1.26 -28.13
C PRO H 73 -54.48 1.47 -27.33
N THR H 74 -55.09 0.41 -26.80
CA THR H 74 -56.37 0.54 -26.07
C THR H 74 -56.23 1.50 -24.89
N GLU H 75 -55.12 1.44 -24.17
CA GLU H 75 -54.92 2.32 -23.03
C GLU H 75 -54.53 3.75 -23.46
N ILE H 76 -53.70 3.84 -24.51
CA ILE H 76 -53.30 5.17 -25.01
C ILE H 76 -54.51 5.92 -25.59
N ILE H 77 -55.30 5.22 -26.39
CA ILE H 77 -56.53 5.81 -26.95
C ILE H 77 -57.52 6.22 -25.85
N ALA H 78 -57.67 5.37 -24.83
CA ALA H 78 -58.55 5.72 -23.72
C ALA H 78 -58.09 7.04 -23.03
N PHE H 79 -56.78 7.21 -22.81
CA PHE H 79 -56.29 8.47 -22.24
C PHE H 79 -56.56 9.65 -23.17
N SER H 80 -56.42 9.42 -24.48
CA SER H 80 -56.64 10.47 -25.44
C SER H 80 -58.11 10.91 -25.41
N ASP H 81 -59.00 9.92 -25.35
CA ASP H 81 -60.43 10.19 -25.42
C ASP H 81 -60.90 10.96 -24.22
N LYS H 82 -60.28 10.72 -23.07
CA LYS H 82 -60.72 11.29 -21.80
C LYS H 82 -59.84 12.47 -21.40
N ALA H 83 -59.02 12.91 -22.35
CA ALA H 83 -58.02 13.94 -22.10
C ALA H 83 -58.60 15.26 -21.58
N SER H 84 -59.68 15.74 -22.19
CA SER H 84 -60.26 17.04 -21.78
C SER H 84 -60.80 16.97 -20.33
N GLU H 85 -61.23 15.77 -19.90
CA GLU H 85 -61.66 15.54 -18.51
C GLU H 85 -60.49 15.74 -17.52
N PHE H 86 -59.31 15.27 -17.89
CA PHE H 86 -58.09 15.61 -17.14
C PHE H 86 -57.77 17.10 -17.26
N HIS H 87 -57.84 17.67 -18.47
CA HIS H 87 -57.56 19.08 -18.68
C HIS H 87 -58.49 19.94 -17.83
N ASP H 88 -59.74 19.47 -17.63
CA ASP H 88 -60.76 20.19 -16.86
C ASP H 88 -60.38 20.34 -15.40
N VAL H 89 -59.56 19.41 -14.90
CA VAL H 89 -59.13 19.46 -13.50
C VAL H 89 -57.64 19.89 -13.38
N ASN H 90 -57.14 20.61 -14.39
CA ASN H 90 -55.78 21.18 -14.37
C ASN H 90 -54.72 20.06 -14.42
N CYS H 91 -55.01 19.01 -15.18
CA CYS H 91 -54.10 17.87 -15.26
C CYS H 91 -53.77 17.59 -16.72
N GLU H 92 -52.46 17.43 -16.97
CA GLU H 92 -51.96 17.07 -18.28
C GLU H 92 -51.62 15.59 -18.32
N VAL H 93 -51.74 14.99 -19.51
CA VAL H 93 -51.39 13.58 -19.71
C VAL H 93 -50.30 13.46 -20.75
N VAL H 94 -49.18 12.80 -20.39
CA VAL H 94 -48.10 12.52 -21.33
C VAL H 94 -47.83 11.00 -21.36
N ALA H 95 -47.93 10.42 -22.56
CA ALA H 95 -47.49 9.00 -22.80
C ALA H 95 -46.01 8.94 -23.19
N VAL H 96 -45.27 7.91 -22.74
CA VAL H 96 -43.83 7.82 -23.00
C VAL H 96 -43.50 6.39 -23.48
N SER H 97 -42.65 6.25 -24.50
CA SER H 97 -41.99 4.96 -24.75
C SER H 97 -40.60 5.21 -25.34
N VAL H 98 -39.78 4.17 -25.37
CA VAL H 98 -38.40 4.29 -25.83
C VAL H 98 -38.33 4.42 -27.37
N ASP H 99 -39.48 4.51 -28.05
CA ASP H 99 -39.43 4.70 -29.48
C ASP H 99 -39.03 6.14 -29.79
N SER H 100 -38.61 6.36 -31.03
CA SER H 100 -38.33 7.71 -31.52
C SER H 100 -39.62 8.49 -31.73
N HIS H 101 -39.52 9.81 -31.85
CA HIS H 101 -40.70 10.60 -32.10
C HIS H 101 -41.25 10.41 -33.53
N PHE H 102 -40.39 9.99 -34.48
CA PHE H 102 -40.83 9.60 -35.83
C PHE H 102 -41.75 8.39 -35.83
N SER H 103 -41.41 7.39 -35.00
CA SER H 103 -42.29 6.26 -34.79
C SER H 103 -43.61 6.66 -34.16
N HIS H 104 -43.56 7.56 -33.16
CA HIS H 104 -44.79 8.04 -32.57
C HIS H 104 -45.66 8.66 -33.61
N LEU H 105 -45.10 9.57 -34.42
CA LEU H 105 -45.90 10.22 -35.47
C LEU H 105 -46.48 9.20 -36.48
N ALA H 106 -45.69 8.22 -36.94
CA ALA H 106 -46.23 7.20 -37.84
C ALA H 106 -47.39 6.44 -37.22
N TRP H 107 -47.36 6.23 -35.89
CA TRP H 107 -48.45 5.48 -35.24
C TRP H 107 -49.73 6.35 -35.12
N ILE H 108 -49.52 7.64 -34.89
CA ILE H 108 -50.62 8.59 -34.90
C ILE H 108 -51.22 8.60 -36.30
N ASN H 109 -50.39 8.68 -37.33
CA ASN H 109 -50.88 8.70 -38.73
C ASN H 109 -51.40 7.35 -39.23
N THR H 110 -51.49 6.36 -38.34
CA THR H 110 -52.11 5.09 -38.69
C THR H 110 -53.56 5.15 -38.12
N PRO H 111 -54.61 4.92 -38.95
CA PRO H 111 -55.99 5.01 -38.38
C PRO H 111 -56.24 3.95 -37.31
N ARG H 112 -57.10 4.26 -36.34
CA ARG H 112 -57.47 3.28 -35.34
C ARG H 112 -57.96 1.96 -35.91
N LYS H 113 -58.83 2.00 -36.92
CA LYS H 113 -59.34 0.78 -37.55
C LYS H 113 -58.20 -0.13 -38.02
N ASN H 114 -57.05 0.46 -38.31
CA ASN H 114 -55.91 -0.30 -38.78
C ASN H 114 -54.91 -0.65 -37.70
N GLY H 115 -55.34 -0.65 -36.44
CA GLY H 115 -54.45 -0.85 -35.30
C GLY H 115 -53.58 0.34 -34.90
N GLY H 116 -53.90 1.54 -35.40
CA GLY H 116 -53.12 2.73 -35.11
C GLY H 116 -53.65 3.53 -33.94
N LEU H 117 -53.04 4.68 -33.68
CA LEU H 117 -53.52 5.58 -32.62
C LEU H 117 -54.51 6.62 -33.15
N GLY H 118 -54.44 6.94 -34.44
CA GLY H 118 -55.22 8.06 -34.96
C GLY H 118 -54.88 9.31 -34.15
N HIS H 119 -55.63 10.38 -34.40
CA HIS H 119 -55.45 11.69 -33.74
C HIS H 119 -55.29 11.56 -32.22
N MET H 120 -54.39 12.32 -31.62
CA MET H 120 -54.18 12.24 -30.17
C MET H 120 -54.44 13.56 -29.47
N ASN H 121 -55.14 13.53 -28.33
CA ASN H 121 -55.28 14.75 -27.50
C ASN H 121 -54.24 14.87 -26.37
N ILE H 122 -53.30 13.91 -26.33
CA ILE H 122 -52.25 13.87 -25.29
C ILE H 122 -50.88 13.91 -25.96
N ALA H 123 -49.85 14.31 -25.22
CA ALA H 123 -48.49 14.34 -25.73
C ALA H 123 -47.94 12.91 -25.81
N LEU H 124 -47.27 12.61 -26.91
CA LEU H 124 -46.50 11.35 -27.02
C LEU H 124 -45.04 11.63 -26.94
N LEU H 125 -44.41 11.26 -25.83
CA LEU H 125 -43.03 11.64 -25.59
C LEU H 125 -42.08 10.57 -26.08
N SER H 126 -41.02 11.01 -26.76
CA SER H 126 -40.00 10.02 -27.19
C SER H 126 -38.90 9.90 -26.17
N ASP H 127 -38.64 8.67 -25.71
CA ASP H 127 -37.52 8.37 -24.81
C ASP H 127 -36.43 7.56 -25.51
N LEU H 128 -35.89 8.11 -26.58
CA LEU H 128 -34.99 7.36 -27.49
C LEU H 128 -33.73 6.94 -26.76
N THR H 129 -33.25 7.81 -25.86
CA THR H 129 -32.03 7.51 -25.08
C THR H 129 -32.28 6.50 -23.98
N LYS H 130 -33.55 6.28 -23.63
CA LYS H 130 -33.94 5.38 -22.54
C LYS H 130 -33.69 5.97 -21.14
N GLN H 131 -33.18 7.21 -21.05
CA GLN H 131 -32.81 7.74 -19.73
C GLN H 131 -34.05 8.03 -18.89
N ILE H 132 -35.11 8.49 -19.57
CA ILE H 132 -36.35 8.78 -18.86
C ILE H 132 -36.90 7.52 -18.20
N SER H 133 -37.00 6.42 -18.96
CA SER H 133 -37.49 5.16 -18.43
C SER H 133 -36.52 4.66 -17.34
N ARG H 134 -35.22 4.85 -17.56
CA ARG H 134 -34.25 4.46 -16.55
C ARG H 134 -34.53 5.22 -15.24
N ASP H 135 -34.66 6.55 -15.34
CA ASP H 135 -34.78 7.42 -14.17
C ASP H 135 -36.14 7.21 -13.48
N TYR H 136 -37.17 6.77 -14.23
CA TYR H 136 -38.46 6.56 -13.60
C TYR H 136 -38.56 5.13 -13.07
N GLY H 137 -37.47 4.36 -13.19
CA GLY H 137 -37.39 3.06 -12.54
C GLY H 137 -38.22 2.01 -13.28
N VAL H 138 -38.56 2.26 -14.54
CA VAL H 138 -39.42 1.33 -15.30
C VAL H 138 -38.72 0.71 -16.50
N LEU H 139 -37.46 1.04 -16.73
CA LEU H 139 -36.74 0.45 -17.85
C LEU H 139 -36.39 -1.05 -17.63
N LEU H 140 -36.76 -1.92 -18.55
CA LEU H 140 -36.21 -3.26 -18.56
C LEU H 140 -34.94 -3.27 -19.38
N GLU H 141 -33.77 -3.36 -18.74
CA GLU H 141 -32.47 -3.12 -19.39
CA GLU H 141 -32.53 -3.07 -19.48
C GLU H 141 -32.15 -4.14 -20.50
N GLY H 142 -32.40 -5.41 -20.20
CA GLY H 142 -32.14 -6.48 -21.14
C GLY H 142 -32.81 -6.21 -22.49
N PRO H 143 -34.14 -6.18 -22.52
CA PRO H 143 -34.71 -5.91 -23.84
C PRO H 143 -34.59 -4.42 -24.23
N GLY H 144 -34.39 -3.49 -23.28
CA GLY H 144 -34.40 -2.07 -23.60
C GLY H 144 -35.74 -1.42 -23.90
N LEU H 145 -36.77 -1.77 -23.14
CA LEU H 145 -38.07 -1.07 -23.25
C LEU H 145 -38.66 -0.86 -21.85
N ALA H 146 -39.68 -0.01 -21.75
CA ALA H 146 -40.31 0.32 -20.45
C ALA H 146 -41.47 -0.59 -20.06
N LEU H 147 -41.54 -0.94 -18.77
CA LEU H 147 -42.74 -1.50 -18.17
C LEU H 147 -43.87 -0.50 -18.21
N ARG H 148 -45.10 -0.97 -18.04
CA ARG H 148 -46.26 -0.10 -18.06
C ARG H 148 -46.47 0.72 -16.78
N GLY H 149 -45.60 1.70 -16.57
CA GLY H 149 -45.58 2.49 -15.34
C GLY H 149 -46.42 3.72 -15.51
N LEU H 150 -47.02 4.18 -14.42
CA LEU H 150 -47.81 5.39 -14.44
C LEU H 150 -47.52 6.20 -13.20
N PHE H 151 -47.38 7.50 -13.37
CA PHE H 151 -47.04 8.38 -12.26
C PHE H 151 -48.04 9.52 -12.17
N ILE H 152 -48.61 9.78 -10.98
CA ILE H 152 -49.33 11.02 -10.77
C ILE H 152 -48.45 12.03 -10.02
N ILE H 153 -48.22 13.16 -10.64
CA ILE H 153 -47.23 14.14 -10.18
C ILE H 153 -48.00 15.42 -9.88
N ASP H 154 -47.81 15.99 -8.69
CA ASP H 154 -48.60 17.17 -8.28
C ASP H 154 -48.03 18.46 -8.92
N PRO H 155 -48.65 19.64 -8.67
CA PRO H 155 -48.17 20.87 -9.27
C PRO H 155 -46.79 21.32 -8.84
N ASN H 156 -46.25 20.72 -7.78
CA ASN H 156 -44.90 21.02 -7.31
C ASN H 156 -43.86 20.01 -7.80
N GLY H 157 -44.33 19.00 -8.53
CA GLY H 157 -43.44 18.01 -9.11
C GLY H 157 -43.15 16.90 -8.11
N VAL H 158 -44.05 16.71 -7.15
CA VAL H 158 -43.92 15.60 -6.21
C VAL H 158 -44.74 14.41 -6.71
N ILE H 159 -44.23 13.20 -6.58
CA ILE H 159 -45.00 12.02 -6.98
C ILE H 159 -46.01 11.66 -5.90
N LYS H 160 -47.29 11.65 -6.26
CA LYS H 160 -48.34 11.32 -5.30
C LYS H 160 -48.75 9.87 -5.42
N HIS H 161 -48.56 9.29 -6.59
CA HIS H 161 -49.05 7.95 -6.87
C HIS H 161 -48.23 7.33 -7.97
N LEU H 162 -48.05 6.01 -7.90
CA LEU H 162 -47.41 5.31 -8.99
C LEU H 162 -48.00 3.93 -9.10
N SER H 163 -48.07 3.42 -10.33
CA SER H 163 -48.38 2.01 -10.51
C SER H 163 -47.76 1.48 -11.76
N VAL H 164 -47.54 0.19 -11.74
CA VAL H 164 -46.85 -0.49 -12.81
C VAL H 164 -47.55 -1.80 -13.12
N ASN H 165 -47.76 -2.08 -14.39
CA ASN H 165 -48.25 -3.39 -14.86
C ASN H 165 -47.23 -4.03 -15.81
N ASP H 166 -47.23 -5.36 -15.80
CA ASP H 166 -46.53 -6.12 -16.80
C ASP H 166 -47.04 -5.75 -18.19
N LEU H 167 -46.17 -5.92 -19.18
CA LEU H 167 -46.34 -5.48 -20.58
C LEU H 167 -47.74 -5.68 -21.20
N PRO H 168 -48.37 -6.87 -21.00
CA PRO H 168 -49.60 -7.13 -21.77
C PRO H 168 -50.87 -6.41 -21.26
N VAL H 169 -50.85 -5.88 -20.04
CA VAL H 169 -52.09 -5.47 -19.40
C VAL H 169 -52.30 -3.95 -19.36
N GLY H 170 -53.46 -3.51 -19.87
CA GLY H 170 -53.79 -2.09 -19.85
C GLY H 170 -54.42 -1.69 -18.52
N ARG H 171 -54.29 -0.41 -18.16
CA ARG H 171 -54.92 0.09 -16.92
C ARG H 171 -56.25 0.82 -17.17
N SER H 172 -57.00 1.04 -16.10
CA SER H 172 -58.25 1.80 -16.15
C SER H 172 -58.01 3.28 -16.11
N VAL H 173 -58.40 3.95 -17.20
CA VAL H 173 -58.28 5.41 -17.26
C VAL H 173 -59.19 6.15 -16.25
N GLU H 174 -60.40 5.63 -16.03
CA GLU H 174 -61.40 6.24 -15.14
C GLU H 174 -60.90 6.19 -13.69
N GLU H 175 -60.34 5.05 -13.32
CA GLU H 175 -59.59 4.93 -12.06
C GLU H 175 -58.43 5.96 -11.86
N THR H 176 -57.69 6.27 -12.94
CA THR H 176 -56.58 7.24 -12.89
C THR H 176 -57.12 8.67 -12.69
N LEU H 177 -58.19 9.01 -13.43
CA LEU H 177 -58.96 10.23 -13.24
C LEU H 177 -59.52 10.34 -11.84
N ARG H 178 -60.14 9.28 -11.33
CA ARG H 178 -60.63 9.25 -9.95
C ARG H 178 -59.52 9.63 -8.93
N LEU H 179 -58.36 8.96 -9.03
CA LEU H 179 -57.20 9.28 -8.19
C LEU H 179 -56.74 10.72 -8.25
N VAL H 180 -56.63 11.27 -9.46
CA VAL H 180 -56.26 12.67 -9.64
C VAL H 180 -57.20 13.55 -8.85
N LYS H 181 -58.51 13.30 -9.03
CA LYS H 181 -59.56 14.07 -8.35
C LYS H 181 -59.49 13.89 -6.85
N ALA H 182 -59.19 12.68 -6.38
CA ALA H 182 -59.05 12.43 -4.92
C ALA H 182 -57.84 13.17 -4.30
N PHE H 183 -56.70 13.23 -5.01
CA PHE H 183 -55.56 14.02 -4.51
C PHE H 183 -55.88 15.50 -4.44
N GLN H 184 -56.64 15.98 -5.42
CA GLN H 184 -57.08 17.39 -5.44
C GLN H 184 -58.04 17.71 -4.30
N PHE H 185 -58.95 16.77 -4.03
CA PHE H 185 -59.87 16.85 -2.91
C PHE H 185 -59.13 16.99 -1.59
N VAL H 186 -58.08 16.19 -1.41
CA VAL H 186 -57.33 16.17 -0.18
C VAL H 186 -56.56 17.48 0.04
N GLU H 187 -55.94 18.02 -1.01
CA GLU H 187 -55.24 19.31 -0.92
C GLU H 187 -56.14 20.54 -0.71
N ALA H 188 -57.45 20.32 -0.86
CA ALA H 188 -58.42 21.37 -0.62
C ALA H 188 -59.12 21.32 0.77
N HIS H 189 -59.05 20.18 1.46
CA HIS H 189 -59.88 19.93 2.66
C HIS H 189 -59.17 19.17 3.78
N ASP I 24 -9.93 -9.00 -29.37
CA ASP I 24 -9.35 -8.74 -30.72
C ASP I 24 -10.34 -8.14 -31.74
N PRO I 25 -11.61 -8.65 -31.79
CA PRO I 25 -12.59 -8.19 -32.80
C PRO I 25 -12.86 -6.69 -32.68
N ALA I 26 -12.92 -6.01 -33.83
CA ALA I 26 -13.00 -4.54 -33.87
C ALA I 26 -13.66 -4.16 -35.18
N PRO I 27 -14.35 -2.97 -35.20
CA PRO I 27 -14.93 -2.49 -36.44
C PRO I 27 -13.86 -1.72 -37.22
N ALA I 28 -12.86 -2.45 -37.69
CA ALA I 28 -11.71 -1.88 -38.39
C ALA I 28 -11.34 -2.85 -39.49
N VAL I 29 -10.92 -2.32 -40.64
CA VAL I 29 -10.49 -3.16 -41.76
C VAL I 29 -9.28 -4.07 -41.38
N THR I 30 -9.30 -5.35 -41.81
CA THR I 30 -8.36 -6.43 -41.49
C THR I 30 -8.66 -7.14 -40.17
N GLN I 31 -9.64 -6.67 -39.41
CA GLN I 31 -9.99 -7.28 -38.12
C GLN I 31 -11.29 -8.05 -38.23
N HIS I 32 -11.52 -9.00 -37.32
CA HIS I 32 -12.76 -9.73 -37.35
CA HIS I 32 -12.81 -9.73 -37.24
C HIS I 32 -13.90 -8.80 -36.87
N ALA I 33 -15.01 -8.85 -37.59
CA ALA I 33 -16.19 -8.11 -37.22
C ALA I 33 -16.71 -8.54 -35.82
N PRO I 34 -17.09 -7.57 -34.96
CA PRO I 34 -17.70 -7.95 -33.70
C PRO I 34 -18.97 -8.78 -33.88
N TYR I 35 -19.14 -9.76 -32.99
CA TYR I 35 -20.31 -10.60 -32.95
C TYR I 35 -21.53 -9.71 -32.75
N PHE I 36 -22.65 -10.13 -33.29
CA PHE I 36 -23.92 -9.46 -32.96
C PHE I 36 -25.01 -10.53 -33.02
N LYS I 37 -26.10 -10.28 -32.31
CA LYS I 37 -27.28 -11.09 -32.38
C LYS I 37 -28.46 -10.17 -32.10
N GLY I 38 -29.60 -10.41 -32.72
CA GLY I 38 -30.77 -9.57 -32.40
C GLY I 38 -31.99 -10.13 -33.14
N THR I 39 -33.13 -9.50 -32.90
CA THR I 39 -34.33 -9.88 -33.62
C THR I 39 -34.40 -9.09 -34.96
N ALA I 40 -34.50 -9.83 -36.07
CA ALA I 40 -34.75 -9.19 -37.39
C ALA I 40 -36.14 -9.44 -37.93
N VAL I 41 -36.57 -8.58 -38.85
CA VAL I 41 -37.71 -8.93 -39.69
C VAL I 41 -37.14 -9.55 -40.95
N VAL I 42 -37.54 -10.80 -41.21
CA VAL I 42 -37.10 -11.56 -42.38
C VAL I 42 -38.34 -12.13 -43.11
N SER I 43 -38.54 -11.69 -44.35
CA SER I 43 -39.77 -11.99 -45.10
C SER I 43 -41.05 -11.77 -44.29
N GLY I 44 -41.21 -10.57 -43.73
CA GLY I 44 -42.40 -10.19 -42.97
C GLY I 44 -42.53 -10.93 -41.66
N GLU I 45 -41.49 -11.67 -41.25
CA GLU I 45 -41.53 -12.49 -40.02
C GLU I 45 -40.40 -12.12 -39.05
N PHE I 46 -40.61 -12.33 -37.74
CA PHE I 46 -39.57 -12.10 -36.75
C PHE I 46 -38.66 -13.30 -36.67
N LYS I 47 -37.36 -13.05 -36.77
CA LYS I 47 -36.36 -14.12 -36.74
C LYS I 47 -35.14 -13.60 -35.97
N GLU I 48 -34.62 -14.41 -35.06
CA GLU I 48 -33.35 -14.07 -34.44
CA GLU I 48 -33.36 -14.17 -34.37
C GLU I 48 -32.21 -14.49 -35.34
N ILE I 49 -31.31 -13.55 -35.58
CA ILE I 49 -30.16 -13.81 -36.45
C ILE I 49 -28.90 -13.33 -35.74
N SER I 50 -27.73 -13.79 -36.21
CA SER I 50 -26.46 -13.39 -35.61
C SER I 50 -25.33 -13.44 -36.64
N LEU I 51 -24.19 -12.89 -36.27
CA LEU I 51 -23.00 -12.92 -37.11
C LEU I 51 -22.67 -14.33 -37.56
N ASP I 52 -22.87 -15.33 -36.69
CA ASP I 52 -22.62 -16.72 -37.06
C ASP I 52 -23.43 -17.22 -38.25
N ASP I 53 -24.68 -16.79 -38.39
CA ASP I 53 -25.48 -17.15 -39.56
C ASP I 53 -24.80 -16.83 -40.90
N PHE I 54 -23.85 -15.91 -40.91
CA PHE I 54 -23.30 -15.42 -42.18
C PHE I 54 -21.89 -15.94 -42.49
N LYS I 55 -21.37 -16.80 -41.62
CA LYS I 55 -20.02 -17.41 -41.81
C LYS I 55 -20.02 -18.20 -43.09
N GLY I 56 -18.94 -18.08 -43.88
CA GLY I 56 -18.83 -18.76 -45.13
C GLY I 56 -19.45 -18.02 -46.30
N LYS I 57 -20.04 -16.85 -46.07
CA LYS I 57 -20.51 -15.96 -47.15
C LYS I 57 -20.05 -14.54 -46.89
N TYR I 58 -20.13 -13.66 -47.88
CA TYR I 58 -19.93 -12.24 -47.56
C TYR I 58 -21.16 -11.65 -46.90
N LEU I 59 -20.96 -10.59 -46.12
CA LEU I 59 -22.06 -9.88 -45.53
C LEU I 59 -21.83 -8.40 -45.70
N VAL I 60 -22.87 -7.73 -46.14
CA VAL I 60 -22.93 -6.29 -46.05
C VAL I 60 -23.86 -5.97 -44.87
N LEU I 61 -23.29 -5.34 -43.84
CA LEU I 61 -24.05 -4.87 -42.73
C LEU I 61 -24.04 -3.36 -42.77
N PHE I 62 -25.20 -2.72 -42.89
CA PHE I 62 -25.18 -1.28 -42.86
C PHE I 62 -26.20 -0.74 -41.86
N PHE I 63 -25.88 0.43 -41.30
CA PHE I 63 -26.67 1.07 -40.26
C PHE I 63 -27.31 2.31 -40.86
N TYR I 64 -28.50 2.65 -40.36
CA TYR I 64 -29.18 3.88 -40.71
C TYR I 64 -29.81 4.43 -39.43
N PRO I 65 -30.09 5.75 -39.38
CA PRO I 65 -30.49 6.35 -38.10
C PRO I 65 -31.83 5.87 -37.54
N LEU I 66 -32.95 6.07 -38.28
CA LEU I 66 -34.30 5.89 -37.74
C LEU I 66 -35.33 5.47 -38.79
N ASP I 67 -36.21 4.54 -38.42
CA ASP I 67 -37.38 4.25 -39.20
C ASP I 67 -38.26 5.51 -39.33
N PHE I 68 -39.04 5.59 -40.41
CA PHE I 68 -40.04 6.66 -40.62
C PHE I 68 -39.45 8.06 -40.75
N THR I 69 -38.21 8.15 -41.23
CA THR I 69 -37.52 9.39 -41.58
C THR I 69 -37.29 9.30 -43.09
N PHE I 70 -37.28 10.46 -43.74
CA PHE I 70 -37.35 10.59 -45.20
C PHE I 70 -36.01 10.30 -45.86
N VAL I 71 -34.92 10.64 -45.16
CA VAL I 71 -33.54 10.39 -45.62
C VAL I 71 -33.13 8.90 -45.81
N CYS I 72 -33.74 7.96 -45.10
CA CYS I 72 -33.29 6.53 -45.12
C CYS I 72 -33.81 5.53 -46.18
N PRO I 73 -35.13 5.62 -46.58
CA PRO I 73 -35.72 4.57 -47.45
C PRO I 73 -35.05 4.42 -48.80
N THR I 74 -34.55 5.50 -49.39
CA THR I 74 -33.92 5.36 -50.73
C THR I 74 -32.78 4.33 -50.77
N GLU I 75 -31.88 4.45 -49.83
CA GLU I 75 -30.81 3.50 -49.67
C GLU I 75 -31.32 2.07 -49.35
N ILE I 76 -32.23 1.93 -48.39
CA ILE I 76 -32.71 0.59 -47.95
C ILE I 76 -33.44 -0.16 -49.09
N ILE I 77 -34.35 0.54 -49.77
CA ILE I 77 -35.03 0.04 -50.96
C ILE I 77 -34.04 -0.31 -52.07
N ALA I 78 -33.01 0.53 -52.27
CA ALA I 78 -32.00 0.23 -53.29
C ALA I 78 -31.26 -1.09 -52.95
N PHE I 79 -30.89 -1.29 -51.68
CA PHE I 79 -30.37 -2.62 -51.30
C PHE I 79 -31.37 -3.77 -51.50
N SER I 80 -32.64 -3.59 -51.13
CA SER I 80 -33.63 -4.65 -51.24
C SER I 80 -33.81 -4.96 -52.72
N ASP I 81 -33.93 -3.92 -53.55
CA ASP I 81 -33.99 -4.09 -55.00
C ASP I 81 -32.80 -4.82 -55.59
N LYS I 82 -31.59 -4.66 -55.02
CA LYS I 82 -30.42 -5.32 -55.59
C LYS I 82 -30.06 -6.62 -54.86
N ALA I 83 -30.88 -7.00 -53.88
CA ALA I 83 -30.57 -8.12 -52.97
C ALA I 83 -30.22 -9.39 -53.76
N SER I 84 -30.93 -9.66 -54.84
CA SER I 84 -30.60 -10.87 -55.56
C SER I 84 -29.26 -10.81 -56.33
N GLU I 85 -28.81 -9.61 -56.69
CA GLU I 85 -27.50 -9.48 -57.32
C GLU I 85 -26.38 -9.70 -56.30
N PHE I 86 -26.62 -9.32 -55.04
CA PHE I 86 -25.68 -9.57 -53.93
C PHE I 86 -25.65 -11.07 -53.64
N HIS I 87 -26.85 -11.62 -53.52
N HIS I 87 -26.82 -11.72 -53.51
CA HIS I 87 -27.05 -13.01 -53.35
CA HIS I 87 -26.92 -13.18 -53.27
C HIS I 87 -26.21 -13.83 -54.36
C HIS I 87 -26.18 -13.93 -54.39
N ASP I 88 -26.23 -13.40 -55.62
CA ASP I 88 -25.56 -14.09 -56.75
C ASP I 88 -24.04 -14.13 -56.65
N VAL I 89 -23.46 -13.19 -55.89
CA VAL I 89 -22.03 -13.20 -55.60
C VAL I 89 -21.83 -13.45 -54.12
N ASN I 90 -22.65 -14.37 -53.59
CA ASN I 90 -22.46 -14.92 -52.24
C ASN I 90 -22.39 -13.91 -51.09
N CYS I 91 -23.27 -12.93 -51.17
CA CYS I 91 -23.28 -11.81 -50.23
C CYS I 91 -24.71 -11.53 -49.74
N GLU I 92 -24.88 -11.57 -48.42
CA GLU I 92 -26.15 -11.29 -47.77
C GLU I 92 -26.08 -9.84 -47.35
N VAL I 93 -27.26 -9.24 -47.24
CA VAL I 93 -27.37 -7.87 -46.83
C VAL I 93 -28.28 -7.73 -45.61
N VAL I 94 -27.79 -7.00 -44.61
CA VAL I 94 -28.53 -6.79 -43.40
C VAL I 94 -28.53 -5.31 -43.01
N ALA I 95 -29.71 -4.67 -42.97
CA ALA I 95 -29.86 -3.27 -42.48
C ALA I 95 -30.13 -3.21 -40.97
N VAL I 96 -29.61 -2.17 -40.28
CA VAL I 96 -29.72 -2.10 -38.84
C VAL I 96 -30.04 -0.68 -38.41
N SER I 97 -31.05 -0.54 -37.57
CA SER I 97 -31.19 0.68 -36.80
C SER I 97 -31.53 0.29 -35.38
N VAL I 98 -31.55 1.29 -34.52
CA VAL I 98 -31.83 1.13 -33.12
C VAL I 98 -33.33 1.01 -32.87
N ASP I 99 -34.16 1.12 -33.91
CA ASP I 99 -35.63 0.93 -33.75
C ASP I 99 -35.96 -0.52 -33.38
N SER I 100 -37.10 -0.73 -32.72
CA SER I 100 -37.59 -2.11 -32.45
C SER I 100 -37.95 -2.87 -33.73
N HIS I 101 -38.07 -4.18 -33.65
CA HIS I 101 -38.52 -4.99 -34.79
C HIS I 101 -40.00 -4.69 -35.16
N PHE I 102 -40.80 -4.23 -34.20
CA PHE I 102 -42.19 -3.81 -34.50
C PHE I 102 -42.21 -2.58 -35.37
N SER I 103 -41.26 -1.66 -35.17
CA SER I 103 -41.16 -0.48 -36.02
C SER I 103 -40.76 -0.88 -37.41
N HIS I 104 -39.78 -1.77 -37.48
CA HIS I 104 -39.31 -2.27 -38.77
C HIS I 104 -40.51 -2.81 -39.52
N LEU I 105 -41.31 -3.63 -38.84
CA LEU I 105 -42.40 -4.36 -39.49
C LEU I 105 -43.47 -3.40 -39.97
N ALA I 106 -43.81 -2.41 -39.14
CA ALA I 106 -44.78 -1.35 -39.55
C ALA I 106 -44.27 -0.55 -40.77
N TRP I 107 -42.96 -0.33 -40.84
CA TRP I 107 -42.44 0.46 -41.95
C TRP I 107 -42.48 -0.38 -43.23
N ILE I 108 -42.21 -1.67 -43.05
CA ILE I 108 -42.33 -2.64 -44.15
C ILE I 108 -43.74 -2.67 -44.69
N ASN I 109 -44.72 -2.64 -43.79
CA ASN I 109 -46.16 -2.75 -44.15
C ASN I 109 -46.75 -1.42 -44.59
N THR I 110 -45.93 -0.39 -44.67
CA THR I 110 -46.34 0.89 -45.25
C THR I 110 -45.86 0.83 -46.69
N PRO I 111 -46.80 0.90 -47.66
CA PRO I 111 -46.33 0.81 -49.04
C PRO I 111 -45.34 1.92 -49.41
N ARG I 112 -44.46 1.62 -50.36
CA ARG I 112 -43.52 2.61 -50.91
C ARG I 112 -44.18 3.87 -51.50
N LYS I 113 -45.29 3.71 -52.21
CA LYS I 113 -46.02 4.89 -52.69
C LYS I 113 -46.48 5.83 -51.55
N ASN I 114 -46.46 5.34 -50.31
CA ASN I 114 -46.92 6.09 -49.13
C ASN I 114 -45.80 6.55 -48.19
N GLY I 115 -44.54 6.44 -48.63
CA GLY I 115 -43.40 6.90 -47.86
C GLY I 115 -42.75 5.80 -47.07
N GLY I 116 -43.22 4.57 -47.25
CA GLY I 116 -42.77 3.41 -46.50
C GLY I 116 -41.69 2.61 -47.20
N LEU I 117 -41.32 1.51 -46.58
CA LEU I 117 -40.32 0.63 -47.12
C LEU I 117 -40.94 -0.38 -48.07
N GLY I 118 -42.22 -0.68 -47.86
CA GLY I 118 -42.86 -1.82 -48.55
C GLY I 118 -42.03 -3.06 -48.41
N HIS I 119 -42.30 -4.04 -49.28
N HIS I 119 -42.26 -4.05 -49.27
CA HIS I 119 -41.65 -5.34 -49.33
CA HIS I 119 -41.71 -5.35 -49.06
C HIS I 119 -40.11 -5.28 -49.21
C HIS I 119 -40.18 -5.42 -49.29
N MET I 120 -39.51 -6.15 -48.40
CA MET I 120 -38.05 -6.19 -48.27
C MET I 120 -37.45 -7.53 -48.60
N ASN I 121 -36.39 -7.53 -49.41
CA ASN I 121 -35.66 -8.74 -49.76
C ASN I 121 -34.43 -8.89 -48.89
N ILE I 122 -34.22 -7.94 -47.95
CA ILE I 122 -33.11 -8.03 -47.03
C ILE I 122 -33.64 -8.05 -45.61
N ALA I 123 -32.76 -8.42 -44.68
CA ALA I 123 -33.13 -8.54 -43.27
C ALA I 123 -33.11 -7.14 -42.65
N LEU I 124 -34.12 -6.83 -41.86
CA LEU I 124 -34.09 -5.58 -41.13
C LEU I 124 -33.85 -5.91 -39.65
N LEU I 125 -32.63 -5.68 -39.20
CA LEU I 125 -32.24 -6.03 -37.85
C LEU I 125 -32.61 -4.95 -36.86
N SER I 126 -33.23 -5.34 -35.77
CA SER I 126 -33.47 -4.41 -34.69
C SER I 126 -32.27 -4.35 -33.72
N ASP I 127 -31.81 -3.12 -33.44
CA ASP I 127 -30.78 -2.92 -32.42
C ASP I 127 -31.37 -2.15 -31.24
N LEU I 128 -32.47 -2.66 -30.70
CA LEU I 128 -33.22 -2.00 -29.65
C LEU I 128 -32.33 -1.60 -28.44
N THR I 129 -31.37 -2.44 -28.06
CA THR I 129 -30.52 -2.14 -26.92
C THR I 129 -29.38 -1.18 -27.28
N LYS I 130 -29.16 -0.98 -28.60
CA LYS I 130 -28.14 -0.09 -29.16
C LYS I 130 -26.76 -0.69 -29.09
N GLN I 131 -26.65 -1.91 -28.53
CA GLN I 131 -25.34 -2.53 -28.30
C GLN I 131 -24.65 -2.90 -29.61
N ILE I 132 -25.43 -3.21 -30.64
CA ILE I 132 -24.81 -3.57 -31.92
C ILE I 132 -24.11 -2.35 -32.54
N SER I 133 -24.84 -1.24 -32.60
CA SER I 133 -24.28 0.05 -32.99
C SER I 133 -23.05 0.45 -32.17
N ARG I 134 -23.10 0.18 -30.87
CA ARG I 134 -21.97 0.47 -30.00
C ARG I 134 -20.79 -0.40 -30.43
N ASP I 135 -21.03 -1.70 -30.58
CA ASP I 135 -19.92 -2.60 -30.92
C ASP I 135 -19.34 -2.30 -32.31
N TYR I 136 -20.14 -1.72 -33.20
CA TYR I 136 -19.64 -1.40 -34.50
C TYR I 136 -19.09 0.00 -34.58
N GLY I 137 -19.10 0.72 -33.47
CA GLY I 137 -18.46 2.01 -33.45
C GLY I 137 -19.26 3.13 -34.11
N VAL I 138 -20.57 2.97 -34.26
CA VAL I 138 -21.34 3.95 -35.04
C VAL I 138 -22.44 4.61 -34.21
N LEU I 139 -22.58 4.20 -32.96
CA LEU I 139 -23.62 4.77 -32.14
C LEU I 139 -23.24 6.18 -31.68
N LEU I 140 -24.14 7.12 -31.87
CA LEU I 140 -24.04 8.37 -31.17
C LEU I 140 -24.82 8.23 -29.86
N GLU I 141 -24.12 8.11 -28.72
CA GLU I 141 -24.79 7.91 -27.40
C GLU I 141 -25.72 9.01 -27.00
N GLY I 142 -25.25 10.25 -27.12
CA GLY I 142 -26.08 11.41 -26.80
C GLY I 142 -27.47 11.32 -27.40
N PRO I 143 -27.59 11.39 -28.74
CA PRO I 143 -28.98 11.31 -29.24
C PRO I 143 -29.56 9.88 -29.27
N GLY I 144 -28.72 8.85 -29.20
CA GLY I 144 -29.23 7.46 -29.12
C GLY I 144 -29.53 6.74 -30.44
N LEU I 145 -28.77 7.07 -31.47
CA LEU I 145 -28.93 6.43 -32.81
C LEU I 145 -27.61 6.31 -33.53
N ALA I 146 -27.61 5.49 -34.57
CA ALA I 146 -26.41 5.20 -35.35
C ALA I 146 -26.12 6.24 -36.44
N LEU I 147 -24.84 6.45 -36.72
CA LEU I 147 -24.41 7.03 -38.00
C LEU I 147 -24.62 5.99 -39.11
N ARG I 148 -24.56 6.46 -40.35
CA ARG I 148 -24.71 5.57 -41.49
C ARG I 148 -23.43 4.80 -41.86
N GLY I 149 -23.13 3.75 -41.12
CA GLY I 149 -21.90 3.01 -41.34
C GLY I 149 -22.24 1.82 -42.22
N LEU I 150 -21.26 1.36 -42.99
CA LEU I 150 -21.41 0.15 -43.78
C LEU I 150 -20.12 -0.67 -43.67
N PHE I 151 -20.27 -2.01 -43.59
CA PHE I 151 -19.17 -2.91 -43.37
C PHE I 151 -19.35 -4.06 -44.35
N ILE I 152 -18.31 -4.33 -45.13
CA ILE I 152 -18.24 -5.52 -45.95
C ILE I 152 -17.40 -6.56 -45.21
N ILE I 153 -18.04 -7.69 -44.90
CA ILE I 153 -17.44 -8.72 -44.06
C ILE I 153 -17.30 -9.98 -44.86
N ASP I 154 -16.09 -10.55 -44.83
CA ASP I 154 -15.78 -11.62 -45.75
C ASP I 154 -16.20 -12.96 -45.12
N PRO I 155 -16.13 -14.07 -45.88
CA PRO I 155 -16.61 -15.34 -45.40
C PRO I 155 -15.93 -15.80 -44.12
N ASN I 156 -14.74 -15.28 -43.83
CA ASN I 156 -14.07 -15.65 -42.59
CA ASN I 156 -14.04 -15.63 -42.57
C ASN I 156 -14.38 -14.66 -41.45
N GLY I 157 -15.28 -13.73 -41.72
CA GLY I 157 -15.68 -12.79 -40.68
C GLY I 157 -14.77 -11.58 -40.59
N VAL I 158 -13.90 -11.41 -41.57
CA VAL I 158 -12.95 -10.29 -41.57
C VAL I 158 -13.53 -9.06 -42.31
N ILE I 159 -13.46 -7.89 -41.67
CA ILE I 159 -13.85 -6.62 -42.31
C ILE I 159 -12.88 -6.22 -43.43
N LYS I 160 -13.41 -6.07 -44.64
CA LYS I 160 -12.60 -5.74 -45.79
C LYS I 160 -12.76 -4.28 -46.18
N HIS I 161 -13.92 -3.73 -45.85
CA HIS I 161 -14.21 -2.37 -46.21
C HIS I 161 -15.23 -1.82 -45.23
N LEU I 162 -15.11 -0.54 -44.91
CA LEU I 162 -16.10 0.13 -44.11
C LEU I 162 -16.19 1.57 -44.58
N SER I 163 -17.35 2.17 -44.42
CA SER I 163 -17.48 3.57 -44.67
C SER I 163 -18.61 4.06 -43.82
N VAL I 164 -18.56 5.34 -43.51
CA VAL I 164 -19.50 5.92 -42.56
C VAL I 164 -19.90 7.28 -43.13
N ASN I 165 -21.20 7.51 -43.26
CA ASN I 165 -21.72 8.83 -43.61
C ASN I 165 -22.43 9.48 -42.43
N ASP I 166 -22.33 10.80 -42.37
CA ASP I 166 -23.20 11.55 -41.50
C ASP I 166 -24.67 11.33 -41.93
N LEU I 167 -25.55 11.30 -40.92
CA LEU I 167 -27.01 10.94 -41.00
C LEU I 167 -27.84 11.27 -42.27
N PRO I 168 -27.71 12.50 -42.84
CA PRO I 168 -28.59 12.88 -43.98
C PRO I 168 -28.23 12.27 -45.34
N VAL I 169 -27.05 11.65 -45.48
CA VAL I 169 -26.54 11.30 -46.82
C VAL I 169 -26.53 9.78 -47.13
N GLY I 170 -27.32 9.38 -48.11
CA GLY I 170 -27.33 8.01 -48.64
C GLY I 170 -26.09 7.66 -49.48
N ARG I 171 -25.85 6.36 -49.63
CA ARG I 171 -24.65 5.87 -50.29
C ARG I 171 -25.04 5.16 -51.57
N SER I 172 -24.08 4.90 -52.46
CA SER I 172 -24.39 4.13 -53.67
C SER I 172 -24.39 2.61 -53.44
N VAL I 173 -25.55 2.00 -53.65
CA VAL I 173 -25.64 0.55 -53.62
C VAL I 173 -24.83 -0.09 -54.76
N GLU I 174 -24.79 0.54 -55.94
CA GLU I 174 -23.98 0.11 -57.08
CA GLU I 174 -23.98 0.00 -57.03
C GLU I 174 -22.49 -0.05 -56.68
N GLU I 175 -21.97 0.99 -56.03
CA GLU I 175 -20.59 0.99 -55.59
C GLU I 175 -20.31 -0.13 -54.56
N THR I 176 -21.26 -0.37 -53.68
CA THR I 176 -21.10 -1.39 -52.66
C THR I 176 -21.04 -2.76 -53.29
N LEU I 177 -21.92 -3.00 -54.26
CA LEU I 177 -21.90 -4.24 -55.05
C LEU I 177 -20.57 -4.40 -55.80
N ARG I 178 -20.07 -3.32 -56.40
CA ARG I 178 -18.84 -3.39 -57.18
C ARG I 178 -17.65 -3.78 -56.27
N LEU I 179 -17.63 -3.25 -55.05
CA LEU I 179 -16.58 -3.54 -54.08
C LEU I 179 -16.58 -5.02 -53.62
N VAL I 180 -17.74 -5.52 -53.26
CA VAL I 180 -17.94 -6.93 -52.94
C VAL I 180 -17.39 -7.80 -54.09
N LYS I 181 -17.76 -7.48 -55.32
CA LYS I 181 -17.18 -8.18 -56.49
C LYS I 181 -15.65 -8.09 -56.58
N ALA I 182 -15.13 -6.90 -56.33
CA ALA I 182 -13.72 -6.65 -56.44
C ALA I 182 -12.95 -7.44 -55.36
N PHE I 183 -13.46 -7.47 -54.12
CA PHE I 183 -12.77 -8.28 -53.07
C PHE I 183 -12.71 -9.73 -53.49
N GLN I 184 -13.77 -10.21 -54.15
CA GLN I 184 -13.76 -11.61 -54.62
C GLN I 184 -12.77 -11.79 -55.76
N PHE I 185 -12.78 -10.86 -56.71
CA PHE I 185 -11.88 -10.87 -57.85
C PHE I 185 -10.42 -10.99 -57.39
N VAL I 186 -10.08 -10.22 -56.38
CA VAL I 186 -8.74 -10.11 -55.87
C VAL I 186 -8.26 -11.38 -55.13
N GLU I 187 -9.19 -12.13 -54.51
CA GLU I 187 -8.90 -13.43 -53.86
C GLU I 187 -9.12 -14.58 -54.82
N ALA I 188 -9.03 -14.29 -56.13
CA ALA I 188 -9.17 -15.27 -57.20
C ALA I 188 -8.08 -15.11 -58.26
N ALA J 26 -8.66 7.72 -32.72
CA ALA J 26 -9.04 7.27 -34.09
C ALA J 26 -10.17 8.16 -34.63
N PRO J 27 -9.96 8.75 -35.83
CA PRO J 27 -10.90 9.71 -36.43
C PRO J 27 -12.32 9.15 -36.64
N ALA J 28 -13.32 10.04 -36.64
CA ALA J 28 -14.72 9.63 -36.60
C ALA J 28 -15.58 10.70 -37.26
N VAL J 29 -16.56 10.27 -38.05
CA VAL J 29 -17.53 11.19 -38.65
C VAL J 29 -18.17 12.01 -37.53
N THR J 30 -18.31 13.32 -37.78
CA THR J 30 -18.77 14.39 -36.83
C THR J 30 -17.65 15.03 -35.96
N GLN J 31 -16.49 14.39 -35.90
CA GLN J 31 -15.32 14.84 -35.14
CA GLN J 31 -15.38 14.93 -35.13
C GLN J 31 -14.40 15.70 -36.03
N HIS J 32 -13.59 16.59 -35.43
CA HIS J 32 -12.60 17.35 -36.17
CA HIS J 32 -12.53 17.31 -36.16
C HIS J 32 -11.47 16.38 -36.62
N ALA J 33 -11.01 16.58 -37.85
CA ALA J 33 -9.94 15.81 -38.45
C ALA J 33 -8.63 16.06 -37.71
N PRO J 34 -7.87 14.99 -37.47
CA PRO J 34 -6.55 15.16 -36.86
C PRO J 34 -5.67 16.09 -37.70
N TYR J 35 -5.02 17.07 -37.06
CA TYR J 35 -4.00 17.92 -37.69
C TYR J 35 -2.91 17.13 -38.41
N PHE J 36 -2.42 17.67 -39.50
CA PHE J 36 -1.31 17.04 -40.22
C PHE J 36 -0.50 18.10 -40.88
N LYS J 37 0.78 17.79 -41.07
CA LYS J 37 1.75 18.64 -41.79
C LYS J 37 2.84 17.76 -42.40
N GLY J 38 3.29 18.11 -43.60
CA GLY J 38 4.44 17.48 -44.18
C GLY J 38 4.76 18.02 -45.55
N THR J 39 5.77 17.41 -46.17
CA THR J 39 6.22 17.78 -47.50
C THR J 39 5.38 17.09 -48.57
N ALA J 40 4.79 17.91 -49.44
CA ALA J 40 4.08 17.40 -50.57
C ALA J 40 4.78 17.79 -51.84
N VAL J 41 4.57 16.98 -52.89
CA VAL J 41 4.88 17.40 -54.22
C VAL J 41 3.63 18.07 -54.79
N VAL J 42 3.78 19.36 -55.12
CA VAL J 42 2.71 20.18 -55.62
C VAL J 42 3.23 20.79 -56.92
N SER J 43 2.62 20.38 -58.03
CA SER J 43 3.03 20.87 -59.37
C SER J 43 4.51 20.70 -59.60
N GLY J 44 4.99 19.48 -59.46
CA GLY J 44 6.39 19.15 -59.68
C GLY J 44 7.37 19.65 -58.63
N GLU J 45 6.90 20.44 -57.65
CA GLU J 45 7.79 21.05 -56.64
C GLU J 45 7.47 20.63 -55.22
N PHE J 46 8.46 20.74 -54.32
CA PHE J 46 8.26 20.42 -52.89
C PHE J 46 7.67 21.62 -52.14
N LYS J 47 6.53 21.39 -51.49
CA LYS J 47 5.90 22.40 -50.64
C LYS J 47 5.52 21.82 -49.28
N GLU J 48 5.67 22.61 -48.22
CA GLU J 48 5.17 22.21 -46.90
C GLU J 48 3.65 22.48 -46.89
N ILE J 49 2.84 21.49 -46.52
CA ILE J 49 1.39 21.70 -46.41
C ILE J 49 0.84 21.16 -45.09
N SER J 50 -0.32 21.64 -44.69
CA SER J 50 -0.90 21.26 -43.40
C SER J 50 -2.40 21.34 -43.53
N LEU J 51 -3.11 20.63 -42.65
CA LEU J 51 -4.58 20.77 -42.50
C LEU J 51 -5.06 22.23 -42.49
N ASP J 52 -4.36 23.13 -41.79
CA ASP J 52 -4.74 24.55 -41.77
C ASP J 52 -4.83 25.20 -43.14
N ASP J 53 -3.98 24.75 -44.06
CA ASP J 53 -4.03 25.27 -45.44
C ASP J 53 -5.36 25.04 -46.16
N PHE J 54 -6.25 24.21 -45.60
CA PHE J 54 -7.51 23.88 -46.24
C PHE J 54 -8.75 24.43 -45.54
N LYS J 55 -8.57 25.15 -44.43
CA LYS J 55 -9.66 25.91 -43.80
C LYS J 55 -10.41 26.76 -44.83
N GLY J 56 -11.74 26.76 -44.77
CA GLY J 56 -12.55 27.42 -45.77
C GLY J 56 -12.91 26.61 -47.00
N LYS J 57 -12.30 25.42 -47.15
CA LYS J 57 -12.50 24.55 -48.32
C LYS J 57 -12.82 23.11 -47.95
N TYR J 58 -13.55 22.40 -48.82
CA TYR J 58 -13.68 20.96 -48.68
C TYR J 58 -12.32 20.35 -49.01
N LEU J 59 -11.96 19.30 -48.26
CA LEU J 59 -10.75 18.53 -48.56
C LEU J 59 -11.07 17.02 -48.64
N VAL J 60 -10.68 16.40 -49.77
CA VAL J 60 -10.55 14.97 -49.85
C VAL J 60 -9.09 14.57 -49.58
N LEU J 61 -8.90 13.78 -48.51
CA LEU J 61 -7.60 13.28 -48.08
C LEU J 61 -7.64 11.79 -48.19
N PHE J 62 -6.84 11.24 -49.10
CA PHE J 62 -6.88 9.80 -49.27
C PHE J 62 -5.50 9.21 -49.21
N PHE J 63 -5.45 7.99 -48.66
CA PHE J 63 -4.22 7.31 -48.40
C PHE J 63 -4.14 6.15 -49.37
N TYR J 64 -2.94 5.82 -49.87
CA TYR J 64 -2.70 4.58 -50.60
C TYR J 64 -1.40 3.90 -50.09
N PRO J 65 -1.24 2.59 -50.26
CA PRO J 65 -0.12 1.89 -49.62
C PRO J 65 1.32 2.38 -49.91
N LEU J 66 1.76 2.26 -51.16
CA LEU J 66 3.14 2.47 -51.55
C LEU J 66 3.26 3.01 -52.98
N ASP J 67 4.24 3.88 -53.25
CA ASP J 67 4.61 4.26 -54.61
C ASP J 67 5.16 3.05 -55.40
N PHE J 68 5.00 3.08 -56.72
CA PHE J 68 5.62 2.07 -57.61
C PHE J 68 5.03 0.66 -57.43
N THR J 69 3.78 0.59 -57.00
CA THR J 69 3.04 -0.67 -56.96
C THR J 69 1.89 -0.58 -57.95
N PHE J 70 1.38 -1.73 -58.36
CA PHE J 70 0.41 -1.77 -59.46
C PHE J 70 -1.03 -1.63 -59.04
N VAL J 71 -1.31 -1.81 -57.75
CA VAL J 71 -2.65 -1.66 -57.22
C VAL J 71 -3.16 -0.19 -57.15
N CYS J 72 -2.27 0.81 -57.00
CA CYS J 72 -2.70 2.23 -56.79
C CYS J 72 -2.80 3.27 -57.91
N PRO J 73 -1.97 3.17 -59.00
CA PRO J 73 -1.96 4.28 -59.96
C PRO J 73 -3.36 4.61 -60.55
N THR J 74 -4.21 3.59 -60.69
CA THR J 74 -5.54 3.80 -61.24
C THR J 74 -6.31 4.85 -60.45
N GLU J 75 -6.39 4.63 -59.15
CA GLU J 75 -7.13 5.52 -58.24
C GLU J 75 -6.56 6.95 -58.25
N ILE J 76 -5.25 7.06 -58.10
CA ILE J 76 -4.53 8.35 -58.01
C ILE J 76 -4.67 9.09 -59.34
N ILE J 77 -4.48 8.36 -60.44
CA ILE J 77 -4.70 8.92 -61.80
C ILE J 77 -6.16 9.36 -61.99
N ALA J 78 -7.11 8.51 -61.59
CA ALA J 78 -8.54 8.87 -61.66
C ALA J 78 -8.81 10.17 -60.94
N PHE J 79 -8.32 10.29 -59.70
CA PHE J 79 -8.45 11.54 -58.95
C PHE J 79 -7.83 12.77 -59.62
N SER J 80 -6.64 12.61 -60.15
CA SER J 80 -5.93 13.70 -60.81
C SER J 80 -6.65 14.15 -62.06
N ASP J 81 -7.11 13.20 -62.85
CA ASP J 81 -7.93 13.51 -64.03
C ASP J 81 -9.19 14.32 -63.70
N LYS J 82 -9.90 13.96 -62.63
CA LYS J 82 -11.15 14.64 -62.31
C LYS J 82 -10.93 15.77 -61.30
N ALA J 83 -9.71 16.24 -61.17
CA ALA J 83 -9.39 17.20 -60.12
C ALA J 83 -10.07 18.56 -60.26
N SER J 84 -10.16 19.07 -61.48
CA SER J 84 -10.80 20.38 -61.72
C SER J 84 -12.27 20.35 -61.31
N GLU J 85 -12.91 19.18 -61.45
CA GLU J 85 -14.31 19.01 -61.05
C GLU J 85 -14.47 19.15 -59.55
N PHE J 86 -13.48 18.67 -58.80
CA PHE J 86 -13.42 18.91 -57.36
C PHE J 86 -13.12 20.41 -57.12
N HIS J 87 -12.16 20.97 -57.85
CA HIS J 87 -11.84 22.40 -57.68
C HIS J 87 -13.06 23.28 -57.92
N ASP J 88 -13.91 22.90 -58.88
CA ASP J 88 -15.12 23.65 -59.20
C ASP J 88 -16.10 23.76 -58.03
N VAL J 89 -16.06 22.79 -57.12
CA VAL J 89 -16.96 22.80 -55.96
C VAL J 89 -16.19 23.04 -54.68
N ASN J 90 -15.15 23.86 -54.78
CA ASN J 90 -14.31 24.29 -53.66
C ASN J 90 -13.72 23.16 -52.80
N CYS J 91 -13.20 22.14 -53.46
CA CYS J 91 -12.69 20.95 -52.78
C CYS J 91 -11.31 20.62 -53.32
N GLU J 92 -10.35 20.48 -52.41
CA GLU J 92 -9.00 20.04 -52.74
C GLU J 92 -8.92 18.54 -52.63
N VAL J 93 -7.92 17.97 -53.30
CA VAL J 93 -7.66 16.54 -53.20
C VAL J 93 -6.19 16.32 -52.82
N VAL J 94 -5.96 15.53 -51.77
CA VAL J 94 -4.58 15.27 -51.35
C VAL J 94 -4.40 13.78 -51.13
N ALA J 95 -3.44 13.23 -51.88
CA ALA J 95 -3.11 11.80 -51.83
C ALA J 95 -1.94 11.66 -50.85
N VAL J 96 -1.92 10.57 -50.07
CA VAL J 96 -0.92 10.40 -49.00
C VAL J 96 -0.40 8.97 -48.97
N SER J 97 0.93 8.81 -48.88
CA SER J 97 1.52 7.50 -48.56
C SER J 97 2.74 7.66 -47.67
N VAL J 98 3.18 6.55 -47.06
CA VAL J 98 4.33 6.57 -46.19
C VAL J 98 5.69 6.76 -46.91
N ASP J 99 5.68 6.84 -48.25
CA ASP J 99 6.91 7.06 -49.02
C ASP J 99 7.45 8.48 -48.82
N SER J 100 8.75 8.67 -49.05
CA SER J 100 9.33 9.99 -49.03
C SER J 100 8.80 10.79 -50.21
N HIS J 101 9.02 12.10 -50.18
CA HIS J 101 8.58 12.95 -51.26
C HIS J 101 9.46 12.84 -52.49
N PHE J 102 10.69 12.34 -52.34
CA PHE J 102 11.52 11.97 -53.51
C PHE J 102 10.94 10.76 -54.28
N SER J 103 10.44 9.74 -53.57
CA SER J 103 9.73 8.64 -54.23
C SER J 103 8.53 9.16 -55.01
N HIS J 104 7.82 10.14 -54.42
CA HIS J 104 6.61 10.72 -55.00
C HIS J 104 6.98 11.38 -56.31
N LEU J 105 7.97 12.28 -56.27
CA LEU J 105 8.40 13.03 -57.45
C LEU J 105 8.93 12.07 -58.52
N ALA J 106 9.77 11.12 -58.13
CA ALA J 106 10.23 10.11 -59.08
C ALA J 106 9.07 9.35 -59.75
N TRP J 107 8.00 9.05 -59.02
CA TRP J 107 6.86 8.34 -59.61
C TRP J 107 6.05 9.22 -60.53
N ILE J 108 5.99 10.52 -60.21
CA ILE J 108 5.35 11.54 -61.04
C ILE J 108 6.10 11.74 -62.35
N ASN J 109 7.43 11.71 -62.26
CA ASN J 109 8.33 11.76 -63.42
C ASN J 109 8.48 10.42 -64.17
N THR J 110 7.64 9.43 -63.90
CA THR J 110 7.61 8.20 -64.69
C THR J 110 6.33 8.26 -65.54
N PRO J 111 6.46 8.37 -66.89
CA PRO J 111 5.31 8.33 -67.81
C PRO J 111 4.26 7.24 -67.50
N ARG J 112 2.97 7.55 -67.67
CA ARG J 112 1.89 6.57 -67.40
C ARG J 112 2.05 5.28 -68.19
N LYS J 113 2.35 5.40 -69.49
CA LYS J 113 2.60 4.22 -70.34
C LYS J 113 3.62 3.28 -69.71
N ASN J 114 4.51 3.84 -68.89
CA ASN J 114 5.51 3.05 -68.19
C ASN J 114 5.07 2.58 -66.81
N GLY J 115 3.83 2.90 -66.44
CA GLY J 115 3.30 2.50 -65.13
C GLY J 115 3.52 3.51 -64.01
N GLY J 116 3.92 4.73 -64.37
CA GLY J 116 4.06 5.81 -63.39
C GLY J 116 2.81 6.66 -63.24
N LEU J 117 2.93 7.81 -62.60
CA LEU J 117 1.78 8.67 -62.40
C LEU J 117 1.61 9.75 -63.49
N GLY J 118 2.69 10.09 -64.17
CA GLY J 118 2.69 11.22 -65.07
C GLY J 118 2.43 12.50 -64.28
N HIS J 119 2.06 13.55 -65.01
CA HIS J 119 1.61 14.81 -64.45
C HIS J 119 0.48 14.62 -63.43
N MET J 120 0.59 15.32 -62.30
CA MET J 120 -0.41 15.29 -61.26
C MET J 120 -1.08 16.64 -61.06
N ASN J 121 -2.41 16.63 -61.03
CA ASN J 121 -3.25 17.80 -60.69
C ASN J 121 -3.62 17.84 -59.19
N ILE J 122 -3.21 16.82 -58.46
CA ILE J 122 -3.46 16.80 -57.01
C ILE J 122 -2.13 16.83 -56.27
N ALA J 123 -2.15 17.16 -54.99
CA ALA J 123 -0.95 17.05 -54.18
C ALA J 123 -0.70 15.61 -53.76
N LEU J 124 0.58 15.24 -53.71
CA LEU J 124 1.03 13.96 -53.14
C LEU J 124 1.85 14.29 -51.91
N LEU J 125 1.25 14.03 -50.74
CA LEU J 125 1.86 14.31 -49.45
C LEU J 125 2.67 13.08 -48.98
N SER J 126 3.88 13.34 -48.47
CA SER J 126 4.74 12.31 -47.94
C SER J 126 4.49 12.11 -46.44
N ASP J 127 4.26 10.87 -46.04
CA ASP J 127 4.11 10.52 -44.63
C ASP J 127 5.30 9.67 -44.13
N LEU J 128 6.49 10.21 -44.30
CA LEU J 128 7.72 9.47 -44.05
C LEU J 128 7.79 8.98 -42.61
N THR J 129 7.42 9.84 -41.64
CA THR J 129 7.47 9.42 -40.25
C THR J 129 6.35 8.46 -39.94
N LYS J 130 5.42 8.32 -40.87
CA LYS J 130 4.24 7.47 -40.67
C LYS J 130 3.22 8.06 -39.70
N GLN J 131 3.48 9.25 -39.14
CA GLN J 131 2.62 9.74 -38.07
C GLN J 131 1.25 10.21 -38.60
N ILE J 132 1.19 10.70 -39.84
CA ILE J 132 -0.10 11.10 -40.38
C ILE J 132 -1.06 9.89 -40.55
N SER J 133 -0.52 8.78 -41.05
CA SER J 133 -1.31 7.55 -41.18
C SER J 133 -1.69 7.03 -39.81
N ARG J 134 -0.77 7.11 -38.85
CA ARG J 134 -1.07 6.72 -37.48
C ARG J 134 -2.28 7.55 -36.97
N ASP J 135 -2.24 8.86 -37.18
CA ASP J 135 -3.24 9.75 -36.61
C ASP J 135 -4.58 9.58 -37.25
N TYR J 136 -4.59 9.18 -38.52
CA TYR J 136 -5.82 8.93 -39.22
C TYR J 136 -6.30 7.50 -39.09
N GLY J 137 -5.58 6.73 -38.27
CA GLY J 137 -6.03 5.39 -37.90
C GLY J 137 -5.97 4.39 -39.03
N VAL J 138 -5.22 4.69 -40.10
CA VAL J 138 -5.08 3.78 -41.25
C VAL J 138 -3.69 3.07 -41.35
N LEU J 139 -2.78 3.38 -40.42
CA LEU J 139 -1.45 2.71 -40.42
C LEU J 139 -1.50 1.24 -40.01
N LEU J 140 -1.02 0.34 -40.88
CA LEU J 140 -0.82 -1.03 -40.48
C LEU J 140 0.59 -1.10 -39.89
N GLU J 141 0.70 -1.27 -38.57
CA GLU J 141 1.97 -1.15 -37.89
C GLU J 141 3.01 -2.22 -38.24
N GLY J 142 2.56 -3.44 -38.54
CA GLY J 142 3.49 -4.52 -38.88
C GLY J 142 4.26 -4.24 -40.17
N PRO J 143 3.53 -4.02 -41.26
CA PRO J 143 4.32 -3.69 -42.47
C PRO J 143 4.75 -2.22 -42.55
N GLY J 144 4.12 -1.32 -41.80
CA GLY J 144 4.52 0.06 -41.83
C GLY J 144 4.05 0.83 -43.05
N LEU J 145 2.81 0.58 -43.47
CA LEU J 145 2.19 1.34 -44.56
C LEU J 145 0.70 1.54 -44.28
N ALA J 146 0.06 2.41 -45.06
CA ALA J 146 -1.36 2.74 -44.87
C ALA J 146 -2.35 1.86 -45.67
N LEU J 147 -3.47 1.53 -45.02
CA LEU J 147 -4.70 1.09 -45.67
C LEU J 147 -5.25 2.23 -46.51
N ARG J 148 -6.15 1.89 -47.41
CA ARG J 148 -6.72 2.90 -48.30
C ARG J 148 -7.87 3.64 -47.67
N GLY J 149 -7.54 4.56 -46.77
CA GLY J 149 -8.54 5.40 -46.13
C GLY J 149 -8.84 6.60 -47.03
N LEU J 150 -10.09 7.09 -46.96
CA LEU J 150 -10.47 8.34 -47.59
C LEU J 150 -11.33 9.10 -46.59
N PHE J 151 -11.11 10.40 -46.50
CA PHE J 151 -11.80 11.25 -45.56
C PHE J 151 -12.25 12.49 -46.31
N ILE J 152 -13.51 12.86 -46.12
CA ILE J 152 -14.02 14.11 -46.68
C ILE J 152 -14.14 15.06 -45.51
N ILE J 153 -13.43 16.18 -45.59
CA ILE J 153 -13.35 17.08 -44.44
C ILE J 153 -14.00 18.40 -44.87
N ASP J 154 -14.92 18.93 -44.06
CA ASP J 154 -15.62 20.16 -44.47
C ASP J 154 -14.75 21.41 -44.23
N PRO J 155 -15.21 22.61 -44.66
CA PRO J 155 -14.44 23.85 -44.44
C PRO J 155 -14.06 24.19 -42.99
N ASN J 156 -14.68 23.53 -42.02
CA ASN J 156 -14.34 23.75 -40.62
C ASN J 156 -13.46 22.66 -39.99
N GLY J 157 -12.90 21.79 -40.83
CA GLY J 157 -12.06 20.71 -40.38
C GLY J 157 -12.85 19.51 -39.86
N VAL J 158 -14.17 19.47 -40.09
CA VAL J 158 -14.98 18.36 -39.56
C VAL J 158 -15.12 17.25 -40.61
N ILE J 159 -14.94 15.99 -40.19
CA ILE J 159 -15.10 14.82 -41.05
C ILE J 159 -16.58 14.49 -41.30
N LYS J 160 -16.96 14.62 -42.56
CA LYS J 160 -18.31 14.33 -42.97
C LYS J 160 -18.48 12.86 -43.45
N HIS J 161 -17.37 12.25 -43.91
CA HIS J 161 -17.37 10.92 -44.50
C HIS J 161 -16.01 10.29 -44.40
N LEU J 162 -15.95 9.00 -44.10
CA LEU J 162 -14.69 8.29 -44.18
C LEU J 162 -14.99 6.93 -44.78
N SER J 163 -14.01 6.38 -45.49
CA SER J 163 -14.06 4.95 -45.85
C SER J 163 -12.70 4.37 -46.01
N VAL J 164 -12.63 3.06 -45.82
CA VAL J 164 -11.36 2.39 -45.79
C VAL J 164 -11.53 1.10 -46.51
N ASN J 165 -10.63 0.84 -47.45
CA ASN J 165 -10.54 -0.48 -48.12
C ASN J 165 -9.24 -1.16 -47.79
N ASP J 166 -9.28 -2.49 -47.76
CA ASP J 166 -8.07 -3.27 -47.79
C ASP J 166 -7.14 -2.90 -48.99
N LEU J 167 -5.85 -3.19 -48.79
CA LEU J 167 -4.76 -2.82 -49.70
C LEU J 167 -5.01 -2.99 -51.20
N PRO J 168 -5.58 -4.16 -51.61
CA PRO J 168 -5.71 -4.38 -53.06
C PRO J 168 -6.82 -3.58 -53.80
N VAL J 169 -7.80 -3.01 -53.09
CA VAL J 169 -9.02 -2.53 -53.78
C VAL J 169 -9.12 -1.00 -53.93
N GLY J 170 -9.28 -0.56 -55.19
CA GLY J 170 -9.43 0.86 -55.53
C GLY J 170 -10.88 1.30 -55.32
N ARG J 171 -11.11 2.61 -55.19
CA ARG J 171 -12.44 3.19 -55.05
C ARG J 171 -12.88 3.97 -56.29
N SER J 172 -14.17 4.37 -56.33
CA SER J 172 -14.71 5.22 -57.41
C SER J 172 -14.53 6.71 -57.11
N VAL J 173 -13.86 7.41 -58.00
CA VAL J 173 -13.75 8.86 -57.87
C VAL J 173 -15.13 9.54 -58.02
N GLU J 174 -15.93 9.04 -58.96
CA GLU J 174 -17.27 9.56 -59.20
C GLU J 174 -18.12 9.57 -57.94
N GLU J 175 -18.06 8.48 -57.20
CA GLU J 175 -18.80 8.40 -55.95
C GLU J 175 -18.24 9.40 -54.94
N THR J 176 -16.92 9.61 -54.92
CA THR J 176 -16.36 10.56 -53.98
C THR J 176 -16.84 11.97 -54.29
N LEU J 177 -16.83 12.31 -55.57
CA LEU J 177 -17.33 13.61 -56.06
C LEU J 177 -18.81 13.77 -55.68
N ARG J 178 -19.60 12.73 -55.95
CA ARG J 178 -21.03 12.75 -55.60
C ARG J 178 -21.26 13.03 -54.12
N LEU J 179 -20.47 12.39 -53.25
CA LEU J 179 -20.64 12.56 -51.81
C LEU J 179 -20.32 13.99 -51.39
N VAL J 180 -19.25 14.54 -51.94
CA VAL J 180 -18.88 15.93 -51.71
C VAL J 180 -20.06 16.83 -52.04
N LYS J 181 -20.59 16.70 -53.24
CA LYS J 181 -21.69 17.57 -53.64
C LYS J 181 -22.90 17.35 -52.73
N ALA J 182 -23.18 16.08 -52.43
CA ALA J 182 -24.24 15.77 -51.46
C ALA J 182 -24.03 16.51 -50.12
N PHE J 183 -22.82 16.51 -49.55
CA PHE J 183 -22.63 17.25 -48.30
C PHE J 183 -22.86 18.76 -48.43
N GLN J 184 -22.45 19.32 -49.57
CA GLN J 184 -22.68 20.74 -49.90
C GLN J 184 -24.18 21.03 -50.09
N PHE J 185 -24.89 20.12 -50.74
CA PHE J 185 -26.34 20.28 -50.92
C PHE J 185 -27.00 20.46 -49.54
N VAL J 186 -26.63 19.61 -48.59
CA VAL J 186 -27.10 19.69 -47.21
C VAL J 186 -26.84 21.05 -46.48
N GLU J 187 -26.09 21.97 -47.10
CA GLU J 187 -26.13 23.40 -46.70
C GLU J 187 -27.14 24.13 -47.58
N ALA J 188 -28.43 23.98 -47.24
CA ALA J 188 -29.61 24.50 -47.99
C ALA J 188 -30.55 23.36 -48.46
N ALA K 26 23.56 -6.14 -29.65
CA ALA K 26 23.81 -4.65 -29.73
C ALA K 26 24.73 -4.23 -30.89
N PRO K 27 24.54 -2.98 -31.43
CA PRO K 27 25.38 -2.47 -32.52
C PRO K 27 26.66 -1.84 -31.90
N ALA K 28 27.50 -2.65 -31.29
CA ALA K 28 28.81 -2.25 -30.82
C ALA K 28 29.86 -3.31 -31.23
N VAL K 29 31.10 -2.89 -31.40
CA VAL K 29 32.19 -3.77 -31.81
C VAL K 29 32.42 -4.83 -30.73
N THR K 30 32.66 -6.07 -31.15
CA THR K 30 32.84 -7.26 -30.29
C THR K 30 31.53 -7.92 -29.84
N GLN K 31 30.39 -7.29 -30.10
CA GLN K 31 29.10 -7.87 -29.76
CA GLN K 31 29.09 -7.86 -29.76
C GLN K 31 28.44 -8.41 -31.02
N HIS K 32 27.54 -9.39 -30.84
CA HIS K 32 26.77 -9.97 -31.95
CA HIS K 32 26.79 -9.96 -31.97
C HIS K 32 25.87 -8.91 -32.60
N ALA K 33 25.85 -8.87 -33.93
CA ALA K 33 25.01 -7.92 -34.66
C ALA K 33 23.52 -8.15 -34.38
N PRO K 34 22.76 -7.05 -34.18
CA PRO K 34 21.29 -7.22 -34.02
C PRO K 34 20.72 -8.02 -35.20
N TYR K 35 19.89 -9.01 -34.88
CA TYR K 35 19.16 -9.78 -35.88
C TYR K 35 18.34 -8.84 -36.73
N PHE K 36 18.24 -9.11 -38.04
CA PHE K 36 17.36 -8.37 -38.93
C PHE K 36 16.70 -9.30 -39.94
N LYS K 37 15.55 -8.89 -40.46
CA LYS K 37 14.89 -9.59 -41.53
C LYS K 37 14.09 -8.58 -42.32
N GLY K 38 14.08 -8.71 -43.64
CA GLY K 38 13.20 -7.89 -44.45
C GLY K 38 13.21 -8.31 -45.91
N THR K 39 12.51 -7.53 -46.73
CA THR K 39 12.47 -7.79 -48.17
C THR K 39 13.55 -6.97 -48.84
N ALA K 40 14.32 -7.63 -49.69
CA ALA K 40 15.41 -6.99 -50.40
C ALA K 40 15.20 -7.15 -51.90
N VAL K 41 15.73 -6.23 -52.70
CA VAL K 41 15.91 -6.51 -54.10
C VAL K 41 17.27 -7.23 -54.26
N VAL K 42 17.21 -8.47 -54.77
CA VAL K 42 18.38 -9.29 -55.05
C VAL K 42 18.28 -9.70 -56.51
N SER K 43 19.15 -9.12 -57.34
CA SER K 43 19.21 -9.47 -58.76
C SER K 43 17.92 -9.14 -59.53
N GLY K 44 17.24 -8.06 -59.18
CA GLY K 44 16.02 -7.65 -59.90
C GLY K 44 14.76 -8.34 -59.37
N GLU K 45 14.93 -9.13 -58.32
CA GLU K 45 13.86 -9.92 -57.73
C GLU K 45 13.67 -9.56 -56.24
N PHE K 46 12.48 -9.78 -55.72
CA PHE K 46 12.22 -9.63 -54.29
C PHE K 46 12.50 -10.92 -53.51
N LYS K 47 13.40 -10.84 -52.52
CA LYS K 47 13.57 -11.98 -51.62
C LYS K 47 13.65 -11.58 -50.16
N GLU K 48 13.02 -12.35 -49.28
CA GLU K 48 13.21 -12.16 -47.84
C GLU K 48 14.60 -12.69 -47.42
N ILE K 49 15.39 -11.78 -46.85
CA ILE K 49 16.73 -12.08 -46.31
C ILE K 49 16.79 -11.82 -44.80
N SER K 50 17.69 -12.48 -44.10
CA SER K 50 17.87 -12.20 -42.67
C SER K 50 19.36 -12.33 -42.29
N LEU K 51 19.70 -11.90 -41.06
CA LEU K 51 21.07 -12.00 -40.57
C LEU K 51 21.55 -13.46 -40.68
N ASP K 52 20.65 -14.40 -40.37
CA ASP K 52 20.88 -15.85 -40.51
C ASP K 52 21.44 -16.31 -41.85
N ASP K 53 21.03 -15.67 -42.94
CA ASP K 53 21.51 -16.03 -44.28
C ASP K 53 23.01 -15.83 -44.50
N PHE K 54 23.69 -15.14 -43.59
CA PHE K 54 25.07 -14.72 -43.80
C PHE K 54 26.06 -15.45 -42.89
N LYS K 55 25.56 -16.22 -41.94
CA LYS K 55 26.37 -17.11 -41.09
C LYS K 55 27.43 -17.86 -41.93
N GLY K 56 28.68 -17.83 -41.47
CA GLY K 56 29.75 -18.48 -42.22
C GLY K 56 30.37 -17.63 -43.34
N LYS K 57 29.80 -16.45 -43.64
CA LYS K 57 30.52 -15.45 -44.45
C LYS K 57 30.71 -14.14 -43.67
N TYR K 58 31.43 -13.21 -44.29
CA TYR K 58 31.52 -11.84 -43.81
C TYR K 58 30.39 -11.06 -44.44
N LEU K 59 29.96 -9.99 -43.76
CA LEU K 59 28.92 -9.12 -44.28
C LEU K 59 29.25 -7.66 -44.04
N VAL K 60 29.21 -6.88 -45.12
CA VAL K 60 29.19 -5.46 -45.03
C VAL K 60 27.73 -5.06 -45.14
N LEU K 61 27.17 -4.55 -44.05
CA LEU K 61 25.83 -4.02 -44.02
C LEU K 61 25.93 -2.48 -43.87
N PHE K 62 25.50 -1.72 -44.88
CA PHE K 62 25.55 -0.30 -44.80
C PHE K 62 24.21 0.35 -45.13
N PHE K 63 24.01 1.56 -44.61
CA PHE K 63 22.74 2.26 -44.62
C PHE K 63 22.92 3.57 -45.37
N TYR K 64 21.89 4.04 -46.08
CA TYR K 64 21.88 5.35 -46.75
C TYR K 64 20.52 6.02 -46.53
N PRO K 65 20.43 7.37 -46.66
CA PRO K 65 19.20 8.01 -46.20
C PRO K 65 17.92 7.63 -46.97
N LEU K 66 17.88 7.94 -48.26
CA LEU K 66 16.65 7.81 -49.10
C LEU K 66 16.97 7.47 -50.56
N ASP K 67 16.14 6.64 -51.18
CA ASP K 67 16.20 6.44 -52.63
C ASP K 67 15.88 7.74 -53.32
N PHE K 68 16.43 7.92 -54.53
CA PHE K 68 16.15 9.08 -55.40
C PHE K 68 16.73 10.43 -54.89
N THR K 69 17.84 10.36 -54.16
CA THR K 69 18.54 11.57 -53.68
C THR K 69 19.96 11.55 -54.25
N PHE K 70 20.51 12.74 -54.49
CA PHE K 70 21.77 12.96 -55.23
C PHE K 70 23.03 12.47 -54.51
N VAL K 71 23.07 12.58 -53.17
CA VAL K 71 24.26 12.26 -52.36
C VAL K 71 24.58 10.75 -52.18
N CYS K 72 23.56 9.91 -52.23
CA CYS K 72 23.66 8.46 -52.00
C CYS K 72 24.36 7.62 -53.07
N PRO K 73 23.94 7.73 -54.37
CA PRO K 73 24.23 6.66 -55.34
C PRO K 73 25.73 6.44 -55.59
N THR K 74 26.56 7.48 -55.49
CA THR K 74 28.00 7.31 -55.67
C THR K 74 28.49 6.13 -54.82
N GLU K 75 28.20 6.20 -53.52
CA GLU K 75 28.61 5.18 -52.58
C GLU K 75 27.99 3.80 -52.89
N ILE K 76 26.69 3.78 -53.18
CA ILE K 76 25.98 2.52 -53.49
C ILE K 76 26.55 1.85 -54.76
N ILE K 77 26.75 2.65 -55.81
CA ILE K 77 27.31 2.15 -57.06
C ILE K 77 28.74 1.56 -56.87
N ALA K 78 29.60 2.31 -56.20
CA ALA K 78 30.98 1.90 -55.90
C ALA K 78 30.95 0.56 -55.19
N PHE K 79 30.01 0.37 -54.26
CA PHE K 79 29.87 -0.94 -53.63
C PHE K 79 29.46 -2.01 -54.66
N SER K 80 28.53 -1.69 -55.55
CA SER K 80 28.11 -2.63 -56.58
C SER K 80 29.30 -3.01 -57.49
N ASP K 81 30.02 -1.98 -57.96
CA ASP K 81 31.20 -2.17 -58.81
C ASP K 81 32.27 -3.07 -58.17
N LYS K 82 32.50 -2.93 -56.87
CA LYS K 82 33.56 -3.71 -56.21
C LYS K 82 33.05 -4.97 -55.54
N ALA K 83 31.80 -5.32 -55.81
CA ALA K 83 31.13 -6.46 -55.15
C ALA K 83 31.84 -7.79 -55.34
N SER K 84 32.21 -8.08 -56.59
CA SER K 84 33.01 -9.26 -56.94
C SER K 84 34.25 -9.42 -56.02
N GLU K 85 34.87 -8.28 -55.73
CA GLU K 85 36.05 -8.25 -54.91
C GLU K 85 35.73 -8.70 -53.49
N PHE K 86 34.56 -8.29 -52.98
CA PHE K 86 34.14 -8.74 -51.66
C PHE K 86 33.75 -10.24 -51.67
N HIS K 87 33.03 -10.66 -52.72
N HIS K 87 33.04 -10.71 -52.70
CA HIS K 87 32.68 -12.07 -52.93
CA HIS K 87 32.69 -12.13 -52.78
C HIS K 87 33.93 -12.95 -52.89
C HIS K 87 33.95 -13.00 -52.88
N ASP K 88 34.97 -12.50 -53.59
CA ASP K 88 36.26 -13.22 -53.67
C ASP K 88 36.80 -13.60 -52.30
N VAL K 89 36.55 -12.77 -51.29
CA VAL K 89 36.95 -13.09 -49.92
C VAL K 89 35.77 -13.50 -49.03
N ASN K 90 34.76 -14.14 -49.61
CA ASN K 90 33.67 -14.67 -48.82
C ASN K 90 32.98 -13.57 -47.98
N CYS K 91 32.87 -12.38 -48.56
CA CYS K 91 32.14 -11.27 -47.91
C CYS K 91 30.95 -10.81 -48.75
N GLU K 92 29.78 -10.78 -48.13
CA GLU K 92 28.58 -10.23 -48.80
C GLU K 92 28.39 -8.77 -48.44
N VAL K 93 27.66 -8.06 -49.31
CA VAL K 93 27.40 -6.64 -49.17
C VAL K 93 25.88 -6.39 -49.31
N VAL K 94 25.34 -5.52 -48.45
CA VAL K 94 23.92 -5.26 -48.37
C VAL K 94 23.68 -3.80 -47.96
N ALA K 95 23.00 -3.07 -48.85
CA ALA K 95 22.64 -1.69 -48.65
C ALA K 95 21.20 -1.63 -48.11
N VAL K 96 20.97 -0.71 -47.17
CA VAL K 96 19.68 -0.59 -46.47
C VAL K 96 19.19 0.85 -46.46
N SER K 97 17.90 1.05 -46.69
CA SER K 97 17.29 2.37 -46.47
C SER K 97 15.87 2.13 -46.00
N VAL K 98 15.26 3.14 -45.37
CA VAL K 98 13.91 3.04 -44.86
C VAL K 98 12.87 2.99 -45.99
N ASP K 99 13.30 3.05 -47.26
CA ASP K 99 12.35 3.05 -48.41
C ASP K 99 11.81 1.63 -48.62
N SER K 100 10.71 1.49 -49.36
CA SER K 100 10.12 0.19 -49.65
C SER K 100 10.95 -0.51 -50.73
N HIS K 101 10.84 -1.82 -50.79
CA HIS K 101 11.52 -2.58 -51.84
C HIS K 101 11.04 -2.20 -53.25
N PHE K 102 9.79 -1.75 -53.38
CA PHE K 102 9.29 -1.20 -54.63
C PHE K 102 10.04 0.04 -55.05
N SER K 103 10.30 0.96 -54.13
CA SER K 103 11.16 2.11 -54.44
C SER K 103 12.57 1.68 -54.82
N HIS K 104 13.11 0.65 -54.14
CA HIS K 104 14.44 0.18 -54.46
C HIS K 104 14.49 -0.22 -55.95
N LEU K 105 13.60 -1.16 -56.34
CA LEU K 105 13.51 -1.66 -57.72
C LEU K 105 13.33 -0.56 -58.76
N ALA K 106 12.46 0.40 -58.47
CA ALA K 106 12.23 1.47 -59.41
C ALA K 106 13.52 2.25 -59.63
N TRP K 107 14.30 2.40 -58.57
CA TRP K 107 15.58 3.14 -58.63
C TRP K 107 16.68 2.32 -59.31
N ILE K 108 16.63 1.00 -59.14
CA ILE K 108 17.55 0.10 -59.82
C ILE K 108 17.21 0.11 -61.31
N ASN K 109 15.93 0.29 -61.63
CA ASN K 109 15.51 0.40 -63.03
C ASN K 109 15.62 1.81 -63.57
N THR K 110 16.18 2.74 -62.80
CA THR K 110 16.58 4.03 -63.35
C THR K 110 18.07 3.93 -63.72
N PRO K 111 18.42 4.22 -64.99
CA PRO K 111 19.83 4.09 -65.41
C PRO K 111 20.72 5.21 -64.87
N ARG K 112 21.98 4.88 -64.58
CA ARG K 112 22.91 5.78 -63.87
C ARG K 112 23.01 7.18 -64.48
N LYS K 113 22.80 7.25 -65.79
CA LYS K 113 22.78 8.48 -66.59
C LYS K 113 21.61 9.43 -66.24
N ASN K 114 20.69 8.99 -65.38
CA ASN K 114 19.61 9.83 -64.88
C ASN K 114 19.61 9.86 -63.37
N GLY K 115 20.76 9.48 -62.81
CA GLY K 115 20.96 9.43 -61.35
C GLY K 115 20.32 8.23 -60.68
N GLY K 116 20.05 7.19 -61.45
CA GLY K 116 19.56 5.95 -60.89
C GLY K 116 20.71 5.07 -60.44
N LEU K 117 20.39 3.85 -60.08
CA LEU K 117 21.41 2.91 -59.68
C LEU K 117 21.84 1.98 -60.81
N GLY K 118 20.97 1.77 -61.81
CA GLY K 118 21.22 0.74 -62.83
C GLY K 118 21.35 -0.60 -62.13
N HIS K 119 21.77 -1.64 -62.82
CA HIS K 119 21.86 -2.96 -62.19
C HIS K 119 22.73 -2.92 -60.92
N MET K 120 22.39 -3.78 -59.96
CA MET K 120 23.04 -3.83 -58.69
C MET K 120 23.62 -5.23 -58.47
N ASN K 121 24.87 -5.28 -58.00
CA ASN K 121 25.53 -6.53 -57.62
C ASN K 121 25.38 -6.87 -56.13
N ILE K 122 24.79 -5.94 -55.38
CA ILE K 122 24.56 -6.10 -53.95
C ILE K 122 23.07 -6.11 -53.72
N ALA K 123 22.63 -6.73 -52.63
CA ALA K 123 21.23 -6.62 -52.16
C ALA K 123 20.84 -5.18 -51.72
N LEU K 124 19.59 -4.83 -51.97
CA LEU K 124 19.00 -3.58 -51.52
C LEU K 124 17.87 -3.92 -50.57
N LEU K 125 18.21 -3.90 -49.29
CA LEU K 125 17.29 -4.24 -48.22
C LEU K 125 16.35 -3.06 -47.95
N SER K 126 15.05 -3.37 -47.85
CA SER K 126 14.06 -2.39 -47.43
C SER K 126 13.88 -2.43 -45.92
N ASP K 127 14.05 -1.29 -45.26
CA ASP K 127 13.74 -1.19 -43.84
C ASP K 127 12.44 -0.39 -43.67
N LEU K 128 11.38 -0.82 -44.35
CA LEU K 128 10.14 -0.02 -44.34
C LEU K 128 9.60 0.25 -42.93
N THR K 129 9.72 -0.72 -42.03
CA THR K 129 9.24 -0.47 -40.65
C THR K 129 10.16 0.47 -39.87
N LYS K 130 11.36 0.75 -40.38
CA LYS K 130 12.40 1.52 -39.69
C LYS K 130 13.05 0.76 -38.53
N GLN K 131 12.64 -0.51 -38.30
CA GLN K 131 13.13 -1.26 -37.17
C GLN K 131 14.60 -1.65 -37.32
N ILE K 132 15.01 -1.95 -38.55
CA ILE K 132 16.40 -2.31 -38.75
C ILE K 132 17.33 -1.16 -38.42
N SER K 133 17.02 0.01 -38.97
CA SER K 133 17.82 1.20 -38.69
C SER K 133 17.84 1.53 -37.21
N ARG K 134 16.70 1.33 -36.56
CA ARG K 134 16.61 1.54 -35.13
C ARG K 134 17.52 0.60 -34.32
N ASP K 135 17.44 -0.69 -34.65
CA ASP K 135 18.25 -1.74 -34.05
C ASP K 135 19.74 -1.52 -34.26
N TYR K 136 20.12 -0.87 -35.37
CA TYR K 136 21.53 -0.60 -35.63
C TYR K 136 21.97 0.81 -35.21
N GLY K 137 21.08 1.49 -34.46
CA GLY K 137 21.45 2.74 -33.82
C GLY K 137 21.74 3.88 -34.79
N VAL K 138 21.24 3.77 -36.01
CA VAL K 138 21.51 4.78 -37.05
C VAL K 138 20.25 5.53 -37.49
N LEU K 139 19.10 5.23 -36.89
CA LEU K 139 17.88 5.89 -37.33
C LEU K 139 17.79 7.29 -36.72
N LEU K 140 17.52 8.30 -37.54
CA LEU K 140 17.17 9.61 -37.04
C LEU K 140 15.65 9.63 -36.86
N GLU K 141 15.21 9.69 -35.61
CA GLU K 141 13.81 9.47 -35.32
C GLU K 141 12.93 10.59 -35.86
N GLY K 142 13.37 11.84 -35.72
CA GLY K 142 12.58 12.99 -36.16
C GLY K 142 12.16 12.90 -37.62
N PRO K 143 13.13 12.84 -38.54
CA PRO K 143 12.76 12.79 -39.94
C PRO K 143 12.43 11.39 -40.44
N GLY K 144 12.84 10.36 -39.69
CA GLY K 144 12.53 8.97 -40.02
C GLY K 144 13.39 8.29 -41.09
N LEU K 145 14.70 8.58 -41.11
CA LEU K 145 15.61 7.98 -42.10
C LEU K 145 16.94 7.70 -41.42
N ALA K 146 17.75 6.85 -42.09
CA ALA K 146 19.04 6.38 -41.53
C ALA K 146 20.22 7.30 -41.86
N LEU K 147 21.06 7.56 -40.83
CA LEU K 147 22.45 7.99 -41.06
C LEU K 147 23.21 6.97 -41.92
N ARG K 148 24.38 7.39 -42.40
CA ARG K 148 25.20 6.50 -43.23
C ARG K 148 26.07 5.57 -42.38
N GLY K 149 25.44 4.56 -41.82
CA GLY K 149 26.16 3.56 -41.03
C GLY K 149 26.68 2.43 -41.91
N LEU K 150 27.84 1.89 -41.53
CA LEU K 150 28.38 0.68 -42.10
C LEU K 150 28.89 -0.21 -40.97
N PHE K 151 28.63 -1.51 -41.12
CA PHE K 151 29.06 -2.52 -40.17
C PHE K 151 29.74 -3.65 -40.93
N ILE K 152 30.87 -4.12 -40.41
CA ILE K 152 31.55 -5.30 -40.93
C ILE K 152 31.29 -6.39 -39.88
N ILE K 153 30.58 -7.42 -40.32
CA ILE K 153 30.11 -8.48 -39.42
C ILE K 153 30.82 -9.75 -39.88
N ASP K 154 31.28 -10.54 -38.91
CA ASP K 154 32.13 -11.70 -39.18
C ASP K 154 31.28 -12.97 -39.32
N PRO K 155 31.91 -14.12 -39.65
CA PRO K 155 31.13 -15.32 -39.92
C PRO K 155 30.27 -15.82 -38.75
N ASN K 156 30.58 -15.44 -37.52
CA ASN K 156 29.73 -15.79 -36.38
C ASN K 156 28.68 -14.73 -36.02
N GLY K 157 28.50 -13.71 -36.87
CA GLY K 157 27.59 -12.63 -36.57
C GLY K 157 28.16 -11.58 -35.59
N VAL K 158 29.48 -11.55 -35.40
CA VAL K 158 30.10 -10.60 -34.48
C VAL K 158 30.53 -9.31 -35.22
N ILE K 159 30.16 -8.13 -34.71
CA ILE K 159 30.60 -6.85 -35.30
C ILE K 159 32.11 -6.61 -35.04
N LYS K 160 32.88 -6.49 -36.12
CA LYS K 160 34.33 -6.24 -36.03
C LYS K 160 34.68 -4.78 -36.25
N HIS K 161 33.85 -4.10 -37.04
CA HIS K 161 34.05 -2.70 -37.41
C HIS K 161 32.71 -2.02 -37.61
N LEU K 162 32.61 -0.77 -37.17
CA LEU K 162 31.49 0.07 -37.57
C LEU K 162 31.98 1.51 -37.87
N SER K 163 31.30 2.18 -38.80
CA SER K 163 31.46 3.62 -38.99
C SER K 163 30.14 4.24 -39.40
N VAL K 164 30.02 5.53 -39.10
CA VAL K 164 28.82 6.30 -39.32
C VAL K 164 29.24 7.68 -39.86
N ASN K 165 28.69 8.08 -41.00
CA ASN K 165 28.89 9.42 -41.54
C ASN K 165 27.57 10.17 -41.57
N ASP K 166 27.67 11.46 -41.31
CA ASP K 166 26.61 12.38 -41.59
C ASP K 166 26.16 12.31 -43.07
N LEU K 167 24.91 12.70 -43.29
CA LEU K 167 24.25 12.50 -44.56
C LEU K 167 25.02 12.97 -45.83
N PRO K 168 25.65 14.16 -45.82
CA PRO K 168 26.23 14.61 -47.10
C PRO K 168 27.49 13.86 -47.63
N VAL K 169 28.08 12.97 -46.84
CA VAL K 169 29.46 12.51 -47.13
C VAL K 169 29.50 11.01 -47.37
N GLY K 170 29.98 10.61 -48.55
CA GLY K 170 30.13 9.18 -48.85
C GLY K 170 31.49 8.65 -48.39
N ARG K 171 31.58 7.33 -48.19
CA ARG K 171 32.81 6.71 -47.70
C ARG K 171 33.66 6.06 -48.80
N SER K 172 34.90 5.67 -48.49
CA SER K 172 35.73 4.96 -49.47
C SER K 172 35.51 3.46 -49.41
N VAL K 173 35.08 2.89 -50.54
CA VAL K 173 34.78 1.46 -50.65
C VAL K 173 36.06 0.66 -50.53
N GLU K 174 37.16 1.19 -51.06
CA GLU K 174 38.45 0.52 -50.97
C GLU K 174 38.92 0.35 -49.51
N GLU K 175 38.68 1.34 -48.68
CA GLU K 175 39.08 1.21 -47.30
C GLU K 175 38.28 0.12 -46.57
N THR K 176 36.98 0.00 -46.93
CA THR K 176 36.11 -1.04 -46.42
C THR K 176 36.63 -2.42 -46.79
N LEU K 177 36.98 -2.58 -48.07
CA LEU K 177 37.56 -3.83 -48.54
C LEU K 177 38.86 -4.16 -47.76
N ARG K 178 39.80 -3.20 -47.71
CA ARG K 178 41.04 -3.35 -46.90
C ARG K 178 40.75 -3.80 -45.48
N LEU K 179 39.68 -3.30 -44.87
CA LEU K 179 39.36 -3.67 -43.48
C LEU K 179 38.87 -5.10 -43.32
N VAL K 180 38.02 -5.52 -44.27
CA VAL K 180 37.54 -6.90 -44.33
C VAL K 180 38.75 -7.82 -44.42
N LYS K 181 39.67 -7.51 -45.34
CA LYS K 181 40.93 -8.26 -45.47
C LYS K 181 41.79 -8.22 -44.22
N ALA K 182 42.06 -7.02 -43.67
CA ALA K 182 42.82 -6.97 -42.39
C ALA K 182 42.15 -7.86 -41.35
N PHE K 183 40.82 -7.87 -41.27
CA PHE K 183 40.16 -8.73 -40.27
C PHE K 183 40.32 -10.24 -40.47
N GLN K 184 40.23 -10.67 -41.72
CA GLN K 184 40.45 -12.07 -42.09
C GLN K 184 41.88 -12.53 -41.80
N PHE K 185 42.83 -11.64 -42.06
CA PHE K 185 44.25 -11.88 -41.83
C PHE K 185 44.48 -12.18 -40.34
N VAL K 186 43.86 -11.37 -39.47
CA VAL K 186 43.98 -11.56 -38.03
C VAL K 186 43.47 -12.95 -37.61
N GLU K 187 42.31 -13.33 -38.15
CA GLU K 187 41.72 -14.62 -37.88
C GLU K 187 42.60 -15.79 -38.34
N ALA K 188 43.21 -15.65 -39.53
CA ALA K 188 44.07 -16.69 -40.11
C ALA K 188 45.43 -16.88 -39.42
N HIS K 189 45.82 -15.97 -38.52
CA HIS K 189 47.18 -15.96 -37.93
C HIS K 189 47.16 -15.82 -36.42
N ALA L 26 26.07 12.88 -26.03
CA ALA L 26 26.20 11.46 -26.59
C ALA L 26 27.24 11.29 -27.74
N PRO L 27 27.90 10.08 -27.80
CA PRO L 27 28.81 9.84 -28.91
C PRO L 27 27.97 9.28 -30.07
N ALA L 28 27.14 10.11 -30.69
CA ALA L 28 26.49 9.75 -31.95
C ALA L 28 26.67 10.87 -32.96
N VAL L 29 26.75 10.49 -34.24
CA VAL L 29 26.84 11.47 -35.30
C VAL L 29 25.64 12.45 -35.24
N THR L 30 25.93 13.73 -35.47
CA THR L 30 24.97 14.85 -35.37
C THR L 30 24.73 15.40 -33.97
N GLN L 31 25.21 14.73 -32.94
CA GLN L 31 25.15 15.24 -31.57
C GLN L 31 26.46 15.90 -31.19
N HIS L 32 26.42 16.67 -30.10
CA HIS L 32 27.61 17.29 -29.56
CA HIS L 32 27.62 17.30 -29.55
C HIS L 32 28.50 16.23 -28.90
N ALA L 33 29.80 16.28 -29.19
CA ALA L 33 30.72 15.38 -28.53
C ALA L 33 30.64 15.55 -27.01
N PRO L 34 30.75 14.45 -26.27
CA PRO L 34 30.78 14.61 -24.82
C PRO L 34 32.02 15.37 -24.39
N TYR L 35 31.83 16.23 -23.40
CA TYR L 35 32.94 16.93 -22.75
C TYR L 35 34.01 15.94 -22.27
N PHE L 36 35.29 16.29 -22.43
CA PHE L 36 36.38 15.57 -21.76
C PHE L 36 37.37 16.61 -21.28
N LYS L 37 38.18 16.22 -20.31
CA LYS L 37 39.30 16.95 -19.74
C LYS L 37 40.28 15.90 -19.17
N GLY L 38 41.58 16.07 -19.43
CA GLY L 38 42.58 15.24 -18.75
C GLY L 38 43.99 15.71 -19.02
N THR L 39 44.96 14.99 -18.48
CA THR L 39 46.36 15.31 -18.68
C THR L 39 46.89 14.69 -19.95
N ALA L 40 47.44 15.55 -20.81
CA ALA L 40 48.05 15.09 -22.06
C ALA L 40 49.57 15.31 -22.03
N VAL L 41 50.26 14.56 -22.87
CA VAL L 41 51.64 14.92 -23.17
C VAL L 41 51.52 15.76 -24.44
N VAL L 42 51.98 17.00 -24.38
CA VAL L 42 51.93 17.88 -25.54
C VAL L 42 53.33 18.44 -25.70
N SER L 43 53.97 18.11 -26.83
CA SER L 43 55.38 18.46 -27.07
C SER L 43 56.27 18.08 -25.89
N GLY L 44 56.18 16.83 -25.46
CA GLY L 44 57.01 16.38 -24.35
C GLY L 44 56.74 17.03 -22.98
N GLU L 45 55.66 17.79 -22.82
CA GLU L 45 55.32 18.25 -21.48
CA GLU L 45 55.27 18.38 -21.54
C GLU L 45 53.88 17.90 -21.09
N PHE L 46 53.65 17.82 -19.79
CA PHE L 46 52.33 17.46 -19.29
C PHE L 46 51.45 18.71 -19.35
N LYS L 47 50.30 18.61 -19.99
CA LYS L 47 49.38 19.73 -20.12
C LYS L 47 47.93 19.27 -19.95
N GLU L 48 47.15 20.01 -19.16
CA GLU L 48 45.73 19.76 -19.07
C GLU L 48 44.99 20.24 -20.32
N ILE L 49 44.25 19.35 -20.99
CA ILE L 49 43.47 19.77 -22.15
C ILE L 49 42.01 19.35 -22.01
N SER L 50 41.12 19.97 -22.75
CA SER L 50 39.70 19.62 -22.73
C SER L 50 39.02 19.84 -24.07
N LEU L 51 37.79 19.37 -24.22
CA LEU L 51 37.03 19.64 -25.45
C LEU L 51 36.95 21.12 -25.81
N ASP L 52 36.77 21.98 -24.80
CA ASP L 52 36.72 23.42 -25.01
C ASP L 52 37.94 23.93 -25.74
N ASP L 53 39.10 23.34 -25.50
CA ASP L 53 40.32 23.80 -26.19
C ASP L 53 40.24 23.78 -27.70
N PHE L 54 39.33 22.98 -28.25
CA PHE L 54 39.30 22.78 -29.71
C PHE L 54 38.20 23.53 -30.43
N LYS L 55 37.49 24.42 -29.72
CA LYS L 55 36.44 25.21 -30.33
C LYS L 55 36.99 26.01 -31.48
N GLY L 56 36.27 26.05 -32.59
CA GLY L 56 36.73 26.79 -33.78
C GLY L 56 37.65 25.98 -34.70
N LYS L 57 38.06 24.78 -34.26
CA LYS L 57 38.89 23.88 -35.07
C LYS L 57 38.19 22.52 -35.20
N TYR L 58 38.54 21.75 -36.20
CA TYR L 58 38.14 20.34 -36.24
C TYR L 58 39.03 19.59 -35.30
N LEU L 59 38.49 18.51 -34.73
CA LEU L 59 39.30 17.64 -33.88
C LEU L 59 39.12 16.19 -34.34
N VAL L 60 40.22 15.48 -34.47
CA VAL L 60 40.17 14.03 -34.63
C VAL L 60 40.59 13.48 -33.27
N LEU L 61 39.65 12.82 -32.59
CA LEU L 61 39.90 12.22 -31.29
C LEU L 61 39.87 10.70 -31.50
N PHE L 62 40.99 10.01 -31.24
CA PHE L 62 40.98 8.57 -31.48
C PHE L 62 41.60 7.84 -30.31
N PHE L 63 41.08 6.63 -30.11
CA PHE L 63 41.38 5.79 -28.97
C PHE L 63 42.21 4.60 -29.38
N TYR L 64 43.12 4.18 -28.50
CA TYR L 64 43.87 2.93 -28.69
C TYR L 64 43.88 2.13 -27.37
N PRO L 65 44.13 0.80 -27.44
CA PRO L 65 43.93 -0.01 -26.20
C PRO L 65 44.97 0.26 -25.10
N LEU L 66 46.24 0.10 -25.39
CA LEU L 66 47.26 0.17 -24.34
C LEU L 66 48.62 0.62 -24.88
N ASP L 67 49.27 1.53 -24.15
CA ASP L 67 50.69 1.79 -24.34
C ASP L 67 51.54 0.52 -24.28
N PHE L 68 52.66 0.55 -25.02
CA PHE L 68 53.66 -0.50 -25.03
C PHE L 68 53.17 -1.85 -25.62
N THR L 69 52.18 -1.83 -26.52
CA THR L 69 51.66 -3.04 -27.22
C THR L 69 52.08 -2.97 -28.68
N PHE L 70 52.21 -4.14 -29.33
CA PHE L 70 52.77 -4.29 -30.69
CA PHE L 70 52.81 -4.16 -30.66
C PHE L 70 51.77 -3.82 -31.74
N VAL L 71 50.52 -3.81 -31.34
CA VAL L 71 49.37 -3.61 -32.21
C VAL L 71 49.07 -2.14 -32.63
N CYS L 72 49.31 -1.17 -31.75
CA CYS L 72 48.85 0.23 -31.90
C CYS L 72 49.81 1.25 -32.53
N PRO L 73 51.17 1.08 -32.31
CA PRO L 73 52.04 2.20 -32.68
C PRO L 73 51.95 2.58 -34.14
N THR L 74 51.76 1.64 -35.05
CA THR L 74 51.71 1.93 -36.47
C THR L 74 50.73 3.09 -36.76
N GLU L 75 49.53 2.98 -36.20
CA GLU L 75 48.50 3.95 -36.42
C GLU L 75 48.83 5.25 -35.67
N ILE L 76 49.34 5.16 -34.45
CA ILE L 76 49.66 6.38 -33.75
C ILE L 76 50.74 7.16 -34.50
N ILE L 77 51.76 6.44 -34.97
CA ILE L 77 52.90 7.04 -35.68
C ILE L 77 52.42 7.63 -37.03
N ALA L 78 51.51 6.93 -37.71
CA ALA L 78 51.00 7.45 -38.97
C ALA L 78 50.27 8.78 -38.72
N PHE L 79 49.42 8.84 -37.70
CA PHE L 79 48.78 10.13 -37.39
C PHE L 79 49.77 11.21 -37.09
N SER L 80 50.80 10.88 -36.29
CA SER L 80 51.83 11.87 -36.00
C SER L 80 52.62 12.28 -37.27
N ASP L 81 52.96 11.32 -38.14
CA ASP L 81 53.75 11.62 -39.32
C ASP L 81 53.01 12.59 -40.24
N LYS L 82 51.68 12.47 -40.28
CA LYS L 82 50.83 13.31 -41.13
C LYS L 82 50.13 14.45 -40.34
N ALA L 83 50.52 14.69 -39.09
CA ALA L 83 49.89 15.76 -38.27
C ALA L 83 49.84 17.11 -39.01
N SER L 84 50.89 17.43 -39.73
CA SER L 84 50.99 18.72 -40.41
C SER L 84 49.94 18.87 -41.54
N GLU L 85 49.50 17.75 -42.11
CA GLU L 85 48.43 17.78 -43.11
C GLU L 85 47.07 18.11 -42.44
N PHE L 86 46.86 17.61 -41.23
CA PHE L 86 45.65 18.01 -40.48
C PHE L 86 45.72 19.47 -40.04
N HIS L 87 46.90 19.90 -39.62
CA HIS L 87 47.06 21.27 -39.12
C HIS L 87 46.74 22.28 -40.17
N ASP L 88 47.08 21.92 -41.41
CA ASP L 88 46.96 22.83 -42.50
C ASP L 88 45.51 22.96 -42.96
N VAL L 89 44.63 22.04 -42.54
CA VAL L 89 43.17 22.21 -42.73
C VAL L 89 42.44 22.40 -41.40
N ASN L 90 43.06 23.15 -40.48
CA ASN L 90 42.42 23.61 -39.27
C ASN L 90 41.93 22.46 -38.39
N CYS L 91 42.73 21.39 -38.32
CA CYS L 91 42.32 20.18 -37.63
C CYS L 91 43.39 19.71 -36.66
N GLU L 92 42.99 19.47 -35.41
CA GLU L 92 43.92 18.91 -34.43
C GLU L 92 43.72 17.40 -34.34
N VAL L 93 44.72 16.69 -33.83
CA VAL L 93 44.60 15.24 -33.63
C VAL L 93 45.04 14.90 -32.25
N VAL L 94 44.19 14.20 -31.49
CA VAL L 94 44.52 13.80 -30.12
C VAL L 94 44.29 12.26 -30.00
N ALA L 95 45.32 11.53 -29.56
CA ALA L 95 45.20 10.11 -29.28
C ALA L 95 44.90 9.93 -27.78
N VAL L 96 44.14 8.88 -27.42
CA VAL L 96 43.70 8.60 -26.04
C VAL L 96 43.82 7.11 -25.65
N SER L 97 44.35 6.85 -24.45
CA SER L 97 44.17 5.54 -23.87
C SER L 97 43.99 5.67 -22.36
N VAL L 98 43.62 4.53 -21.76
CA VAL L 98 43.43 4.40 -20.31
C VAL L 98 44.77 4.37 -19.53
N ASP L 99 45.92 4.41 -20.21
CA ASP L 99 47.21 4.56 -19.54
C ASP L 99 47.35 5.98 -18.93
N SER L 100 48.22 6.08 -17.94
CA SER L 100 48.53 7.32 -17.31
C SER L 100 49.40 8.17 -18.27
N HIS L 101 49.56 9.45 -17.97
CA HIS L 101 50.38 10.32 -18.82
C HIS L 101 51.87 9.98 -18.68
N PHE L 102 52.25 9.36 -17.57
CA PHE L 102 53.63 8.91 -17.34
C PHE L 102 54.01 7.75 -18.25
N SER L 103 53.13 6.78 -18.41
CA SER L 103 53.29 5.77 -19.44
C SER L 103 53.33 6.39 -20.83
N HIS L 104 52.47 7.37 -21.10
CA HIS L 104 52.51 8.03 -22.42
C HIS L 104 53.93 8.57 -22.68
N LEU L 105 54.45 9.32 -21.70
CA LEU L 105 55.73 10.02 -21.86
C LEU L 105 56.86 9.02 -22.04
N ALA L 106 56.81 7.95 -21.27
CA ALA L 106 57.80 6.86 -21.37
C ALA L 106 57.74 6.16 -22.74
N TRP L 107 56.54 6.02 -23.30
CA TRP L 107 56.40 5.42 -24.64
C TRP L 107 56.94 6.35 -25.73
N ILE L 108 56.75 7.66 -25.52
CA ILE L 108 57.32 8.68 -26.40
C ILE L 108 58.85 8.58 -26.33
N ASN L 109 59.40 8.42 -25.13
CA ASN L 109 60.86 8.38 -24.94
C ASN L 109 61.47 7.02 -25.21
N THR L 110 60.70 6.09 -25.75
CA THR L 110 61.24 4.82 -26.25
C THR L 110 61.45 4.98 -27.77
N PRO L 111 62.62 4.61 -28.31
CA PRO L 111 62.79 4.77 -29.79
C PRO L 111 61.89 3.85 -30.61
N ARG L 112 61.44 4.35 -31.76
CA ARG L 112 60.59 3.58 -32.70
C ARG L 112 61.19 2.22 -33.02
N LYS L 113 62.51 2.16 -33.20
CA LYS L 113 63.16 0.87 -33.49
C LYS L 113 62.92 -0.18 -32.39
N ASN L 114 62.69 0.27 -31.17
CA ASN L 114 62.44 -0.67 -30.07
C ASN L 114 60.95 -0.78 -29.74
N GLY L 115 60.08 -0.47 -30.70
CA GLY L 115 58.64 -0.53 -30.46
C GLY L 115 58.05 0.70 -29.79
N GLY L 116 58.82 1.80 -29.71
CA GLY L 116 58.42 3.04 -29.05
C GLY L 116 57.68 3.96 -30.00
N LEU L 117 57.10 5.03 -29.48
CA LEU L 117 56.46 5.98 -30.32
C LEU L 117 57.46 6.99 -30.94
N GLY L 118 58.57 7.24 -30.27
CA GLY L 118 59.44 8.37 -30.63
C GLY L 118 58.68 9.68 -30.50
N HIS L 119 59.28 10.76 -30.98
CA HIS L 119 58.70 12.11 -31.06
CA HIS L 119 58.64 12.04 -30.84
C HIS L 119 57.27 12.09 -31.55
N MET L 120 56.36 12.78 -30.89
CA MET L 120 54.98 12.85 -31.33
C MET L 120 54.60 14.24 -31.76
N ASN L 121 53.94 14.33 -32.91
CA ASN L 121 53.45 15.61 -33.36
C ASN L 121 52.01 15.84 -32.91
N ILE L 122 51.41 14.84 -32.28
CA ILE L 122 50.02 14.94 -31.80
C ILE L 122 50.03 14.82 -30.27
N ALA L 123 48.97 15.26 -29.62
CA ALA L 123 48.83 15.10 -28.17
C ALA L 123 48.42 13.66 -27.84
N LEU L 124 48.99 13.12 -26.75
CA LEU L 124 48.62 11.84 -26.19
C LEU L 124 47.88 12.08 -24.87
N LEU L 125 46.55 11.92 -24.91
CA LEU L 125 45.73 12.20 -23.73
C LEU L 125 45.67 10.95 -22.84
N SER L 126 45.84 11.15 -21.53
CA SER L 126 45.68 10.08 -20.54
C SER L 126 44.23 9.95 -20.11
N ASP L 127 43.69 8.73 -20.12
CA ASP L 127 42.35 8.51 -19.57
C ASP L 127 42.39 7.56 -18.34
N LEU L 128 43.15 7.94 -17.35
CA LEU L 128 43.45 7.04 -16.24
C LEU L 128 42.20 6.57 -15.49
N THR L 129 41.21 7.44 -15.34
CA THR L 129 39.95 7.08 -14.73
C THR L 129 39.03 6.23 -15.65
N LYS L 130 39.35 6.15 -16.94
CA LYS L 130 38.51 5.42 -17.91
C LYS L 130 37.22 6.18 -18.25
N GLN L 131 36.99 7.34 -17.64
CA GLN L 131 35.72 8.01 -17.88
C GLN L 131 35.57 8.58 -19.31
N ILE L 132 36.69 8.92 -19.95
CA ILE L 132 36.62 9.45 -21.31
C ILE L 132 36.19 8.31 -22.24
N SER L 133 36.83 7.16 -22.13
CA SER L 133 36.48 6.00 -22.97
C SER L 133 35.00 5.58 -22.73
N ARG L 134 34.59 5.68 -21.49
CA ARG L 134 33.22 5.34 -21.10
C ARG L 134 32.26 6.36 -21.72
N ASP L 135 32.52 7.65 -21.57
CA ASP L 135 31.64 8.68 -22.14
C ASP L 135 31.57 8.60 -23.67
N TYR L 136 32.67 8.21 -24.34
CA TYR L 136 32.70 8.07 -25.78
C TYR L 136 32.24 6.71 -26.25
N GLY L 137 31.81 5.84 -25.33
CA GLY L 137 31.18 4.56 -25.68
C GLY L 137 32.14 3.54 -26.25
N VAL L 138 33.43 3.65 -25.91
CA VAL L 138 34.44 2.75 -26.41
C VAL L 138 35.13 1.89 -25.33
N LEU L 139 34.79 2.11 -24.06
CA LEU L 139 35.43 1.38 -23.01
C LEU L 139 34.92 -0.04 -22.99
N LEU L 140 35.80 -1.01 -23.13
CA LEU L 140 35.48 -2.39 -22.81
C LEU L 140 35.56 -2.53 -21.28
N GLU L 141 34.42 -2.55 -20.60
CA GLU L 141 34.39 -2.64 -19.12
C GLU L 141 35.11 -3.86 -18.58
N GLY L 142 35.03 -4.98 -19.30
CA GLY L 142 35.65 -6.23 -18.87
C GLY L 142 37.15 -6.06 -18.65
N PRO L 143 37.91 -5.87 -19.73
CA PRO L 143 39.37 -5.67 -19.47
C PRO L 143 39.78 -4.24 -19.02
N GLY L 144 38.90 -3.25 -19.19
CA GLY L 144 39.23 -1.88 -18.75
C GLY L 144 40.12 -1.10 -19.70
N LEU L 145 39.91 -1.27 -20.99
CA LEU L 145 40.67 -0.55 -22.02
C LEU L 145 39.73 -0.20 -23.17
N ALA L 146 40.11 0.78 -23.98
CA ALA L 146 39.28 1.27 -25.07
C ALA L 146 39.37 0.44 -26.36
N LEU L 147 38.26 0.30 -27.05
CA LEU L 147 38.31 -0.10 -28.44
C LEU L 147 38.90 1.03 -29.27
N ARG L 148 39.21 0.74 -30.52
CA ARG L 148 39.83 1.69 -31.42
C ARG L 148 38.82 2.61 -32.11
N GLY L 149 38.27 3.51 -31.33
CA GLY L 149 37.29 4.45 -31.82
C GLY L 149 37.94 5.72 -32.35
N LEU L 150 37.25 6.39 -33.26
CA LEU L 150 37.73 7.63 -33.79
C LEU L 150 36.52 8.47 -34.06
N PHE L 151 36.60 9.76 -33.74
CA PHE L 151 35.50 10.69 -33.91
C PHE L 151 36.02 11.93 -34.64
N ILE L 152 35.33 12.39 -35.68
CA ILE L 152 35.67 13.68 -36.29
C ILE L 152 34.70 14.69 -35.71
N ILE L 153 35.24 15.68 -35.04
CA ILE L 153 34.43 16.63 -34.32
C ILE L 153 34.64 17.97 -34.97
N ASP L 154 33.56 18.64 -35.36
CA ASP L 154 33.66 19.94 -36.04
C ASP L 154 34.01 21.09 -35.08
N PRO L 155 34.08 22.30 -35.63
CA PRO L 155 34.41 23.50 -34.83
C PRO L 155 33.40 23.88 -33.74
N ASN L 156 32.13 23.47 -33.91
CA ASN L 156 31.11 23.68 -32.92
C ASN L 156 30.97 22.50 -31.96
N GLY L 157 31.88 21.54 -32.07
CA GLY L 157 31.84 20.40 -31.20
C GLY L 157 30.84 19.34 -31.62
N VAL L 158 30.42 19.34 -32.88
CA VAL L 158 29.43 18.37 -33.32
C VAL L 158 30.13 17.19 -33.97
N ILE L 159 29.79 15.96 -33.54
CA ILE L 159 30.31 14.76 -34.20
C ILE L 159 29.80 14.58 -35.64
N LYS L 160 30.73 14.60 -36.59
CA LYS L 160 30.40 14.40 -38.02
C LYS L 160 30.62 12.96 -38.52
N HIS L 161 31.53 12.25 -37.87
CA HIS L 161 31.90 10.86 -38.27
C HIS L 161 32.47 10.17 -37.04
N LEU L 162 32.16 8.89 -36.92
CA LEU L 162 32.81 8.04 -35.93
C LEU L 162 33.08 6.70 -36.57
N SER L 163 34.18 6.05 -36.17
CA SER L 163 34.36 4.67 -36.53
C SER L 163 35.00 3.95 -35.38
N VAL L 164 34.75 2.64 -35.29
CA VAL L 164 35.36 1.83 -34.24
C VAL L 164 35.87 0.56 -34.88
N ASN L 165 37.09 0.21 -34.50
CA ASN L 165 37.71 -1.06 -34.89
C ASN L 165 37.96 -1.96 -33.70
N ASP L 166 37.87 -3.26 -33.94
CA ASP L 166 38.33 -4.22 -32.95
C ASP L 166 39.85 -4.06 -32.74
N LEU L 167 40.32 -4.43 -31.54
CA LEU L 167 41.71 -4.14 -31.09
C LEU L 167 42.85 -4.47 -32.05
N PRO L 168 42.79 -5.59 -32.80
CA PRO L 168 44.01 -5.86 -33.55
C PRO L 168 44.20 -5.07 -34.84
N VAL L 169 43.22 -4.27 -35.27
CA VAL L 169 43.27 -3.70 -36.64
C VAL L 169 43.41 -2.19 -36.61
N GLY L 170 44.36 -1.66 -37.39
CA GLY L 170 44.54 -0.22 -37.48
C GLY L 170 43.77 0.42 -38.63
N ARG L 171 43.62 1.75 -38.63
CA ARG L 171 42.87 2.44 -39.71
C ARG L 171 43.79 3.15 -40.70
N SER L 172 43.23 3.51 -41.83
CA SER L 172 43.95 4.38 -42.74
C SER L 172 43.90 5.86 -42.26
N VAL L 173 45.07 6.45 -42.04
CA VAL L 173 45.12 7.85 -41.70
C VAL L 173 44.74 8.73 -42.90
N GLU L 174 45.04 8.31 -44.14
CA GLU L 174 44.67 9.09 -45.32
CA GLU L 174 44.64 9.13 -45.31
C GLU L 174 43.14 9.14 -45.45
N GLU L 175 42.45 8.05 -45.10
CA GLU L 175 40.99 8.09 -45.19
C GLU L 175 40.35 9.02 -44.13
N THR L 176 40.93 9.07 -42.93
CA THR L 176 40.50 10.05 -41.93
C THR L 176 40.67 11.50 -42.41
N LEU L 177 41.81 11.79 -43.08
CA LEU L 177 42.09 13.14 -43.56
C LEU L 177 41.15 13.52 -44.69
N ARG L 178 40.86 12.56 -45.55
CA ARG L 178 39.99 12.80 -46.66
C ARG L 178 38.58 13.16 -46.13
N LEU L 179 38.14 12.47 -45.09
CA LEU L 179 36.85 12.79 -44.51
C LEU L 179 36.87 14.20 -43.93
N VAL L 180 37.92 14.54 -43.17
CA VAL L 180 37.96 15.90 -42.60
C VAL L 180 37.77 16.88 -43.75
N LYS L 181 38.53 16.69 -44.84
CA LYS L 181 38.37 17.58 -46.00
C LYS L 181 36.95 17.52 -46.61
N ALA L 182 36.33 16.36 -46.63
CA ALA L 182 34.99 16.26 -47.25
C ALA L 182 33.97 17.04 -46.42
N PHE L 183 34.02 16.90 -45.10
CA PHE L 183 33.15 17.73 -44.24
C PHE L 183 33.36 19.23 -44.38
N GLN L 184 34.61 19.61 -44.60
CA GLN L 184 34.93 21.03 -44.76
C GLN L 184 34.37 21.49 -46.07
N PHE L 185 34.44 20.62 -47.08
CA PHE L 185 33.96 20.94 -48.42
C PHE L 185 32.44 21.15 -48.43
N VAL L 186 31.72 20.30 -47.74
CA VAL L 186 30.30 20.41 -47.62
C VAL L 186 29.92 21.71 -46.91
N GLU L 187 30.59 21.96 -45.80
CA GLU L 187 30.37 23.17 -45.02
C GLU L 187 30.60 24.41 -45.88
N ALA L 188 31.54 24.34 -46.82
CA ALA L 188 31.85 25.49 -47.63
C ALA L 188 30.91 25.64 -48.83
N HIS L 189 30.41 24.52 -49.38
CA HIS L 189 29.53 24.55 -50.56
C HIS L 189 28.21 23.78 -50.35
N GLY L 190 28.14 22.55 -50.85
CA GLY L 190 27.01 21.63 -50.66
C GLY L 190 27.48 20.17 -50.53
C1 CIT M . 53.91 1.26 11.78
O1 CIT M . 53.87 2.40 12.23
O2 CIT M . 53.25 0.35 12.32
C2 CIT M . 54.80 1.02 10.55
C3 CIT M . 54.81 -0.41 9.99
O7 CIT M . 53.54 -0.65 9.39
C4 CIT M . 55.90 -0.62 8.92
C5 CIT M . 55.65 0.14 7.62
O3 CIT M . 54.67 -0.17 6.89
O4 CIT M . 56.43 1.05 7.28
C6 CIT M . 55.00 -1.37 11.14
O5 CIT M . 54.04 -2.15 11.45
O6 CIT M . 56.09 -1.33 11.79
C1 CIT N . 20.32 -6.77 49.63
O1 CIT N . 21.42 -6.89 50.25
O2 CIT N . 20.21 -7.09 48.43
C2 CIT N . 19.08 -6.26 50.39
C3 CIT N . 18.76 -4.76 50.29
O7 CIT N . 17.95 -4.60 49.12
C4 CIT N . 17.95 -4.27 51.51
C5 CIT N . 16.54 -3.66 51.43
O3 CIT N . 16.07 -3.11 50.39
O4 CIT N . 15.86 -3.71 52.49
C6 CIT N . 20.11 -3.98 50.24
O5 CIT N . 20.39 -3.23 49.25
O6 CIT N . 20.95 -4.11 51.19
C1 CIT O . -34.51 -6.47 42.43
O1 CIT O . -33.48 -5.96 41.96
O2 CIT O . -34.42 -7.43 43.22
C2 CIT O . -35.88 -5.95 42.01
C3 CIT O . -36.11 -4.42 42.11
O7 CIT O . -35.60 -3.81 40.93
C4 CIT O . -37.63 -4.16 42.17
C5 CIT O . -38.30 -3.14 41.24
O3 CIT O . -37.66 -2.27 40.60
O4 CIT O . -39.55 -3.19 41.16
C6 CIT O . -35.37 -3.86 43.35
O5 CIT O . -34.46 -3.00 43.18
O6 CIT O . -35.64 -4.25 44.52
C1 CIT P . -55.27 -0.76 -8.08
O1 CIT P . -54.25 -1.04 -7.41
O2 CIT P . -56.42 -1.03 -7.66
C2 CIT P . -55.12 -0.08 -9.44
C3 CIT P . -54.75 1.41 -9.40
O7 CIT P . -53.35 1.50 -9.12
C4 CIT P . -55.00 2.09 -10.77
C5 CIT P . -53.91 2.98 -11.37
O3 CIT P . -52.91 3.34 -10.70
O4 CIT P . -54.05 3.36 -12.56
C6 CIT P . -55.52 2.06 -8.25
O5 CIT P . -54.85 2.50 -7.28
O6 CIT P . -56.77 2.14 -8.25
C1 CIT Q . -19.75 2.28 -50.07
O1 CIT Q . -19.77 1.66 -48.98
O2 CIT Q . -20.77 2.38 -50.81
C2 CIT Q . -18.43 2.90 -50.53
C3 CIT Q . -18.26 4.43 -50.52
O7 CIT Q . -17.44 4.76 -49.40
C4 CIT Q . -17.46 4.79 -51.79
C5 CIT Q . -16.39 5.91 -51.86
O3 CIT Q . -15.96 6.55 -50.87
O4 CIT Q . -15.95 6.15 -53.01
C6 CIT Q . -19.64 5.11 -50.33
O5 CIT Q . -19.97 5.58 -49.20
O6 CIT Q . -20.47 5.18 -51.29
C1 CIT R . 38.56 2.94 -40.51
O1 CIT R . 39.43 2.91 -41.44
O2 CIT R . 38.75 2.39 -39.41
C2 CIT R . 37.23 3.64 -40.69
C3 CIT R . 37.36 4.91 -41.51
O7 CIT R . 38.03 4.57 -42.73
C4 CIT R . 35.93 5.41 -41.86
C5 CIT R . 35.39 5.01 -43.25
O3 CIT R . 35.70 3.93 -43.80
O4 CIT R . 34.59 5.81 -43.81
C6 CIT R . 38.26 5.89 -40.72
O5 CIT R . 39.45 6.00 -41.09
O6 CIT R . 37.85 6.54 -39.72
#